data_9JZX
#
_entry.id   9JZX
#
_cell.length_a   71.628
_cell.length_b   94.174
_cell.length_c   209.927
_cell.angle_alpha   90.000
_cell.angle_beta   90.000
_cell.angle_gamma   90.000
#
_symmetry.space_group_name_H-M   'P 21 21 21'
#
loop_
_entity.id
_entity.type
_entity.pdbx_description
1 polymer 'Phosphoribosylformylglycinamidine cyclo-ligase'
2 non-polymer 'SULFATE ION'
3 non-polymer 'ADENOSINE MONOPHOSPHATE'
4 water water
#
_entity_poly.entity_id   1
_entity_poly.type   'polypeptide(L)'
_entity_poly.pdbx_seq_one_letter_code
;MTDKTSLSYKDAGVDIDAGNALVGRIKGVVKKTRRPEVMGGLGGFGALCALPQKYREPVLVSGTDGVGTKLRLAMDLKRH
DTIGIDLVAMCVNDLVVQGAEPLFFLDYYATGKLDVDTASAVISGIAEGCLQSGCSLVGGETAEMPGMYHGEDYDVAGFC
VGVVEKSEIIDGSKVSDGDVLIALGSSGPHSNGYSLVRKILEVSGCDPQTTELDGKPLADHLLAPTRIYVKSVLELIEKV
DVHAIAHLTGGGFWENIPRVLPDNTQAVIDESSWQWPEVFNWLQTAGNVEHHEMYRTFNCGVGMIIALPAPEVDKALALL
NANGENAWKIGIIKASDSEQRVVIE
;
_entity_poly.pdbx_strand_id   A,B,C,D
#
loop_
_chem_comp.id
_chem_comp.type
_chem_comp.name
_chem_comp.formula
AMP non-polymer 'ADENOSINE MONOPHOSPHATE' 'C10 H14 N5 O7 P'
SO4 non-polymer 'SULFATE ION' 'O4 S -2'
#
# COMPACT_ATOMS: atom_id res chain seq x y z
N THR A 5 -32.03 -14.21 34.72
CA THR A 5 -30.63 -13.89 34.90
C THR A 5 -29.99 -13.45 33.59
N SER A 6 -29.53 -12.20 33.54
CA SER A 6 -28.86 -11.64 32.37
C SER A 6 -27.40 -11.40 32.74
N LEU A 7 -26.50 -12.20 32.17
CA LEU A 7 -25.08 -12.06 32.46
C LEU A 7 -24.54 -10.76 31.90
N SER A 8 -23.47 -10.26 32.53
CA SER A 8 -22.86 -9.01 32.14
C SER A 8 -21.38 -9.04 32.49
N TYR A 9 -20.67 -7.99 32.08
CA TYR A 9 -19.27 -7.86 32.45
C TYR A 9 -19.12 -7.71 33.97
N LYS A 10 -20.16 -7.22 34.64
CA LYS A 10 -20.13 -7.08 36.09
C LYS A 10 -20.08 -8.44 36.79
N ASP A 11 -20.65 -9.47 36.16
CA ASP A 11 -20.64 -10.80 36.75
C ASP A 11 -19.27 -11.45 36.65
N ALA A 12 -18.40 -10.96 35.78
CA ALA A 12 -17.06 -11.52 35.63
C ALA A 12 -16.09 -10.85 36.58
N GLY A 13 -14.97 -10.35 36.07
CA GLY A 13 -13.96 -9.80 36.94
C GLY A 13 -13.05 -8.73 36.34
N VAL A 14 -13.35 -8.27 35.13
CA VAL A 14 -12.61 -7.18 34.51
C VAL A 14 -13.53 -5.96 34.45
N ASP A 15 -13.01 -4.81 34.89
CA ASP A 15 -13.76 -3.56 34.87
C ASP A 15 -12.98 -2.60 33.98
N ILE A 16 -13.52 -2.33 32.79
CA ILE A 16 -12.86 -1.47 31.82
C ILE A 16 -12.62 -0.09 32.40
N ASP A 17 -13.54 0.38 33.25
CA ASP A 17 -13.43 1.70 33.85
C ASP A 17 -12.52 1.74 35.07
N ALA A 18 -11.90 0.61 35.44
CA ALA A 18 -10.89 0.65 36.49
C ALA A 18 -9.63 1.36 36.01
N GLY A 19 -9.13 0.96 34.83
CA GLY A 19 -8.04 1.72 34.23
C GLY A 19 -8.44 3.14 33.92
N ASN A 20 -9.69 3.35 33.49
CA ASN A 20 -10.20 4.70 33.27
C ASN A 20 -10.23 5.49 34.58
N ALA A 21 -10.51 4.83 35.69
CA ALA A 21 -10.45 5.50 36.99
C ALA A 21 -9.01 5.75 37.42
N LEU A 22 -8.09 4.84 37.09
CA LEU A 22 -6.68 5.07 37.38
C LEU A 22 -6.14 6.22 36.54
N VAL A 23 -6.45 6.24 35.24
CA VAL A 23 -6.09 7.37 34.40
C VAL A 23 -6.71 8.65 34.92
N GLY A 24 -7.90 8.55 35.52
CA GLY A 24 -8.53 9.74 36.08
C GLY A 24 -7.75 10.35 37.23
N ARG A 25 -7.05 9.51 38.01
CA ARG A 25 -6.29 10.01 39.16
C ARG A 25 -4.88 10.47 38.78
N ILE A 26 -4.24 9.79 37.81
CA ILE A 26 -2.83 10.07 37.52
C ILE A 26 -2.65 11.14 36.46
N LYS A 27 -3.72 11.79 36.01
CA LYS A 27 -3.59 12.79 34.95
C LYS A 27 -2.72 13.96 35.39
N GLY A 28 -2.68 14.25 36.68
CA GLY A 28 -1.86 15.34 37.18
C GLY A 28 -0.37 15.09 37.05
N VAL A 29 0.11 13.98 37.63
CA VAL A 29 1.53 13.68 37.61
C VAL A 29 2.01 13.39 36.18
N VAL A 30 1.12 12.89 35.32
CA VAL A 30 1.50 12.63 33.93
C VAL A 30 1.67 13.95 33.18
N LYS A 31 0.77 14.90 33.40
CA LYS A 31 0.84 16.17 32.69
C LYS A 31 2.11 16.95 33.03
N LYS A 32 2.64 16.76 34.24
CA LYS A 32 3.84 17.48 34.64
C LYS A 32 5.08 17.04 33.86
N THR A 33 5.06 15.84 33.31
CA THR A 33 6.20 15.33 32.53
C THR A 33 6.13 15.72 31.06
N ARG A 34 5.10 16.46 30.66
CA ARG A 34 4.87 16.73 29.25
C ARG A 34 5.98 17.59 28.66
N ARG A 35 6.50 17.18 27.51
CA ARG A 35 7.50 17.90 26.75
C ARG A 35 6.83 18.81 25.73
N PRO A 36 7.53 19.85 25.26
CA PRO A 36 6.96 20.69 24.20
C PRO A 36 6.64 19.92 22.93
N GLU A 37 7.37 18.83 22.65
CA GLU A 37 7.10 18.04 21.46
C GLU A 37 5.80 17.25 21.57
N VAL A 38 5.31 17.01 22.79
CA VAL A 38 4.11 16.21 22.97
C VAL A 38 2.89 16.96 22.47
N MET A 39 2.05 16.27 21.70
CA MET A 39 0.81 16.83 21.18
C MET A 39 -0.36 16.02 21.71
N GLY A 40 -1.44 16.71 22.06
CA GLY A 40 -2.61 16.04 22.60
C GLY A 40 -2.42 15.64 24.05
N GLY A 41 -3.27 14.73 24.50
CA GLY A 41 -3.20 14.23 25.86
C GLY A 41 -3.60 12.78 25.99
N LEU A 42 -3.79 12.32 27.22
CA LEU A 42 -4.21 10.95 27.45
C LEU A 42 -5.67 10.76 27.05
N GLY A 43 -6.03 9.50 26.75
CA GLY A 43 -7.37 9.13 26.35
C GLY A 43 -7.49 8.78 24.88
N GLY A 44 -6.66 9.37 24.04
CA GLY A 44 -6.72 9.10 22.62
C GLY A 44 -6.25 7.69 22.29
N PHE A 45 -6.52 7.29 21.04
CA PHE A 45 -6.13 5.96 20.59
C PHE A 45 -4.61 5.80 20.53
N GLY A 46 -3.89 6.89 20.29
CA GLY A 46 -2.45 6.85 20.29
C GLY A 46 -1.87 8.13 20.86
N ALA A 47 -0.61 8.04 21.29
CA ALA A 47 0.10 9.16 21.87
C ALA A 47 0.91 9.87 20.79
N LEU A 48 0.77 11.19 20.71
CA LEU A 48 1.39 12.00 19.67
C LEU A 48 2.60 12.73 20.24
N CYS A 49 3.72 12.66 19.52
CA CYS A 49 4.94 13.36 19.92
C CYS A 49 5.77 13.65 18.68
N ALA A 50 6.10 14.92 18.46
CA ALA A 50 6.91 15.31 17.33
C ALA A 50 8.39 15.03 17.60
N LEU A 51 9.18 15.04 16.53
CA LEU A 51 10.62 14.90 16.68
C LEU A 51 11.24 16.23 17.13
N PRO A 52 12.26 16.18 17.98
CA PRO A 52 12.98 17.42 18.32
C PRO A 52 13.62 18.03 17.08
N GLN A 53 13.59 19.36 17.02
CA GLN A 53 14.05 20.06 15.83
C GLN A 53 15.53 19.82 15.56
N LYS A 54 16.30 19.51 16.60
CA LYS A 54 17.76 19.47 16.46
C LYS A 54 18.25 18.37 15.53
N TYR A 55 17.46 17.35 15.28
CA TYR A 55 17.92 16.17 14.54
C TYR A 55 17.58 16.32 13.06
N ARG A 56 18.62 16.31 12.21
CA ARG A 56 18.43 16.37 10.77
C ARG A 56 18.26 14.99 10.15
N GLU A 57 18.90 13.97 10.71
CA GLU A 57 18.72 12.57 10.32
C GLU A 57 18.37 11.76 11.56
N PRO A 58 17.17 11.95 12.11
CA PRO A 58 16.83 11.30 13.38
C PRO A 58 16.69 9.79 13.24
N VAL A 59 17.30 9.07 14.16
CA VAL A 59 17.17 7.62 14.27
C VAL A 59 16.54 7.30 15.61
N LEU A 60 15.51 6.47 15.60
CA LEU A 60 14.77 6.15 16.82
C LEU A 60 15.40 4.97 17.52
N VAL A 61 15.66 5.13 18.82
CA VAL A 61 16.20 4.07 19.66
C VAL A 61 15.11 3.66 20.63
N SER A 62 14.80 2.37 20.68
CA SER A 62 13.71 1.85 21.49
C SER A 62 14.19 0.71 22.36
N GLY A 63 13.49 0.51 23.47
CA GLY A 63 13.80 -0.58 24.38
C GLY A 63 12.64 -0.86 25.30
N THR A 64 12.60 -2.10 25.78
CA THR A 64 11.62 -2.52 26.77
C THR A 64 12.35 -3.14 27.95
N ASP A 65 11.72 -3.10 29.13
CA ASP A 65 12.38 -3.61 30.31
C ASP A 65 11.34 -3.97 31.36
N GLY A 66 11.81 -4.69 32.38
CA GLY A 66 11.07 -4.94 33.60
C GLY A 66 12.06 -5.08 34.74
N VAL A 67 11.75 -4.48 35.89
CA VAL A 67 12.68 -4.55 37.01
C VAL A 67 12.81 -5.97 37.53
N GLY A 68 11.83 -6.83 37.24
CA GLY A 68 11.96 -8.26 37.48
C GLY A 68 12.07 -8.69 38.92
N THR A 69 13.23 -9.23 39.30
CA THR A 69 13.41 -9.80 40.63
C THR A 69 13.29 -8.75 41.72
N LYS A 70 13.68 -7.51 41.43
CA LYS A 70 13.55 -6.45 42.42
C LYS A 70 12.09 -6.11 42.70
N LEU A 71 11.22 -6.29 41.70
CA LEU A 71 9.79 -6.07 41.91
C LEU A 71 9.25 -6.99 43.00
N ARG A 72 9.78 -8.22 43.08
CA ARG A 72 9.36 -9.15 44.11
C ARG A 72 9.70 -8.65 45.50
N LEU A 73 10.94 -8.17 45.67
CA LEU A 73 11.36 -7.65 46.98
C LEU A 73 10.62 -6.38 47.36
N ALA A 74 10.23 -5.58 46.37
CA ALA A 74 9.50 -4.34 46.66
C ALA A 74 8.14 -4.63 47.27
N MET A 75 7.43 -5.63 46.75
CA MET A 75 6.15 -6.00 47.34
C MET A 75 6.34 -6.58 48.74
N ASP A 76 7.35 -7.45 48.90
CA ASP A 76 7.54 -8.12 50.18
C ASP A 76 7.72 -7.11 51.32
N LEU A 77 8.52 -6.08 51.10
CA LEU A 77 8.71 -5.03 52.08
C LEU A 77 7.65 -3.94 51.99
N LYS A 78 6.66 -4.11 51.11
CA LYS A 78 5.50 -3.22 51.03
C LYS A 78 5.90 -1.77 50.73
N ARG A 79 6.85 -1.61 49.82
CA ARG A 79 7.31 -0.29 49.38
C ARG A 79 7.29 -0.29 47.85
N HIS A 80 6.41 0.51 47.26
CA HIS A 80 6.22 0.52 45.81
C HIS A 80 6.26 1.92 45.24
N ASP A 81 6.98 2.84 45.88
CA ASP A 81 7.08 4.21 45.39
C ASP A 81 8.28 4.40 44.48
N THR A 82 9.42 3.78 44.80
CA THR A 82 10.63 3.93 44.01
C THR A 82 10.74 2.94 42.86
N ILE A 83 9.93 1.89 42.85
CA ILE A 83 10.07 0.86 41.83
C ILE A 83 9.69 1.39 40.44
N GLY A 84 8.86 2.43 40.38
CA GLY A 84 8.60 3.08 39.10
C GLY A 84 9.81 3.81 38.57
N ILE A 85 10.61 4.39 39.46
CA ILE A 85 11.86 5.03 39.04
C ILE A 85 12.82 4.00 38.47
N ASP A 86 12.87 2.81 39.09
CA ASP A 86 13.72 1.74 38.58
C ASP A 86 13.31 1.33 37.18
N LEU A 87 12.00 1.27 36.92
CA LEU A 87 11.52 0.87 35.59
C LEU A 87 11.98 1.85 34.53
N VAL A 88 11.86 3.16 34.80
CA VAL A 88 12.28 4.16 33.82
C VAL A 88 13.80 4.17 33.69
N ALA A 89 14.50 4.02 34.82
CA ALA A 89 15.95 4.16 34.82
C ALA A 89 16.62 3.11 33.93
N MET A 90 16.19 1.86 34.04
CA MET A 90 16.79 0.81 33.23
C MET A 90 16.57 1.05 31.74
N CYS A 91 15.44 1.65 31.38
CA CYS A 91 15.19 2.01 29.98
C CYS A 91 16.09 3.16 29.54
N VAL A 92 15.98 4.31 30.22
CA VAL A 92 16.63 5.52 29.75
C VAL A 92 18.15 5.42 29.85
N ASN A 93 18.67 4.67 30.82
CA ASN A 93 20.11 4.49 30.90
C ASN A 93 20.64 3.65 29.75
N ASP A 94 19.81 2.75 29.22
CA ASP A 94 20.23 1.96 28.06
C ASP A 94 20.15 2.76 26.77
N LEU A 95 19.27 3.75 26.70
CA LEU A 95 19.15 4.56 25.49
C LEU A 95 20.41 5.40 25.26
N VAL A 96 20.88 6.08 26.31
CA VAL A 96 22.03 6.96 26.17
C VAL A 96 23.32 6.21 25.88
N VAL A 97 23.33 4.88 26.03
CA VAL A 97 24.51 4.08 25.73
C VAL A 97 24.91 4.28 24.26
N GLN A 98 23.93 4.38 23.37
CA GLN A 98 24.17 4.62 21.96
C GLN A 98 24.03 6.10 21.60
N GLY A 99 23.93 6.97 22.60
CA GLY A 99 23.83 8.40 22.35
C GLY A 99 22.43 8.93 22.16
N ALA A 100 21.40 8.16 22.52
CA ALA A 100 20.02 8.54 22.30
C ALA A 100 19.50 9.44 23.41
N GLU A 101 18.80 10.49 23.02
CA GLU A 101 18.12 11.36 23.98
C GLU A 101 16.71 10.83 24.21
N PRO A 102 16.34 10.50 25.45
CA PRO A 102 15.00 9.97 25.69
C PRO A 102 13.92 10.98 25.31
N LEU A 103 12.86 10.46 24.69
CA LEU A 103 11.77 11.31 24.20
C LEU A 103 10.45 11.06 24.92
N PHE A 104 9.98 9.82 24.96
CA PHE A 104 8.74 9.53 25.67
C PHE A 104 8.78 8.10 26.21
N PHE A 105 7.86 7.82 27.13
CA PHE A 105 7.84 6.56 27.87
C PHE A 105 6.40 6.07 28.00
N LEU A 106 6.23 4.75 27.97
CA LEU A 106 4.94 4.11 28.20
C LEU A 106 5.13 2.96 29.17
N ASP A 107 4.04 2.60 29.87
CA ASP A 107 4.10 1.56 30.87
C ASP A 107 2.90 0.62 30.72
N TYR A 108 3.13 -0.65 31.00
CA TYR A 108 2.09 -1.68 30.99
C TYR A 108 1.93 -2.22 32.40
N TYR A 109 0.75 -2.02 32.98
CA TYR A 109 0.46 -2.42 34.35
C TYR A 109 -0.57 -3.54 34.34
N ALA A 110 -0.22 -4.67 34.95
CA ALA A 110 -1.10 -5.83 35.01
C ALA A 110 -1.17 -6.34 36.44
N THR A 111 -2.37 -6.75 36.85
CA THR A 111 -2.61 -7.28 38.19
C THR A 111 -3.93 -8.02 38.19
N GLY A 112 -4.25 -8.65 39.32
CA GLY A 112 -5.52 -9.32 39.48
C GLY A 112 -6.67 -8.34 39.53
N LYS A 113 -6.86 -7.72 40.69
CA LYS A 113 -7.83 -6.63 40.85
C LYS A 113 -7.05 -5.34 41.07
N LEU A 114 -7.44 -4.29 40.35
CA LEU A 114 -6.68 -3.05 40.35
C LEU A 114 -6.84 -2.33 41.68
N ASP A 115 -5.73 -2.17 42.41
CA ASP A 115 -5.67 -1.28 43.56
C ASP A 115 -5.21 0.08 43.06
N VAL A 116 -6.15 1.02 42.95
CA VAL A 116 -5.84 2.32 42.36
C VAL A 116 -4.78 3.04 43.18
N ASP A 117 -4.76 2.84 44.50
CA ASP A 117 -3.73 3.46 45.33
C ASP A 117 -2.35 2.91 45.00
N THR A 118 -2.21 1.60 44.94
CA THR A 118 -0.91 0.99 44.65
C THR A 118 -0.43 1.35 43.24
N ALA A 119 -1.33 1.31 42.27
CA ALA A 119 -0.94 1.61 40.89
C ALA A 119 -0.54 3.07 40.73
N SER A 120 -1.31 3.98 41.33
CA SER A 120 -1.02 5.41 41.19
C SER A 120 0.33 5.77 41.80
N ALA A 121 0.72 5.09 42.88
CA ALA A 121 2.03 5.35 43.47
C ALA A 121 3.15 4.81 42.57
N VAL A 122 2.91 3.67 41.92
CA VAL A 122 3.89 3.15 40.97
C VAL A 122 4.02 4.09 39.77
N ILE A 123 2.89 4.57 39.24
CA ILE A 123 2.93 5.50 38.11
C ILE A 123 3.60 6.80 38.52
N SER A 124 3.39 7.24 39.77
CA SER A 124 4.03 8.46 40.23
C SER A 124 5.55 8.34 40.22
N GLY A 125 6.07 7.18 40.57
CA GLY A 125 7.50 6.94 40.44
C GLY A 125 7.94 6.91 38.99
N ILE A 126 7.10 6.34 38.12
CA ILE A 126 7.40 6.34 36.69
C ILE A 126 7.47 7.77 36.16
N ALA A 127 6.49 8.59 36.54
CA ALA A 127 6.50 9.99 36.10
C ALA A 127 7.70 10.73 36.65
N GLU A 128 8.09 10.44 37.90
CA GLU A 128 9.26 11.09 38.48
C GLU A 128 10.53 10.69 37.74
N GLY A 129 10.64 9.41 37.36
CA GLY A 129 11.78 9.00 36.57
C GLY A 129 11.83 9.67 35.21
N CYS A 130 10.66 9.95 34.62
CA CYS A 130 10.62 10.66 33.35
C CYS A 130 11.06 12.11 33.51
N LEU A 131 10.70 12.73 34.64
CA LEU A 131 11.16 14.08 34.91
C LEU A 131 12.68 14.14 34.96
N GLN A 132 13.31 13.18 35.62
CA GLN A 132 14.76 13.14 35.68
C GLN A 132 15.39 12.81 34.33
N SER A 133 14.67 12.07 33.49
CA SER A 133 15.18 11.65 32.19
C SER A 133 14.93 12.69 31.10
N GLY A 134 14.06 13.67 31.35
CA GLY A 134 13.71 14.60 30.30
C GLY A 134 12.75 14.06 29.26
N CYS A 135 12.18 12.88 29.49
CA CYS A 135 11.18 12.31 28.60
C CYS A 135 9.80 12.44 29.22
N SER A 136 8.78 12.17 28.42
CA SER A 136 7.39 12.32 28.83
C SER A 136 6.72 10.97 28.97
N LEU A 137 5.84 10.87 29.98
CA LEU A 137 4.96 9.70 30.13
C LEU A 137 3.70 10.01 29.34
N VAL A 138 3.57 9.41 28.17
CA VAL A 138 2.56 9.80 27.19
C VAL A 138 1.45 8.77 27.04
N GLY A 139 1.53 7.64 27.73
CA GLY A 139 0.49 6.64 27.61
C GLY A 139 0.85 5.37 28.34
N GLY A 140 -0.10 4.46 28.35
CA GLY A 140 0.11 3.20 29.03
C GLY A 140 -1.09 2.28 28.86
N GLU A 141 -1.08 1.20 29.64
CA GLU A 141 -2.14 0.20 29.61
C GLU A 141 -2.30 -0.39 31.00
N THR A 142 -3.54 -0.63 31.39
CA THR A 142 -3.86 -1.22 32.69
C THR A 142 -4.79 -2.40 32.47
N ALA A 143 -4.27 -3.61 32.64
CA ALA A 143 -5.00 -4.84 32.41
C ALA A 143 -5.31 -5.54 33.72
N GLU A 144 -6.53 -6.04 33.85
CA GLU A 144 -6.98 -6.79 35.01
C GLU A 144 -7.15 -8.25 34.61
N MET A 145 -6.31 -9.12 35.18
CA MET A 145 -6.35 -10.56 34.93
C MET A 145 -6.50 -11.26 36.27
N PRO A 146 -7.74 -11.39 36.78
CA PRO A 146 -7.91 -11.86 38.16
C PRO A 146 -7.39 -13.25 38.42
N GLY A 147 -7.51 -14.16 37.45
CA GLY A 147 -7.05 -15.52 37.65
C GLY A 147 -5.56 -15.70 37.52
N MET A 148 -4.92 -14.85 36.72
CA MET A 148 -3.49 -15.03 36.44
C MET A 148 -2.61 -14.46 37.55
N TYR A 149 -3.01 -13.34 38.14
CA TYR A 149 -2.26 -12.68 39.21
C TYR A 149 -2.99 -12.94 40.52
N HIS A 150 -2.39 -13.76 41.38
CA HIS A 150 -2.99 -14.09 42.67
C HIS A 150 -2.52 -13.13 43.74
N GLY A 151 -3.36 -12.93 44.75
CA GLY A 151 -3.04 -11.98 45.81
C GLY A 151 -2.99 -10.57 45.27
N GLU A 152 -2.10 -9.77 45.87
CA GLU A 152 -1.89 -8.39 45.46
C GLU A 152 -0.73 -8.25 44.47
N ASP A 153 -0.33 -9.34 43.82
CA ASP A 153 0.78 -9.29 42.89
C ASP A 153 0.43 -8.43 41.67
N TYR A 154 1.45 -7.75 41.15
CA TYR A 154 1.31 -6.97 39.92
C TYR A 154 2.61 -7.03 39.15
N ASP A 155 2.50 -6.85 37.84
CA ASP A 155 3.66 -6.83 36.95
C ASP A 155 3.60 -5.58 36.11
N VAL A 156 4.71 -4.85 36.04
CA VAL A 156 4.80 -3.62 35.26
C VAL A 156 5.93 -3.76 34.26
N ALA A 157 5.69 -3.27 33.04
CA ALA A 157 6.68 -3.28 31.97
C ALA A 157 6.81 -1.88 31.41
N GLY A 158 8.03 -1.52 31.03
CA GLY A 158 8.32 -0.19 30.52
C GLY A 158 8.79 -0.25 29.08
N PHE A 159 8.41 0.77 28.30
CA PHE A 159 8.89 0.94 26.94
C PHE A 159 9.26 2.40 26.74
N CYS A 160 10.40 2.63 26.09
N CYS A 160 10.38 2.62 26.07
CA CYS A 160 10.90 3.99 25.91
CA CYS A 160 10.95 3.94 25.90
C CYS A 160 11.47 4.16 24.51
C CYS A 160 11.37 4.12 24.45
N VAL A 161 11.34 5.37 23.99
CA VAL A 161 11.80 5.72 22.65
C VAL A 161 12.71 6.95 22.77
N GLY A 162 13.95 6.81 22.32
CA GLY A 162 14.88 7.92 22.28
C GLY A 162 15.26 8.25 20.84
N VAL A 163 15.92 9.38 20.67
CA VAL A 163 16.30 9.88 19.36
C VAL A 163 17.80 10.17 19.37
N VAL A 164 18.47 9.79 18.28
CA VAL A 164 19.89 10.06 18.09
C VAL A 164 20.13 10.46 16.64
N GLU A 165 21.08 11.36 16.44
CA GLU A 165 21.48 11.72 15.08
C GLU A 165 22.22 10.55 14.45
N LYS A 166 21.88 10.27 13.18
CA LYS A 166 22.42 9.08 12.50
C LYS A 166 23.94 9.08 12.50
N SER A 167 24.56 10.23 12.22
CA SER A 167 26.01 10.32 12.15
C SER A 167 26.67 10.30 13.53
N GLU A 168 25.91 10.28 14.62
CA GLU A 168 26.47 10.35 15.96
C GLU A 168 26.11 9.13 16.81
N ILE A 169 25.70 8.03 16.18
CA ILE A 169 25.40 6.81 16.92
C ILE A 169 26.68 6.26 17.53
N ILE A 170 26.63 5.93 18.81
CA ILE A 170 27.79 5.37 19.52
C ILE A 170 27.77 3.86 19.33
N ASP A 171 28.76 3.33 18.62
CA ASP A 171 28.83 1.91 18.33
C ASP A 171 30.17 1.28 18.74
N GLY A 172 30.97 1.97 19.54
CA GLY A 172 32.23 1.43 20.02
C GLY A 172 33.35 1.42 19.02
N SER A 173 33.11 1.84 17.78
CA SER A 173 34.17 1.82 16.77
C SER A 173 35.28 2.82 17.09
N LYS A 174 34.93 3.96 17.68
CA LYS A 174 35.90 5.00 17.98
C LYS A 174 36.73 4.72 19.23
N VAL A 175 36.62 3.51 19.79
CA VAL A 175 37.44 3.14 20.94
C VAL A 175 38.82 2.71 20.46
N SER A 176 39.86 3.27 21.04
CA SER A 176 41.22 3.02 20.61
C SER A 176 42.12 2.79 21.82
N ASP A 177 43.26 2.16 21.56
CA ASP A 177 44.27 1.90 22.57
C ASP A 177 44.68 3.20 23.26
N GLY A 178 44.47 3.26 24.57
CA GLY A 178 44.82 4.43 25.36
C GLY A 178 43.63 5.21 25.88
N ASP A 179 42.40 4.84 25.51
CA ASP A 179 41.23 5.53 26.02
C ASP A 179 41.09 5.32 27.51
N VAL A 180 41.01 6.41 28.27
CA VAL A 180 40.83 6.33 29.70
C VAL A 180 39.37 6.03 30.01
N LEU A 181 39.14 5.16 31.00
CA LEU A 181 37.79 4.79 31.42
C LEU A 181 37.40 5.60 32.64
N ILE A 182 36.21 6.20 32.60
CA ILE A 182 35.68 6.99 33.69
C ILE A 182 34.42 6.30 34.21
N ALA A 183 34.33 6.15 35.53
CA ALA A 183 33.21 5.46 36.16
C ALA A 183 32.24 6.46 36.78
N LEU A 184 30.96 6.12 36.73
CA LEU A 184 29.91 6.89 37.38
C LEU A 184 29.36 6.06 38.53
N GLY A 185 29.42 6.60 39.73
CA GLY A 185 29.01 5.84 40.90
C GLY A 185 27.53 5.48 40.86
N SER A 186 27.23 4.31 41.40
CA SER A 186 25.86 3.84 41.48
C SER A 186 25.24 4.24 42.82
N SER A 187 23.92 4.09 42.91
CA SER A 187 23.18 4.33 44.15
C SER A 187 22.93 3.04 44.92
N GLY A 188 23.51 1.93 44.47
CA GLY A 188 23.26 0.63 45.06
C GLY A 188 23.22 -0.44 44.01
N PRO A 189 22.54 -1.56 44.30
CA PRO A 189 22.43 -2.64 43.31
C PRO A 189 21.62 -2.28 42.07
N HIS A 190 20.94 -1.14 42.07
CA HIS A 190 20.08 -0.71 40.96
C HIS A 190 18.98 -1.74 40.77
N SER A 191 18.93 -2.46 39.64
CA SER A 191 17.84 -3.38 39.35
C SER A 191 18.33 -4.78 39.01
N ASN A 192 19.59 -5.10 39.31
CA ASN A 192 20.16 -6.38 38.92
C ASN A 192 20.87 -7.03 40.11
N GLY A 193 20.83 -8.36 40.12
CA GLY A 193 21.42 -9.14 41.19
C GLY A 193 20.48 -9.46 42.34
N TYR A 194 19.17 -9.28 42.16
CA TYR A 194 18.23 -9.40 43.28
C TYR A 194 17.73 -10.82 43.51
N SER A 195 17.97 -11.74 42.58
CA SER A 195 17.79 -13.16 42.91
C SER A 195 18.85 -13.61 43.91
N LEU A 196 20.08 -13.12 43.76
CA LEU A 196 21.11 -13.41 44.75
C LEU A 196 20.87 -12.65 46.05
N VAL A 197 20.32 -11.43 45.96
CA VAL A 197 19.95 -10.69 47.18
C VAL A 197 18.92 -11.48 47.97
N ARG A 198 17.88 -11.96 47.30
CA ARG A 198 16.85 -12.77 47.99
C ARG A 198 17.45 -14.03 48.58
N LYS A 199 18.38 -14.66 47.85
CA LYS A 199 19.04 -15.86 48.37
C LYS A 199 19.85 -15.55 49.61
N ILE A 200 20.67 -14.50 49.55
CA ILE A 200 21.49 -14.13 50.71
C ILE A 200 20.62 -13.75 51.90
N LEU A 201 19.51 -13.05 51.64
CA LEU A 201 18.59 -12.71 52.73
C LEU A 201 18.00 -13.97 53.37
N GLU A 202 17.86 -15.05 52.60
CA GLU A 202 17.25 -16.26 53.16
C GLU A 202 18.27 -17.09 53.93
N VAL A 203 19.43 -17.36 53.33
CA VAL A 203 20.41 -18.22 54.00
C VAL A 203 20.94 -17.57 55.26
N SER A 204 20.91 -16.24 55.34
CA SER A 204 21.36 -15.54 56.53
C SER A 204 20.24 -15.28 57.53
N GLY A 205 18.99 -15.63 57.19
CA GLY A 205 17.87 -15.38 58.07
C GLY A 205 17.68 -13.92 58.42
N CYS A 206 17.97 -13.03 57.50
CA CYS A 206 17.98 -11.59 57.76
C CYS A 206 16.66 -10.95 57.33
N ASP A 207 16.04 -10.25 58.27
CA ASP A 207 14.91 -9.38 57.94
C ASP A 207 15.48 -8.01 57.56
N PRO A 208 15.41 -7.60 56.29
CA PRO A 208 16.08 -6.35 55.88
C PRO A 208 15.47 -5.10 56.49
N GLN A 209 14.35 -5.20 57.20
CA GLN A 209 13.76 -4.02 57.83
C GLN A 209 14.27 -3.82 59.25
N THR A 210 14.43 -4.89 60.01
CA THR A 210 14.96 -4.82 61.37
C THR A 210 16.47 -4.97 61.41
N THR A 211 17.15 -4.87 60.27
CA THR A 211 18.60 -4.96 60.18
C THR A 211 19.16 -3.60 59.80
N GLU A 212 19.99 -3.02 60.66
CA GLU A 212 20.53 -1.69 60.46
C GLU A 212 21.90 -1.78 59.79
N LEU A 213 22.09 -0.98 58.74
CA LEU A 213 23.38 -0.85 58.07
C LEU A 213 23.72 0.63 57.98
N ASP A 214 24.78 1.04 58.69
CA ASP A 214 25.21 2.43 58.72
C ASP A 214 24.08 3.36 59.18
N GLY A 215 23.37 2.95 60.23
CA GLY A 215 22.30 3.74 60.79
C GLY A 215 20.98 3.66 60.05
N LYS A 216 20.98 3.26 58.78
CA LYS A 216 19.78 3.12 57.98
C LYS A 216 19.36 1.65 57.91
N PRO A 217 18.07 1.38 57.75
CA PRO A 217 17.64 0.00 57.52
C PRO A 217 18.26 -0.57 56.26
N LEU A 218 18.60 -1.86 56.31
CA LEU A 218 19.18 -2.52 55.14
C LEU A 218 18.23 -2.47 53.95
N ALA A 219 16.93 -2.38 54.20
CA ALA A 219 15.97 -2.30 53.11
C ALA A 219 16.11 -1.01 52.32
N ASP A 220 16.62 0.06 52.96
CA ASP A 220 16.84 1.30 52.24
C ASP A 220 18.05 1.21 51.31
N HIS A 221 19.08 0.46 51.70
CA HIS A 221 20.22 0.26 50.82
C HIS A 221 19.85 -0.66 49.65
N LEU A 222 19.13 -1.74 49.93
CA LEU A 222 18.83 -2.73 48.89
C LEU A 222 17.87 -2.18 47.85
N LEU A 223 16.83 -1.46 48.28
CA LEU A 223 15.79 -0.97 47.39
C LEU A 223 16.00 0.47 46.95
N ALA A 224 17.22 1.00 47.09
CA ALA A 224 17.49 2.35 46.65
C ALA A 224 17.17 2.49 45.17
N PRO A 225 16.45 3.53 44.76
CA PRO A 225 16.09 3.66 43.34
C PRO A 225 17.33 3.84 42.46
N THR A 226 17.27 3.24 41.28
CA THR A 226 18.39 3.30 40.35
C THR A 226 18.70 4.73 39.97
N ARG A 227 19.98 5.08 40.00
CA ARG A 227 20.41 6.42 39.59
C ARG A 227 20.25 6.59 38.08
N ILE A 228 19.69 7.72 37.67
CA ILE A 228 19.47 8.02 36.27
C ILE A 228 20.59 8.95 35.81
N TYR A 229 21.30 8.54 34.75
CA TYR A 229 22.48 9.22 34.27
C TYR A 229 22.24 10.05 33.02
N VAL A 230 20.98 10.21 32.61
CA VAL A 230 20.68 10.73 31.27
C VAL A 230 21.25 12.13 31.08
N LYS A 231 20.90 13.05 31.97
CA LYS A 231 21.31 14.44 31.79
C LYS A 231 22.82 14.60 31.82
N SER A 232 23.50 13.81 32.66
CA SER A 232 24.96 13.90 32.73
C SER A 232 25.60 13.32 31.47
N VAL A 233 25.10 12.18 31.00
CA VAL A 233 25.69 11.53 29.83
C VAL A 233 25.45 12.35 28.57
N LEU A 234 24.25 12.93 28.43
CA LEU A 234 23.95 13.74 27.25
C LEU A 234 24.87 14.97 27.19
N GLU A 235 25.09 15.62 28.33
CA GLU A 235 26.02 16.75 28.36
C GLU A 235 27.44 16.28 28.05
N LEU A 236 27.81 15.09 28.51
CA LEU A 236 29.14 14.55 28.22
C LEU A 236 29.33 14.36 26.72
N ILE A 237 28.36 13.75 26.06
CA ILE A 237 28.43 13.56 24.60
C ILE A 237 28.50 14.90 23.89
N GLU A 238 27.81 15.92 24.42
CA GLU A 238 27.77 17.21 23.75
C GLU A 238 29.10 17.95 23.86
N LYS A 239 29.80 17.81 24.99
CA LYS A 239 30.96 18.62 25.27
C LYS A 239 32.28 17.85 25.20
N VAL A 240 32.25 16.52 25.08
CA VAL A 240 33.45 15.70 25.10
C VAL A 240 33.28 14.55 24.12
N ASP A 241 34.38 14.16 23.49
CA ASP A 241 34.40 13.01 22.58
C ASP A 241 34.22 11.73 23.39
N VAL A 242 33.02 11.16 23.37
CA VAL A 242 32.71 9.92 24.07
C VAL A 242 32.80 8.77 23.08
N HIS A 243 33.65 7.79 23.36
CA HIS A 243 33.86 6.67 22.46
C HIS A 243 32.99 5.47 22.77
N ALA A 244 32.69 5.21 24.04
CA ALA A 244 31.85 4.09 24.41
C ALA A 244 31.27 4.35 25.80
N ILE A 245 30.11 3.75 26.06
CA ILE A 245 29.41 3.88 27.33
C ILE A 245 28.95 2.48 27.76
N ALA A 246 29.45 2.03 28.91
CA ALA A 246 29.07 0.73 29.46
C ALA A 246 28.00 0.94 30.53
N HIS A 247 26.90 0.22 30.40
CA HIS A 247 25.82 0.23 31.38
C HIS A 247 25.86 -1.08 32.14
N LEU A 248 26.35 -1.04 33.37
CA LEU A 248 26.57 -2.24 34.17
C LEU A 248 25.24 -2.73 34.72
N THR A 249 24.61 -3.63 33.97
CA THR A 249 23.39 -4.27 34.41
C THR A 249 23.64 -5.74 34.70
N GLY A 250 22.77 -6.62 34.20
CA GLY A 250 22.96 -8.04 34.42
C GLY A 250 24.25 -8.53 33.79
N GLY A 251 25.03 -9.29 34.54
CA GLY A 251 26.31 -9.78 34.08
C GLY A 251 27.50 -9.00 34.62
N GLY A 252 27.26 -7.86 35.27
CA GLY A 252 28.28 -7.09 35.94
C GLY A 252 29.38 -6.62 35.00
N PHE A 253 30.60 -6.57 35.53
CA PHE A 253 31.74 -6.10 34.76
C PHE A 253 32.05 -7.03 33.60
N TRP A 254 31.91 -8.34 33.81
CA TRP A 254 32.40 -9.31 32.83
C TRP A 254 31.57 -9.30 31.55
N GLU A 255 30.26 -9.10 31.66
CA GLU A 255 29.38 -9.19 30.50
C GLU A 255 29.15 -7.85 29.81
N ASN A 256 28.95 -6.78 30.58
CA ASN A 256 28.45 -5.53 30.02
C ASN A 256 29.56 -4.65 29.44
N ILE A 257 30.78 -4.76 29.92
CA ILE A 257 31.88 -3.92 29.42
C ILE A 257 32.29 -4.35 28.02
N PRO A 258 32.55 -5.63 27.73
CA PRO A 258 32.92 -6.01 26.36
C PRO A 258 31.82 -5.78 25.34
N ARG A 259 30.57 -5.64 25.78
CA ARG A 259 29.46 -5.49 24.84
C ARG A 259 29.61 -4.22 24.00
N VAL A 260 30.17 -3.15 24.57
CA VAL A 260 30.37 -1.91 23.85
C VAL A 260 31.80 -1.72 23.36
N LEU A 261 32.71 -2.62 23.73
CA LEU A 261 34.09 -2.47 23.27
C LEU A 261 34.29 -3.19 21.94
N PRO A 262 35.09 -2.64 21.05
CA PRO A 262 35.37 -3.31 19.77
C PRO A 262 36.26 -4.53 19.99
N ASP A 263 36.34 -5.35 18.95
CA ASP A 263 37.16 -6.55 19.02
C ASP A 263 38.63 -6.18 19.18
N ASN A 264 39.36 -7.06 19.87
CA ASN A 264 40.80 -6.89 20.11
C ASN A 264 41.08 -5.63 20.93
N THR A 265 40.19 -5.32 21.87
CA THR A 265 40.42 -4.29 22.87
C THR A 265 40.09 -4.87 24.24
N GLN A 266 40.80 -4.39 25.26
CA GLN A 266 40.66 -4.93 26.61
C GLN A 266 40.58 -3.81 27.62
N ALA A 267 39.64 -3.95 28.56
CA ALA A 267 39.43 -2.96 29.62
C ALA A 267 40.17 -3.40 30.86
N VAL A 268 41.06 -2.54 31.36
CA VAL A 268 41.82 -2.78 32.58
C VAL A 268 41.24 -1.89 33.66
N ILE A 269 40.73 -2.51 34.73
CA ILE A 269 40.00 -1.81 35.78
C ILE A 269 40.88 -1.74 37.02
N ASP A 270 41.18 -0.52 37.46
CA ASP A 270 41.95 -0.30 38.68
C ASP A 270 41.03 -0.52 39.88
N GLU A 271 41.22 -1.65 40.55
CA GLU A 271 40.34 -2.00 41.67
C GLU A 271 40.51 -1.04 42.84
N SER A 272 41.68 -0.42 42.98
CA SER A 272 41.93 0.50 44.08
C SER A 272 41.35 1.89 43.85
N SER A 273 40.79 2.16 42.67
CA SER A 273 40.26 3.48 42.37
C SER A 273 38.96 3.79 43.11
N TRP A 274 38.35 2.80 43.75
CA TRP A 274 37.16 3.05 44.55
C TRP A 274 36.98 1.93 45.56
N GLN A 275 36.14 2.19 46.55
CA GLN A 275 35.75 1.21 47.55
C GLN A 275 34.29 0.84 47.34
N TRP A 276 33.99 -0.45 47.49
CA TRP A 276 32.61 -0.89 47.35
C TRP A 276 31.72 -0.18 48.37
N PRO A 277 30.54 0.28 47.97
CA PRO A 277 29.57 0.76 48.96
C PRO A 277 29.23 -0.32 49.96
N GLU A 278 28.82 0.12 51.16
CA GLU A 278 28.68 -0.82 52.27
C GLU A 278 27.64 -1.89 52.02
N VAL A 279 26.66 -1.62 51.15
CA VAL A 279 25.63 -2.63 50.88
C VAL A 279 26.24 -3.83 50.16
N PHE A 280 27.32 -3.62 49.40
CA PHE A 280 27.95 -4.73 48.69
C PHE A 280 28.89 -5.53 49.59
N ASN A 281 29.48 -4.87 50.59
CA ASN A 281 30.26 -5.61 51.58
C ASN A 281 29.35 -6.49 52.42
N TRP A 282 28.18 -5.98 52.79
CA TRP A 282 27.22 -6.79 53.54
C TRP A 282 26.78 -8.00 52.74
N LEU A 283 26.39 -7.78 51.48
CA LEU A 283 25.96 -8.90 50.63
C LEU A 283 27.08 -9.90 50.43
N GLN A 284 28.32 -9.43 50.31
CA GLN A 284 29.45 -10.33 50.14
C GLN A 284 29.70 -11.13 51.43
N THR A 285 29.58 -10.48 52.58
CA THR A 285 29.81 -11.17 53.85
C THR A 285 28.68 -12.14 54.16
N ALA A 286 27.44 -11.66 54.12
CA ALA A 286 26.29 -12.48 54.52
C ALA A 286 26.09 -13.66 53.58
N GLY A 287 26.58 -13.61 52.35
CA GLY A 287 26.41 -14.70 51.42
C GLY A 287 27.70 -15.47 51.18
N ASN A 288 28.79 -15.01 51.77
CA ASN A 288 30.12 -15.59 51.54
C ASN A 288 30.41 -15.72 50.05
N VAL A 289 30.27 -14.59 49.35
CA VAL A 289 30.33 -14.57 47.90
C VAL A 289 31.76 -14.29 47.45
N GLU A 290 32.24 -15.09 46.51
CA GLU A 290 33.53 -14.81 45.90
C GLU A 290 33.49 -13.47 45.20
N HIS A 291 34.58 -12.70 45.32
CA HIS A 291 34.62 -11.38 44.70
C HIS A 291 34.44 -11.46 43.19
N HIS A 292 34.87 -12.55 42.57
CA HIS A 292 34.62 -12.74 41.15
C HIS A 292 33.12 -12.82 40.87
N GLU A 293 32.37 -13.47 41.76
CA GLU A 293 30.92 -13.53 41.61
C GLU A 293 30.26 -12.18 41.87
N MET A 294 30.84 -11.38 42.78
CA MET A 294 30.32 -10.04 43.01
C MET A 294 30.48 -9.17 41.76
N TYR A 295 31.61 -9.29 41.07
CA TYR A 295 31.81 -8.54 39.84
C TYR A 295 30.96 -9.09 38.69
N ARG A 296 30.42 -10.30 38.84
CA ARG A 296 29.50 -10.85 37.85
C ARG A 296 28.05 -10.48 38.16
N THR A 297 27.68 -10.47 39.45
CA THR A 297 26.28 -10.30 39.82
C THR A 297 25.91 -8.84 40.07
N PHE A 298 26.79 -8.08 40.72
CA PHE A 298 26.48 -6.72 41.14
C PHE A 298 27.38 -5.72 40.43
N ASN A 299 26.90 -4.48 40.36
CA ASN A 299 27.71 -3.41 39.79
C ASN A 299 28.78 -2.90 40.75
N CYS A 300 28.71 -3.27 42.02
CA CYS A 300 29.77 -3.03 42.99
C CYS A 300 30.08 -1.55 43.17
N GLY A 301 29.11 -0.68 42.90
CA GLY A 301 29.28 0.75 43.06
C GLY A 301 29.49 1.49 41.75
N VAL A 302 29.68 0.80 40.64
CA VAL A 302 29.91 1.42 39.34
C VAL A 302 28.71 1.14 38.46
N GLY A 303 27.90 2.16 38.22
CA GLY A 303 26.73 2.03 37.39
C GLY A 303 27.00 2.21 35.91
N MET A 304 28.03 2.98 35.58
CA MET A 304 28.34 3.29 34.19
C MET A 304 29.83 3.53 34.03
N ILE A 305 30.34 3.18 32.85
CA ILE A 305 31.74 3.39 32.49
C ILE A 305 31.79 4.04 31.12
N ILE A 306 32.57 5.11 30.99
CA ILE A 306 32.66 5.89 29.75
C ILE A 306 34.09 5.82 29.23
N ALA A 307 34.24 5.47 27.95
CA ALA A 307 35.53 5.48 27.27
C ALA A 307 35.68 6.78 26.51
N LEU A 308 36.83 7.43 26.68
CA LEU A 308 37.08 8.74 26.08
C LEU A 308 38.59 8.95 26.01
N PRO A 309 39.06 9.83 25.13
CA PRO A 309 40.51 10.08 25.04
C PRO A 309 41.08 10.60 26.35
N ALA A 310 42.37 10.34 26.54
CA ALA A 310 43.03 10.76 27.77
C ALA A 310 43.06 12.27 28.00
N PRO A 311 43.29 13.13 27.00
CA PRO A 311 43.34 14.58 27.30
C PRO A 311 42.03 15.16 27.80
N GLU A 312 40.91 14.47 27.64
CA GLU A 312 39.60 15.01 27.96
C GLU A 312 39.08 14.56 29.32
N VAL A 313 39.91 13.89 30.13
CA VAL A 313 39.42 13.30 31.36
C VAL A 313 39.08 14.37 32.39
N ASP A 314 39.95 15.37 32.55
CA ASP A 314 39.71 16.40 33.57
C ASP A 314 38.45 17.19 33.28
N LYS A 315 38.21 17.52 32.00
CA LYS A 315 36.98 18.22 31.65
C LYS A 315 35.76 17.35 31.91
N ALA A 316 35.83 16.08 31.51
CA ALA A 316 34.72 15.16 31.74
C ALA A 316 34.43 14.99 33.23
N LEU A 317 35.48 14.80 34.03
CA LEU A 317 35.30 14.69 35.47
C LEU A 317 34.72 15.97 36.05
N ALA A 318 35.07 17.12 35.50
CA ALA A 318 34.52 18.39 35.99
C ALA A 318 33.03 18.48 35.69
N LEU A 319 32.62 18.10 34.47
CA LEU A 319 31.20 18.14 34.12
C LEU A 319 30.40 17.16 34.96
N LEU A 320 30.84 15.91 35.01
CA LEU A 320 30.09 14.87 35.70
C LEU A 320 29.92 15.20 37.18
N ASN A 321 31.02 15.55 37.85
CA ASN A 321 30.93 15.92 39.26
C ASN A 321 30.09 17.17 39.47
N ALA A 322 29.93 18.00 38.44
CA ALA A 322 29.13 19.21 38.58
C ALA A 322 27.64 18.90 38.61
N ASN A 323 27.23 17.79 38.00
CA ASN A 323 25.83 17.38 37.99
C ASN A 323 25.46 16.48 39.16
N GLY A 324 26.31 16.41 40.19
CA GLY A 324 26.03 15.55 41.32
C GLY A 324 26.45 14.11 41.13
N GLU A 325 27.23 13.79 40.11
CA GLU A 325 27.69 12.44 39.88
C GLU A 325 28.90 12.11 40.74
N ASN A 326 29.11 10.82 40.97
CA ASN A 326 30.31 10.32 41.64
C ASN A 326 31.21 9.77 40.54
N ALA A 327 32.07 10.62 40.00
CA ALA A 327 32.90 10.29 38.85
C ALA A 327 34.36 10.20 39.24
N TRP A 328 35.06 9.22 38.65
CA TRP A 328 36.48 9.02 38.89
C TRP A 328 37.05 8.19 37.74
N LYS A 329 38.37 8.25 37.60
CA LYS A 329 39.07 7.44 36.61
C LYS A 329 39.21 6.02 37.12
N ILE A 330 38.65 5.06 36.38
CA ILE A 330 38.56 3.69 36.88
C ILE A 330 39.56 2.79 36.16
N GLY A 331 39.93 3.15 34.94
CA GLY A 331 40.86 2.31 34.19
C GLY A 331 41.20 2.87 32.84
N ILE A 332 41.75 2.01 32.00
CA ILE A 332 42.22 2.36 30.65
C ILE A 332 41.84 1.26 29.69
N ILE A 333 41.95 1.58 28.39
CA ILE A 333 41.73 0.64 27.30
C ILE A 333 43.08 0.28 26.70
N LYS A 334 43.28 -1.01 26.43
CA LYS A 334 44.49 -1.48 25.78
C LYS A 334 44.14 -2.57 24.78
N ALA A 335 45.00 -2.73 23.79
CA ALA A 335 44.78 -3.72 22.73
C ALA A 335 44.90 -5.13 23.30
N SER A 336 43.87 -5.94 23.06
CA SER A 336 43.82 -7.31 23.56
C SER A 336 44.39 -8.24 22.50
N ASP A 337 45.57 -8.80 22.78
CA ASP A 337 46.22 -9.74 21.86
C ASP A 337 45.57 -11.12 22.03
N SER A 338 44.29 -11.17 21.65
CA SER A 338 43.46 -12.36 21.82
C SER A 338 43.47 -12.83 23.27
N GLU A 339 43.30 -11.87 24.19
CA GLU A 339 43.39 -12.09 25.62
C GLU A 339 42.00 -12.01 26.24
N GLN A 340 41.94 -11.67 27.53
CA GLN A 340 40.69 -11.49 28.24
C GLN A 340 40.18 -10.06 28.03
N ARG A 341 38.86 -9.92 27.93
CA ARG A 341 38.29 -8.62 27.60
C ARG A 341 38.24 -7.67 28.78
N VAL A 342 38.04 -8.20 30.00
CA VAL A 342 37.98 -7.39 31.21
C VAL A 342 39.02 -7.92 32.19
N VAL A 343 39.80 -7.00 32.77
CA VAL A 343 40.81 -7.35 33.76
C VAL A 343 40.68 -6.36 34.92
N ILE A 344 40.39 -6.87 36.10
CA ILE A 344 40.27 -6.05 37.30
C ILE A 344 41.51 -6.25 38.15
N GLU A 345 42.25 -5.17 38.35
CA GLU A 345 43.48 -5.23 39.14
C GLU A 345 43.68 -3.95 39.94
N ASN B 20 17.82 -19.03 25.92
CA ASN B 20 18.85 -19.30 24.93
C ASN B 20 18.28 -20.11 23.76
N ALA B 21 17.51 -21.15 24.09
CA ALA B 21 16.82 -21.90 23.05
C ALA B 21 15.72 -21.09 22.37
N LEU B 22 15.30 -19.99 23.00
CA LEU B 22 14.25 -19.15 22.42
C LEU B 22 14.83 -18.14 21.44
N VAL B 23 15.94 -17.48 21.81
CA VAL B 23 16.51 -16.44 20.96
C VAL B 23 16.98 -17.02 19.64
N GLY B 24 17.44 -18.27 19.63
CA GLY B 24 17.83 -18.90 18.39
C GLY B 24 16.65 -19.21 17.48
N ARG B 25 15.49 -19.50 18.07
CA ARG B 25 14.30 -19.80 17.27
C ARG B 25 13.61 -18.54 16.79
N ILE B 26 13.75 -17.42 17.51
CA ILE B 26 13.09 -16.17 17.15
C ILE B 26 14.01 -15.22 16.42
N LYS B 27 15.27 -15.59 16.20
CA LYS B 27 16.17 -14.74 15.43
C LYS B 27 15.72 -14.65 13.97
N GLY B 28 15.21 -15.75 13.42
CA GLY B 28 14.71 -15.73 12.05
C GLY B 28 13.44 -14.93 11.88
N VAL B 29 12.56 -14.95 12.89
CA VAL B 29 11.31 -14.21 12.79
C VAL B 29 11.53 -12.71 13.00
N VAL B 30 12.60 -12.31 13.69
CA VAL B 30 12.91 -10.90 13.79
C VAL B 30 13.55 -10.40 12.50
N LYS B 31 14.44 -11.20 11.91
CA LYS B 31 15.11 -10.81 10.68
C LYS B 31 14.14 -10.72 9.50
N LYS B 32 13.12 -11.59 9.46
CA LYS B 32 12.22 -11.62 8.33
C LYS B 32 11.26 -10.44 8.31
N THR B 33 11.05 -9.77 9.45
CA THR B 33 10.19 -8.60 9.52
C THR B 33 10.94 -7.29 9.33
N ARG B 34 12.25 -7.34 9.09
CA ARG B 34 13.07 -6.15 9.12
C ARG B 34 12.75 -5.23 7.94
N ARG B 35 12.44 -3.98 8.24
CA ARG B 35 12.27 -2.94 7.24
C ARG B 35 13.63 -2.36 6.84
N PRO B 36 13.70 -1.65 5.71
CA PRO B 36 14.96 -0.99 5.36
C PRO B 36 15.39 0.06 6.38
N GLU B 37 14.45 0.68 7.08
CA GLU B 37 14.80 1.71 8.06
C GLU B 37 15.51 1.14 9.28
N VAL B 38 15.35 -0.14 9.56
CA VAL B 38 16.00 -0.75 10.73
C VAL B 38 17.49 -0.89 10.46
N MET B 39 18.30 -0.53 11.46
CA MET B 39 19.75 -0.63 11.34
C MET B 39 20.31 -1.66 12.32
N GLY B 46 17.95 -0.85 22.61
CA GLY B 46 19.07 -0.93 21.69
C GLY B 46 18.67 -1.19 20.26
N ALA B 47 17.40 -0.93 19.95
CA ALA B 47 16.87 -1.16 18.61
C ALA B 47 16.94 0.14 17.81
N LEU B 48 17.60 0.09 16.66
CA LEU B 48 17.80 1.26 15.81
C LEU B 48 16.83 1.22 14.64
N CYS B 49 16.17 2.35 14.39
CA CYS B 49 15.25 2.44 13.25
C CYS B 49 15.14 3.89 12.83
N ALA B 50 15.47 4.18 11.57
CA ALA B 50 15.36 5.53 11.05
C ALA B 50 13.92 5.83 10.63
N LEU B 51 13.65 7.10 10.37
CA LEU B 51 12.33 7.49 9.91
C LEU B 51 12.20 7.28 8.41
N PRO B 52 11.02 6.89 7.93
CA PRO B 52 10.81 6.80 6.48
C PRO B 52 11.06 8.15 5.81
N GLN B 53 11.67 8.09 4.62
CA GLN B 53 12.19 9.29 3.99
C GLN B 53 11.11 10.25 3.51
N LYS B 54 9.89 9.77 3.31
CA LYS B 54 8.86 10.60 2.70
C LYS B 54 8.30 11.67 3.64
N TYR B 55 8.45 11.51 4.95
CA TYR B 55 7.84 12.43 5.91
C TYR B 55 8.67 13.69 6.04
N ARG B 56 8.02 14.85 5.89
CA ARG B 56 8.67 16.13 6.07
C ARG B 56 8.61 16.60 7.53
N GLU B 57 7.42 16.54 8.14
CA GLU B 57 7.23 16.85 9.55
C GLU B 57 6.68 15.61 10.24
N PRO B 58 7.52 14.61 10.50
CA PRO B 58 7.01 13.37 11.08
C PRO B 58 6.62 13.55 12.54
N VAL B 59 5.48 12.95 12.89
CA VAL B 59 4.99 12.91 14.27
C VAL B 59 4.91 11.44 14.68
N LEU B 60 5.46 11.12 15.84
CA LEU B 60 5.48 9.75 16.31
C LEU B 60 4.18 9.41 17.03
N VAL B 61 3.61 8.25 16.68
CA VAL B 61 2.39 7.76 17.29
C VAL B 61 2.70 6.43 17.95
N SER B 62 2.36 6.30 19.23
CA SER B 62 2.76 5.16 20.02
C SER B 62 1.61 4.66 20.88
N GLY B 63 1.69 3.39 21.26
CA GLY B 63 0.70 2.79 22.11
C GLY B 63 1.18 1.44 22.62
N THR B 64 0.62 1.03 23.76
CA THR B 64 0.90 -0.26 24.35
C THR B 64 -0.41 -0.97 24.67
N ASP B 65 -0.34 -2.28 24.84
CA ASP B 65 -1.56 -3.08 24.95
C ASP B 65 -1.22 -4.44 25.53
N GLY B 66 -2.26 -5.11 26.02
CA GLY B 66 -2.24 -6.53 26.29
C GLY B 66 -3.33 -7.22 25.49
N VAL B 67 -3.33 -8.54 25.56
CA VAL B 67 -4.37 -9.31 24.86
C VAL B 67 -5.63 -9.38 25.70
N GLY B 68 -5.48 -9.65 27.00
CA GLY B 68 -6.61 -9.72 27.91
C GLY B 68 -6.93 -11.14 28.32
N THR B 69 -8.19 -11.34 28.70
CA THR B 69 -8.64 -12.66 29.15
C THR B 69 -8.55 -13.70 28.04
N LYS B 70 -8.49 -13.27 26.78
CA LYS B 70 -8.38 -14.22 25.68
C LYS B 70 -7.14 -15.10 25.80
N LEU B 71 -6.10 -14.65 26.53
CA LEU B 71 -4.97 -15.51 26.84
C LEU B 71 -5.41 -16.77 27.57
N ARG B 72 -6.17 -16.60 28.64
CA ARG B 72 -6.59 -17.72 29.46
C ARG B 72 -7.58 -18.63 28.74
N LEU B 73 -8.28 -18.11 27.73
CA LEU B 73 -9.10 -18.98 26.89
C LEU B 73 -8.24 -19.70 25.85
N ALA B 74 -7.22 -19.02 25.34
CA ALA B 74 -6.27 -19.68 24.45
C ALA B 74 -5.45 -20.72 25.21
N MET B 75 -5.23 -20.52 26.51
CA MET B 75 -4.51 -21.50 27.32
C MET B 75 -5.36 -22.74 27.54
N ASP B 76 -6.63 -22.55 27.89
CA ASP B 76 -7.51 -23.69 28.16
C ASP B 76 -7.67 -24.57 26.93
N LEU B 77 -7.67 -23.97 25.74
CA LEU B 77 -7.78 -24.72 24.50
C LEU B 77 -6.43 -25.16 23.95
N LYS B 78 -5.33 -24.77 24.59
CA LYS B 78 -3.98 -25.15 24.19
C LYS B 78 -3.65 -24.69 22.77
N ARG B 79 -4.20 -23.55 22.36
CA ARG B 79 -3.94 -22.97 21.05
C ARG B 79 -3.42 -21.54 21.26
N HIS B 80 -2.10 -21.39 21.15
CA HIS B 80 -1.45 -20.09 21.23
C HIS B 80 -0.96 -19.61 19.88
N ASP B 81 -1.46 -20.21 18.79
CA ASP B 81 -0.92 -19.97 17.46
C ASP B 81 -1.11 -18.52 17.04
N THR B 82 -2.30 -17.97 17.26
CA THR B 82 -2.68 -16.66 16.74
C THR B 82 -2.75 -15.59 17.82
N ILE B 83 -2.35 -15.91 19.05
CA ILE B 83 -2.49 -14.94 20.14
C ILE B 83 -1.54 -13.76 19.93
N GLY B 84 -0.42 -13.98 19.24
CA GLY B 84 0.47 -12.88 18.92
C GLY B 84 -0.06 -11.96 17.85
N ILE B 85 -0.98 -12.44 17.01
CA ILE B 85 -1.63 -11.57 16.04
C ILE B 85 -2.56 -10.61 16.75
N ASP B 86 -3.31 -11.11 17.74
CA ASP B 86 -4.19 -10.25 18.53
C ASP B 86 -3.41 -9.12 19.19
N LEU B 87 -2.19 -9.41 19.67
CA LEU B 87 -1.39 -8.41 20.35
C LEU B 87 -0.98 -7.29 19.40
N VAL B 88 -0.45 -7.66 18.24
CA VAL B 88 -0.04 -6.65 17.26
C VAL B 88 -1.26 -5.87 16.76
N ALA B 89 -2.36 -6.57 16.52
CA ALA B 89 -3.53 -5.92 15.94
C ALA B 89 -4.10 -4.85 16.85
N MET B 90 -4.16 -5.12 18.16
CA MET B 90 -4.64 -4.10 19.11
C MET B 90 -3.82 -2.83 19.00
N CYS B 91 -2.49 -2.94 18.97
CA CYS B 91 -1.59 -1.83 18.73
C CYS B 91 -1.88 -1.11 17.42
N VAL B 92 -1.58 -1.78 16.30
CA VAL B 92 -1.49 -1.11 15.01
C VAL B 92 -2.84 -0.55 14.57
N ASN B 93 -3.95 -1.17 15.02
CA ASN B 93 -5.25 -0.61 14.69
C ASN B 93 -5.52 0.68 15.45
N ASP B 94 -4.93 0.85 16.63
CA ASP B 94 -5.05 2.12 17.34
C ASP B 94 -4.18 3.20 16.73
N LEU B 95 -3.01 2.83 16.19
CA LEU B 95 -2.15 3.81 15.54
C LEU B 95 -2.81 4.36 14.28
N VAL B 96 -3.27 3.47 13.40
CA VAL B 96 -3.80 3.88 12.11
C VAL B 96 -5.07 4.72 12.21
N VAL B 97 -5.67 4.77 13.41
CA VAL B 97 -6.83 5.63 13.62
C VAL B 97 -6.47 7.09 13.34
N GLN B 98 -5.30 7.52 13.79
CA GLN B 98 -4.82 8.88 13.56
C GLN B 98 -4.10 9.02 12.21
N GLY B 99 -4.12 7.99 11.38
CA GLY B 99 -3.42 8.04 10.11
C GLY B 99 -1.96 7.66 10.18
N ALA B 100 -1.54 6.99 11.24
CA ALA B 100 -0.13 6.69 11.43
C ALA B 100 0.24 5.39 10.73
N GLU B 101 1.45 5.37 10.17
CA GLU B 101 1.97 4.17 9.54
C GLU B 101 2.83 3.41 10.55
N PRO B 102 2.48 2.19 10.93
CA PRO B 102 3.29 1.44 11.91
C PRO B 102 4.73 1.27 11.43
N LEU B 103 5.67 1.54 12.33
CA LEU B 103 7.09 1.49 12.00
C LEU B 103 7.79 0.30 12.63
N PHE B 104 7.74 0.16 13.95
CA PHE B 104 8.39 -0.97 14.61
C PHE B 104 7.58 -1.38 15.84
N PHE B 105 7.90 -2.57 16.36
CA PHE B 105 7.12 -3.20 17.42
C PHE B 105 8.05 -3.88 18.41
N LEU B 106 7.67 -3.86 19.69
CA LEU B 106 8.37 -4.57 20.75
C LEU B 106 7.36 -5.30 21.62
N ASP B 107 7.83 -6.32 22.33
CA ASP B 107 6.99 -7.08 23.24
C ASP B 107 7.73 -7.34 24.54
N TYR B 108 6.96 -7.56 25.60
CA TYR B 108 7.49 -7.94 26.91
C TYR B 108 6.79 -9.23 27.32
N TYR B 109 7.50 -10.36 27.21
CA TYR B 109 6.95 -11.67 27.52
C TYR B 109 7.33 -12.03 28.96
N ALA B 110 6.35 -11.97 29.86
CA ALA B 110 6.55 -12.33 31.25
C ALA B 110 5.87 -13.66 31.54
N THR B 111 6.56 -14.53 32.27
CA THR B 111 6.05 -15.86 32.56
C THR B 111 6.66 -16.35 33.87
N GLY B 112 6.14 -17.47 34.36
CA GLY B 112 6.70 -18.12 35.53
C GLY B 112 7.89 -18.98 35.16
N LYS B 113 7.62 -20.11 34.52
CA LYS B 113 8.65 -20.96 33.94
C LYS B 113 8.52 -20.93 32.43
N LEU B 114 9.61 -20.57 31.76
CA LEU B 114 9.57 -20.31 30.33
C LEU B 114 9.37 -21.59 29.54
N ASP B 115 8.19 -21.74 28.93
CA ASP B 115 7.95 -22.80 27.97
C ASP B 115 8.43 -22.32 26.61
N VAL B 116 9.52 -22.92 26.12
CA VAL B 116 10.14 -22.46 24.88
C VAL B 116 9.19 -22.63 23.72
N ASP B 117 8.39 -23.70 23.72
CA ASP B 117 7.48 -23.95 22.60
C ASP B 117 6.31 -22.97 22.60
N THR B 118 5.74 -22.70 23.77
CA THR B 118 4.64 -21.75 23.84
C THR B 118 5.11 -20.34 23.46
N ALA B 119 6.28 -19.93 23.96
CA ALA B 119 6.78 -18.59 23.67
C ALA B 119 7.12 -18.43 22.20
N SER B 120 7.66 -19.48 21.57
CA SER B 120 7.96 -19.41 20.15
C SER B 120 6.68 -19.28 19.32
N ALA B 121 5.62 -19.96 19.74
CA ALA B 121 4.35 -19.82 19.05
C ALA B 121 3.78 -18.42 19.19
N VAL B 122 3.93 -17.81 20.37
CA VAL B 122 3.44 -16.45 20.58
C VAL B 122 4.22 -15.47 19.72
N ILE B 123 5.55 -15.55 19.76
CA ILE B 123 6.37 -14.61 19.00
C ILE B 123 6.17 -14.79 17.50
N SER B 124 5.91 -16.03 17.05
CA SER B 124 5.60 -16.26 15.64
C SER B 124 4.32 -15.53 15.25
N GLY B 125 3.29 -15.60 16.09
CA GLY B 125 2.08 -14.84 15.83
C GLY B 125 2.33 -13.34 15.85
N ILE B 126 3.23 -12.89 16.72
CA ILE B 126 3.61 -11.48 16.73
C ILE B 126 4.29 -11.09 15.42
N ALA B 127 5.20 -11.93 14.94
CA ALA B 127 5.87 -11.66 13.68
C ALA B 127 4.88 -11.62 12.52
N GLU B 128 3.90 -12.52 12.52
CA GLU B 128 2.90 -12.53 11.46
C GLU B 128 2.07 -11.25 11.47
N GLY B 129 1.71 -10.78 12.66
CA GLY B 129 0.95 -9.54 12.76
C GLY B 129 1.77 -8.33 12.32
N CYS B 130 3.06 -8.33 12.62
CA CYS B 130 3.92 -7.22 12.19
C CYS B 130 4.07 -7.21 10.68
N LEU B 131 4.11 -8.39 10.05
CA LEU B 131 4.21 -8.45 8.59
C LEU B 131 2.95 -7.92 7.93
N GLN B 132 1.78 -8.23 8.50
CA GLN B 132 0.53 -7.68 7.98
C GLN B 132 0.46 -6.17 8.18
N SER B 133 1.14 -5.65 9.21
CA SER B 133 1.10 -4.23 9.52
C SER B 133 2.17 -3.43 8.80
N GLY B 134 3.20 -4.09 8.28
CA GLY B 134 4.30 -3.38 7.65
C GLY B 134 5.33 -2.83 8.62
N CYS B 135 5.30 -3.26 9.88
CA CYS B 135 6.26 -2.82 10.88
C CYS B 135 7.20 -3.97 11.24
N SER B 136 8.36 -3.60 11.79
CA SER B 136 9.41 -4.56 12.11
C SER B 136 9.38 -4.89 13.60
N LEU B 137 9.48 -6.18 13.91
CA LEU B 137 9.73 -6.62 15.29
C LEU B 137 11.21 -6.41 15.55
N VAL B 138 11.54 -5.34 16.28
CA VAL B 138 12.92 -4.91 16.44
C VAL B 138 13.50 -5.29 17.80
N GLY B 139 12.79 -6.08 18.59
CA GLY B 139 13.32 -6.56 19.84
C GLY B 139 12.23 -6.86 20.84
N GLY B 140 12.66 -7.19 22.05
CA GLY B 140 11.75 -7.55 23.12
C GLY B 140 12.52 -8.14 24.28
N GLU B 141 11.77 -8.65 25.26
CA GLU B 141 12.39 -9.25 26.43
C GLU B 141 11.52 -10.39 26.94
N THR B 142 12.18 -11.44 27.44
CA THR B 142 11.52 -12.56 28.10
C THR B 142 11.96 -12.58 29.56
N ALA B 143 11.01 -12.39 30.46
CA ALA B 143 11.28 -12.35 31.90
C ALA B 143 10.59 -13.49 32.60
N GLU B 144 11.27 -14.08 33.58
CA GLU B 144 10.75 -15.20 34.35
C GLU B 144 10.57 -14.77 35.80
N MET B 145 9.33 -14.84 36.28
CA MET B 145 8.98 -14.54 37.67
C MET B 145 8.31 -15.77 38.26
N PRO B 146 9.06 -16.65 38.93
CA PRO B 146 8.48 -17.93 39.37
C PRO B 146 7.34 -17.77 40.37
N GLY B 147 7.43 -16.80 41.28
CA GLY B 147 6.42 -16.66 42.31
C GLY B 147 5.17 -15.93 41.88
N MET B 148 5.24 -15.19 40.78
CA MET B 148 4.12 -14.34 40.35
C MET B 148 3.13 -15.10 39.46
N TYR B 149 3.64 -15.82 38.46
CA TYR B 149 2.80 -16.55 37.52
C TYR B 149 2.74 -18.01 37.93
N HIS B 150 1.53 -18.54 38.02
CA HIS B 150 1.30 -19.92 38.44
C HIS B 150 1.00 -20.80 37.23
N GLY B 151 1.52 -22.02 37.27
CA GLY B 151 1.40 -22.89 36.11
C GLY B 151 2.28 -22.41 34.98
N GLU B 152 1.85 -22.68 33.75
CA GLU B 152 2.54 -22.22 32.55
C GLU B 152 1.99 -20.89 32.05
N ASP B 153 1.33 -20.11 32.90
CA ASP B 153 0.73 -18.85 32.49
C ASP B 153 1.79 -17.87 32.03
N TYR B 154 1.36 -16.91 31.20
CA TYR B 154 2.24 -15.87 30.68
C TYR B 154 1.39 -14.66 30.32
N ASP B 155 2.02 -13.49 30.42
CA ASP B 155 1.40 -12.24 30.00
C ASP B 155 2.34 -11.55 29.03
N VAL B 156 1.81 -11.09 27.90
CA VAL B 156 2.60 -10.44 26.86
C VAL B 156 2.10 -9.01 26.70
N ALA B 157 3.03 -8.06 26.74
CA ALA B 157 2.74 -6.66 26.53
C ALA B 157 3.26 -6.24 25.16
N GLY B 158 2.44 -5.51 24.41
CA GLY B 158 2.82 -5.04 23.10
C GLY B 158 3.16 -3.56 23.10
N PHE B 159 3.98 -3.17 22.12
CA PHE B 159 4.42 -1.78 21.99
C PHE B 159 4.68 -1.49 20.53
N CYS B 160 4.01 -0.46 20.01
N CYS B 160 4.04 -0.43 20.04
CA CYS B 160 4.18 -0.09 18.61
CA CYS B 160 4.10 -0.02 18.65
C CYS B 160 4.36 1.42 18.48
C CYS B 160 4.49 1.44 18.57
N VAL B 161 5.17 1.80 17.50
CA VAL B 161 5.46 3.20 17.19
C VAL B 161 5.15 3.43 15.72
N GLY B 162 4.33 4.43 15.44
CA GLY B 162 3.99 4.78 14.08
C GLY B 162 4.41 6.19 13.73
N VAL B 163 4.45 6.50 12.44
CA VAL B 163 4.81 7.83 11.95
C VAL B 163 3.65 8.36 11.11
N VAL B 164 3.25 9.60 11.39
CA VAL B 164 2.22 10.28 10.62
C VAL B 164 2.74 11.66 10.27
N GLU B 165 2.36 12.14 9.08
CA GLU B 165 2.69 13.51 8.69
C GLU B 165 1.87 14.48 9.53
N LYS B 166 2.54 15.53 10.02
CA LYS B 166 1.91 16.44 10.96
C LYS B 166 0.67 17.10 10.36
N SER B 167 0.71 17.43 9.07
CA SER B 167 -0.42 18.07 8.43
C SER B 167 -1.58 17.12 8.19
N GLU B 168 -1.34 15.81 8.22
CA GLU B 168 -2.35 14.81 7.90
C GLU B 168 -2.80 14.00 9.11
N ILE B 169 -2.59 14.53 10.32
CA ILE B 169 -3.08 13.86 11.52
C ILE B 169 -4.61 13.91 11.54
N ILE B 170 -5.22 12.77 11.82
CA ILE B 170 -6.68 12.69 11.95
C ILE B 170 -7.03 12.85 13.42
N ASP B 171 -7.56 14.02 13.79
CA ASP B 171 -7.95 14.29 15.16
C ASP B 171 -9.45 14.24 15.40
N GLY B 172 -10.26 14.23 14.34
CA GLY B 172 -11.71 14.23 14.48
C GLY B 172 -12.35 15.60 14.54
N SER B 173 -11.57 16.67 14.44
CA SER B 173 -12.16 18.01 14.51
C SER B 173 -12.95 18.34 13.25
N LYS B 174 -12.60 17.73 12.12
CA LYS B 174 -13.34 17.98 10.88
C LYS B 174 -14.64 17.21 10.81
N VAL B 175 -14.94 16.37 11.81
CA VAL B 175 -16.23 15.68 11.85
C VAL B 175 -17.33 16.72 12.00
N SER B 176 -18.27 16.72 11.07
CA SER B 176 -19.33 17.73 11.04
C SER B 176 -20.68 17.05 10.87
N ASP B 177 -21.73 17.85 11.06
CA ASP B 177 -23.10 17.39 10.84
C ASP B 177 -23.25 16.85 9.41
N GLY B 178 -23.89 15.68 9.29
CA GLY B 178 -24.13 15.09 8.00
C GLY B 178 -23.11 14.07 7.56
N ASP B 179 -22.02 13.88 8.31
CA ASP B 179 -21.04 12.86 7.96
C ASP B 179 -21.65 11.48 8.06
N VAL B 180 -21.21 10.60 7.16
CA VAL B 180 -21.68 9.22 7.10
C VAL B 180 -20.70 8.33 7.83
N LEU B 181 -21.21 7.30 8.51
CA LEU B 181 -20.39 6.33 9.21
C LEU B 181 -20.29 5.06 8.38
N ILE B 182 -19.06 4.65 8.08
CA ILE B 182 -18.79 3.39 7.40
C ILE B 182 -18.17 2.43 8.40
N ALA B 183 -18.68 1.20 8.44
CA ALA B 183 -18.17 0.17 9.33
C ALA B 183 -17.27 -0.79 8.56
N LEU B 184 -16.28 -1.32 9.27
CA LEU B 184 -15.42 -2.39 8.76
C LEU B 184 -15.71 -3.64 9.57
N GLY B 185 -16.11 -4.71 8.90
CA GLY B 185 -16.47 -5.93 9.60
C GLY B 185 -15.29 -6.51 10.35
N SER B 186 -15.61 -7.20 11.45
CA SER B 186 -14.60 -7.81 12.30
C SER B 186 -14.55 -9.32 12.06
N SER B 187 -13.42 -9.91 12.45
CA SER B 187 -13.24 -11.35 12.36
C SER B 187 -13.82 -12.11 13.55
N GLY B 188 -14.41 -11.39 14.51
CA GLY B 188 -14.93 -12.00 15.71
C GLY B 188 -14.83 -11.05 16.88
N PRO B 189 -14.81 -11.59 18.11
CA PRO B 189 -14.72 -10.73 19.29
C PRO B 189 -13.39 -9.99 19.42
N HIS B 190 -12.39 -10.32 18.59
CA HIS B 190 -11.07 -9.69 18.63
C HIS B 190 -10.43 -9.96 19.99
N SER B 191 -10.13 -8.96 20.81
CA SER B 191 -9.43 -9.17 22.07
C SER B 191 -10.11 -8.46 23.22
N ASN B 192 -11.43 -8.36 23.19
CA ASN B 192 -12.17 -7.70 24.25
C ASN B 192 -13.47 -8.44 24.52
N GLY B 193 -13.82 -8.54 25.80
CA GLY B 193 -15.05 -9.19 26.21
C GLY B 193 -14.93 -10.66 26.56
N TYR B 194 -13.71 -11.20 26.62
CA TYR B 194 -13.55 -12.62 26.85
C TYR B 194 -13.73 -13.02 28.31
N SER B 195 -13.80 -12.07 29.23
CA SER B 195 -14.21 -12.40 30.59
C SER B 195 -15.69 -12.75 30.62
N LEU B 196 -16.50 -12.06 29.81
CA LEU B 196 -17.90 -12.44 29.68
C LEU B 196 -18.05 -13.70 28.82
N VAL B 197 -17.20 -13.84 27.80
CA VAL B 197 -17.22 -15.05 26.97
C VAL B 197 -17.07 -16.29 27.84
N ARG B 198 -16.06 -16.30 28.70
CA ARG B 198 -15.83 -17.48 29.55
C ARG B 198 -16.97 -17.67 30.54
N LYS B 199 -17.39 -16.59 31.20
CA LYS B 199 -18.50 -16.71 32.15
C LYS B 199 -19.74 -17.29 31.49
N ILE B 200 -19.97 -16.93 30.22
CA ILE B 200 -21.07 -17.54 29.46
C ILE B 200 -20.79 -19.02 29.21
N LEU B 201 -19.52 -19.37 28.96
CA LEU B 201 -19.17 -20.77 28.73
C LEU B 201 -19.36 -21.61 29.99
N GLU B 202 -19.13 -21.02 31.17
CA GLU B 202 -19.23 -21.80 32.40
C GLU B 202 -20.68 -22.12 32.75
N VAL B 203 -21.59 -21.14 32.62
CA VAL B 203 -22.99 -21.39 32.93
C VAL B 203 -23.62 -22.30 31.89
N SER B 204 -23.26 -22.13 30.62
CA SER B 204 -23.80 -23.00 29.58
C SER B 204 -23.24 -24.41 29.67
N GLY B 205 -21.97 -24.54 30.08
CA GLY B 205 -21.37 -25.84 30.26
C GLY B 205 -21.19 -26.65 28.99
N CYS B 206 -20.89 -25.99 27.88
CA CYS B 206 -20.68 -26.66 26.61
C CYS B 206 -19.20 -26.67 26.27
N ASP B 207 -18.81 -27.65 25.45
CA ASP B 207 -17.44 -27.76 24.99
C ASP B 207 -17.30 -26.94 23.72
N PRO B 208 -16.51 -25.86 23.71
CA PRO B 208 -16.37 -25.05 22.49
C PRO B 208 -15.78 -25.83 21.32
N GLN B 209 -14.99 -26.87 21.58
CA GLN B 209 -14.37 -27.64 20.52
C GLN B 209 -15.33 -28.60 19.85
N THR B 210 -16.42 -28.99 20.53
CA THR B 210 -17.41 -29.88 19.95
C THR B 210 -18.70 -29.18 19.54
N THR B 211 -19.03 -28.04 20.15
CA THR B 211 -20.21 -27.27 19.78
C THR B 211 -19.99 -26.66 18.40
N GLU B 212 -20.63 -27.25 17.39
CA GLU B 212 -20.50 -26.73 16.03
C GLU B 212 -21.38 -25.52 15.84
N LEU B 213 -20.90 -24.58 15.02
CA LEU B 213 -21.59 -23.31 14.84
C LEU B 213 -21.34 -22.84 13.42
N ASP B 214 -22.35 -22.96 12.56
CA ASP B 214 -22.24 -22.62 11.13
C ASP B 214 -21.05 -23.33 10.49
N GLY B 215 -20.96 -24.64 10.73
CA GLY B 215 -19.93 -25.46 10.13
C GLY B 215 -18.58 -25.44 10.83
N LYS B 216 -18.38 -24.56 11.81
CA LYS B 216 -17.13 -24.51 12.55
C LYS B 216 -17.39 -24.71 14.04
N PRO B 217 -16.43 -25.26 14.78
CA PRO B 217 -16.57 -25.32 16.24
C PRO B 217 -16.63 -23.93 16.84
N LEU B 218 -17.31 -23.82 17.98
CA LEU B 218 -17.40 -22.54 18.67
C LEU B 218 -16.03 -22.00 19.06
N ALA B 219 -15.08 -22.90 19.35
CA ALA B 219 -13.73 -22.46 19.71
C ALA B 219 -13.07 -21.69 18.58
N ASP B 220 -13.33 -22.11 17.34
CA ASP B 220 -12.72 -21.41 16.20
C ASP B 220 -13.30 -20.01 16.04
N HIS B 221 -14.60 -19.85 16.27
CA HIS B 221 -15.21 -18.52 16.24
C HIS B 221 -14.59 -17.62 17.30
N LEU B 222 -14.30 -18.16 18.48
CA LEU B 222 -13.83 -17.38 19.61
C LEU B 222 -12.33 -17.10 19.56
N LEU B 223 -11.53 -18.02 19.05
CA LEU B 223 -10.09 -17.85 19.01
C LEU B 223 -9.60 -17.21 17.72
N ALA B 224 -10.50 -16.82 16.83
CA ALA B 224 -10.11 -16.20 15.58
C ALA B 224 -9.30 -14.93 15.87
N PRO B 225 -8.14 -14.76 15.25
CA PRO B 225 -7.32 -13.58 15.53
C PRO B 225 -7.99 -12.30 15.07
N THR B 226 -7.61 -11.20 15.72
CA THR B 226 -8.15 -9.90 15.38
C THR B 226 -7.77 -9.51 13.96
N ARG B 227 -8.72 -8.93 13.23
CA ARG B 227 -8.43 -8.40 11.92
C ARG B 227 -7.53 -7.18 12.02
N ILE B 228 -6.52 -7.11 11.15
CA ILE B 228 -5.62 -5.97 11.08
C ILE B 228 -6.09 -5.08 9.94
N TYR B 229 -6.36 -3.81 10.25
CA TYR B 229 -6.93 -2.87 9.29
C TYR B 229 -5.91 -1.87 8.77
N VAL B 230 -4.62 -2.09 9.04
CA VAL B 230 -3.60 -1.08 8.75
C VAL B 230 -3.58 -0.75 7.27
N LYS B 231 -3.30 -1.74 6.43
CA LYS B 231 -3.06 -1.47 5.01
C LYS B 231 -4.30 -0.91 4.33
N SER B 232 -5.48 -1.47 4.63
CA SER B 232 -6.69 -1.01 3.96
C SER B 232 -7.06 0.42 4.39
N VAL B 233 -6.82 0.76 5.66
CA VAL B 233 -7.11 2.11 6.12
C VAL B 233 -6.07 3.09 5.60
N LEU B 234 -4.81 2.66 5.50
CA LEU B 234 -3.79 3.51 4.90
C LEU B 234 -4.11 3.83 3.45
N GLU B 235 -4.58 2.82 2.68
CA GLU B 235 -4.97 3.08 1.30
C GLU B 235 -6.18 4.01 1.24
N LEU B 236 -7.10 3.89 2.20
CA LEU B 236 -8.30 4.71 2.19
C LEU B 236 -7.96 6.18 2.41
N ILE B 237 -6.98 6.47 3.26
CA ILE B 237 -6.65 7.85 3.59
C ILE B 237 -6.06 8.57 2.39
N GLU B 238 -5.26 7.87 1.58
CA GLU B 238 -4.67 8.49 0.39
C GLU B 238 -5.72 8.87 -0.64
N LYS B 239 -6.88 8.22 -0.65
CA LYS B 239 -7.84 8.39 -1.72
C LYS B 239 -9.09 9.18 -1.34
N VAL B 240 -9.55 9.09 -0.10
CA VAL B 240 -10.72 9.83 0.33
C VAL B 240 -10.36 10.70 1.53
N ASP B 241 -11.21 11.67 1.81
CA ASP B 241 -11.04 12.57 2.95
C ASP B 241 -11.74 11.95 4.15
N VAL B 242 -10.95 11.46 5.11
CA VAL B 242 -11.47 10.81 6.30
C VAL B 242 -11.46 11.81 7.45
N HIS B 243 -12.58 11.92 8.16
CA HIS B 243 -12.70 12.85 9.28
C HIS B 243 -12.30 12.23 10.60
N ALA B 244 -12.63 10.95 10.82
CA ALA B 244 -12.27 10.28 12.06
C ALA B 244 -12.43 8.78 11.87
N ILE B 245 -11.72 8.02 12.70
CA ILE B 245 -11.79 6.57 12.72
C ILE B 245 -11.85 6.11 14.18
N ALA B 246 -12.71 5.14 14.46
CA ALA B 246 -12.85 4.60 15.81
C ALA B 246 -12.59 3.11 15.78
N HIS B 247 -11.60 2.66 16.54
CA HIS B 247 -11.34 1.25 16.75
C HIS B 247 -12.20 0.77 17.92
N LEU B 248 -13.09 -0.19 17.66
CA LEU B 248 -14.01 -0.68 18.68
C LEU B 248 -13.30 -1.75 19.50
N THR B 249 -12.84 -1.36 20.69
CA THR B 249 -12.17 -2.28 21.59
C THR B 249 -12.95 -2.38 22.91
N GLY B 250 -12.26 -2.20 24.03
CA GLY B 250 -12.92 -2.21 25.32
C GLY B 250 -13.97 -1.12 25.44
N GLY B 251 -15.18 -1.51 25.85
CA GLY B 251 -16.29 -0.58 25.90
C GLY B 251 -17.16 -0.56 24.66
N GLY B 252 -16.71 -1.18 23.58
CA GLY B 252 -17.57 -1.37 22.42
C GLY B 252 -17.99 -0.07 21.77
N PHE B 253 -19.24 -0.03 21.31
CA PHE B 253 -19.77 1.15 20.64
C PHE B 253 -19.85 2.33 21.60
N TRP B 254 -20.34 2.09 22.82
CA TRP B 254 -20.65 3.19 23.74
C TRP B 254 -19.39 3.95 24.15
N GLU B 255 -18.30 3.25 24.40
CA GLU B 255 -17.10 3.90 24.91
C GLU B 255 -16.20 4.46 23.82
N ASN B 256 -16.14 3.80 22.67
CA ASN B 256 -15.12 4.12 21.67
C ASN B 256 -15.60 5.08 20.58
N ILE B 257 -16.88 5.05 20.21
CA ILE B 257 -17.39 6.00 19.21
C ILE B 257 -17.30 7.44 19.69
N PRO B 258 -17.73 7.79 20.91
CA PRO B 258 -17.65 9.21 21.32
C PRO B 258 -16.24 9.76 21.40
N ARG B 259 -15.21 8.91 21.44
CA ARG B 259 -13.84 9.40 21.54
C ARG B 259 -13.43 10.21 20.31
N VAL B 260 -14.09 10.00 19.16
CA VAL B 260 -13.78 10.73 17.94
C VAL B 260 -14.89 11.70 17.57
N LEU B 261 -15.87 11.90 18.45
CA LEU B 261 -16.94 12.84 18.15
C LEU B 261 -16.61 14.21 18.70
N PRO B 262 -16.75 15.28 17.92
CA PRO B 262 -16.62 16.63 18.49
C PRO B 262 -17.83 16.99 19.33
N ASP B 263 -17.82 18.18 19.91
CA ASP B 263 -18.93 18.59 20.76
C ASP B 263 -20.21 18.76 19.96
N ASN B 264 -21.33 18.45 20.59
CA ASN B 264 -22.67 18.65 20.02
C ASN B 264 -22.89 17.82 18.76
N THR B 265 -22.38 16.59 18.76
CA THR B 265 -22.60 15.65 17.68
C THR B 265 -23.09 14.32 18.26
N GLN B 266 -23.90 13.61 17.48
CA GLN B 266 -24.47 12.34 17.90
C GLN B 266 -24.39 11.35 16.75
N ALA B 267 -23.86 10.16 17.03
CA ALA B 267 -23.79 9.10 16.05
C ALA B 267 -25.02 8.20 16.17
N VAL B 268 -25.69 7.96 15.05
CA VAL B 268 -26.93 7.19 15.02
C VAL B 268 -26.65 5.93 14.21
N ILE B 269 -26.48 4.80 14.88
CA ILE B 269 -26.18 3.54 14.21
C ILE B 269 -27.46 2.94 13.67
N ASP B 270 -27.44 2.55 12.39
CA ASP B 270 -28.55 1.82 11.78
C ASP B 270 -28.34 0.34 12.04
N GLU B 271 -29.06 -0.19 13.02
CA GLU B 271 -28.86 -1.58 13.43
C GLU B 271 -29.23 -2.55 12.32
N SER B 272 -30.17 -2.19 11.45
CA SER B 272 -30.62 -3.07 10.39
C SER B 272 -29.63 -3.17 9.22
N SER B 273 -28.54 -2.40 9.26
CA SER B 273 -27.62 -2.35 8.13
C SER B 273 -26.67 -3.54 8.06
N TRP B 274 -26.64 -4.40 9.07
CA TRP B 274 -25.75 -5.55 9.04
C TRP B 274 -26.24 -6.60 10.02
N GLN B 275 -25.92 -7.85 9.72
CA GLN B 275 -26.23 -8.97 10.60
C GLN B 275 -25.04 -9.23 11.52
N TRP B 276 -25.34 -9.50 12.78
CA TRP B 276 -24.31 -9.97 13.69
C TRP B 276 -23.71 -11.26 13.16
N PRO B 277 -22.38 -11.43 13.21
CA PRO B 277 -21.81 -12.76 13.05
C PRO B 277 -22.39 -13.70 14.10
N GLU B 278 -22.52 -14.97 13.72
CA GLU B 278 -23.32 -15.90 14.52
C GLU B 278 -22.72 -16.12 15.91
N VAL B 279 -21.41 -15.94 16.06
CA VAL B 279 -20.80 -16.14 17.38
C VAL B 279 -21.40 -15.20 18.41
N PHE B 280 -21.78 -13.98 18.00
CA PHE B 280 -22.36 -13.04 18.93
C PHE B 280 -23.82 -13.36 19.24
N ASN B 281 -24.53 -13.97 18.28
CA ASN B 281 -25.86 -14.48 18.58
C ASN B 281 -25.80 -15.60 19.61
N TRP B 282 -24.84 -16.52 19.44
CA TRP B 282 -24.68 -17.60 20.40
C TRP B 282 -24.34 -17.07 21.78
N LEU B 283 -23.49 -16.05 21.86
CA LEU B 283 -23.11 -15.49 23.16
C LEU B 283 -24.29 -14.80 23.84
N GLN B 284 -25.14 -14.12 23.06
CA GLN B 284 -26.30 -13.46 23.65
C GLN B 284 -27.29 -14.46 24.20
N THR B 285 -27.62 -15.49 23.41
CA THR B 285 -28.60 -16.48 23.84
C THR B 285 -28.09 -17.27 25.04
N ALA B 286 -26.82 -17.71 25.01
CA ALA B 286 -26.30 -18.57 26.07
C ALA B 286 -26.15 -17.80 27.38
N GLY B 287 -25.86 -16.52 27.33
CA GLY B 287 -25.73 -15.71 28.52
C GLY B 287 -26.91 -14.81 28.83
N ASN B 288 -27.97 -14.88 28.02
CA ASN B 288 -29.13 -14.00 28.15
C ASN B 288 -28.70 -12.53 28.27
N VAL B 289 -27.73 -12.16 27.44
CA VAL B 289 -27.15 -10.81 27.51
C VAL B 289 -28.13 -9.83 26.90
N GLU B 290 -28.32 -8.70 27.58
CA GLU B 290 -29.28 -7.71 27.11
C GLU B 290 -28.67 -6.85 26.00
N HIS B 291 -29.53 -6.04 25.37
CA HIS B 291 -29.15 -5.31 24.17
C HIS B 291 -27.97 -4.38 24.43
N HIS B 292 -28.12 -3.47 25.40
CA HIS B 292 -27.08 -2.47 25.67
C HIS B 292 -25.75 -3.14 26.01
N GLU B 293 -25.81 -4.25 26.76
CA GLU B 293 -24.57 -4.90 27.21
C GLU B 293 -23.82 -5.55 26.05
N MET B 294 -24.55 -6.10 25.07
CA MET B 294 -23.91 -6.69 23.90
C MET B 294 -23.02 -5.68 23.19
N TYR B 295 -23.53 -4.46 22.99
CA TYR B 295 -22.78 -3.42 22.29
C TYR B 295 -21.73 -2.75 23.16
N ARG B 296 -21.69 -3.04 24.46
CA ARG B 296 -20.63 -2.53 25.32
C ARG B 296 -19.46 -3.51 25.42
N THR B 297 -19.76 -4.78 25.65
CA THR B 297 -18.70 -5.76 25.85
C THR B 297 -18.15 -6.30 24.54
N PHE B 298 -19.00 -6.44 23.53
CA PHE B 298 -18.61 -7.06 22.26
C PHE B 298 -18.71 -6.05 21.13
N ASN B 299 -17.88 -6.26 20.09
CA ASN B 299 -17.95 -5.42 18.90
C ASN B 299 -19.12 -5.79 17.99
N CYS B 300 -19.69 -6.98 18.17
CA CYS B 300 -20.90 -7.40 17.46
C CYS B 300 -20.72 -7.39 15.95
N GLY B 301 -19.48 -7.51 15.48
CA GLY B 301 -19.19 -7.62 14.06
C GLY B 301 -18.58 -6.39 13.43
N VAL B 302 -18.27 -5.35 14.21
CA VAL B 302 -17.72 -4.12 13.67
C VAL B 302 -16.37 -3.88 14.32
N GLY B 303 -15.31 -3.90 13.51
CA GLY B 303 -13.97 -3.66 14.01
C GLY B 303 -13.62 -2.19 14.08
N MET B 304 -14.01 -1.43 13.06
CA MET B 304 -13.79 0.00 13.02
C MET B 304 -14.99 0.70 12.41
N ILE B 305 -15.14 1.98 12.76
CA ILE B 305 -16.14 2.85 12.16
C ILE B 305 -15.43 4.09 11.64
N ILE B 306 -15.76 4.48 10.41
CA ILE B 306 -15.08 5.57 9.71
C ILE B 306 -16.08 6.69 9.46
N ALA B 307 -15.74 7.90 9.87
CA ALA B 307 -16.57 9.08 9.66
C ALA B 307 -15.98 9.90 8.51
N LEU B 308 -16.81 10.18 7.51
CA LEU B 308 -16.35 10.86 6.30
C LEU B 308 -17.54 11.57 5.68
N PRO B 309 -17.31 12.60 4.85
CA PRO B 309 -18.42 13.30 4.22
C PRO B 309 -19.20 12.42 3.26
N ALA B 310 -20.50 12.70 3.15
CA ALA B 310 -21.39 11.86 2.36
C ALA B 310 -21.00 11.71 0.89
N PRO B 311 -20.49 12.74 0.19
CA PRO B 311 -20.08 12.52 -1.20
C PRO B 311 -18.93 11.54 -1.37
N GLU B 312 -18.13 11.31 -0.32
CA GLU B 312 -16.98 10.41 -0.41
C GLU B 312 -17.35 8.96 -0.12
N VAL B 313 -18.61 8.66 0.17
CA VAL B 313 -18.98 7.34 0.68
C VAL B 313 -18.86 6.28 -0.41
N ASP B 314 -19.37 6.58 -1.60
CA ASP B 314 -19.37 5.59 -2.67
C ASP B 314 -17.93 5.22 -3.08
N LYS B 315 -17.04 6.21 -3.12
CA LYS B 315 -15.63 5.92 -3.38
C LYS B 315 -15.04 5.04 -2.29
N ALA B 316 -15.34 5.36 -1.03
CA ALA B 316 -14.75 4.62 0.08
C ALA B 316 -15.26 3.18 0.14
N LEU B 317 -16.58 3.00 -0.02
CA LEU B 317 -17.15 1.67 0.04
C LEU B 317 -16.62 0.78 -1.09
N ALA B 318 -16.46 1.35 -2.28
CA ALA B 318 -15.93 0.58 -3.40
C ALA B 318 -14.47 0.19 -3.17
N LEU B 319 -13.66 1.13 -2.68
CA LEU B 319 -12.26 0.86 -2.42
C LEU B 319 -12.10 -0.23 -1.36
N LEU B 320 -12.80 -0.07 -0.23
CA LEU B 320 -12.62 -0.99 0.89
C LEU B 320 -13.10 -2.40 0.55
N ASN B 321 -14.26 -2.50 -0.09
CA ASN B 321 -14.83 -3.82 -0.39
C ASN B 321 -14.04 -4.55 -1.46
N ALA B 322 -13.43 -3.81 -2.40
CA ALA B 322 -12.62 -4.44 -3.43
C ALA B 322 -11.21 -4.77 -2.96
N ASN B 323 -10.86 -4.43 -1.72
CA ASN B 323 -9.52 -4.64 -1.20
C ASN B 323 -9.56 -5.34 0.15
N GLY B 324 -10.34 -6.43 0.22
CA GLY B 324 -10.28 -7.33 1.35
C GLY B 324 -10.96 -6.87 2.62
N GLU B 325 -11.94 -5.98 2.54
CA GLU B 325 -12.69 -5.54 3.70
C GLU B 325 -14.18 -5.73 3.49
N ASN B 326 -14.90 -5.87 4.58
CA ASN B 326 -16.36 -5.94 4.59
C ASN B 326 -16.86 -4.58 5.07
N ALA B 327 -17.08 -3.68 4.13
CA ALA B 327 -17.45 -2.30 4.44
C ALA B 327 -18.91 -2.06 4.06
N TRP B 328 -19.59 -1.27 4.89
CA TRP B 328 -20.98 -0.93 4.65
C TRP B 328 -21.33 0.34 5.42
N LYS B 329 -22.37 1.02 4.96
CA LYS B 329 -22.85 2.21 5.63
C LYS B 329 -23.60 1.82 6.90
N ILE B 330 -23.09 2.25 8.05
CA ILE B 330 -23.64 1.84 9.34
C ILE B 330 -24.44 2.93 10.03
N GLY B 331 -24.20 4.20 9.73
CA GLY B 331 -24.95 5.26 10.39
C GLY B 331 -24.53 6.63 9.90
N ILE B 332 -24.96 7.64 10.65
CA ILE B 332 -24.71 9.04 10.32
C ILE B 332 -24.39 9.81 11.60
N ILE B 333 -23.71 10.94 11.42
CA ILE B 333 -23.47 11.90 12.50
C ILE B 333 -24.43 13.06 12.33
N LYS B 334 -25.18 13.39 13.37
CA LYS B 334 -26.11 14.50 13.33
C LYS B 334 -25.82 15.46 14.47
N ALA B 335 -26.14 16.74 14.24
CA ALA B 335 -25.96 17.76 15.26
C ALA B 335 -26.94 17.51 16.40
N SER B 336 -26.41 17.47 17.63
CA SER B 336 -27.23 17.15 18.80
C SER B 336 -26.47 17.42 20.09
N ASP B 337 -27.06 18.17 21.00
CA ASP B 337 -26.50 18.39 22.33
C ASP B 337 -26.89 17.29 23.31
N SER B 338 -27.39 16.16 22.80
CA SER B 338 -27.78 15.06 23.67
C SER B 338 -26.57 14.49 24.40
N GLU B 339 -26.76 14.13 25.67
CA GLU B 339 -25.71 13.50 26.43
C GLU B 339 -25.49 12.04 26.04
N GLN B 340 -26.44 11.44 25.34
CA GLN B 340 -26.27 10.09 24.80
C GLN B 340 -25.64 10.24 23.42
N ARG B 341 -24.32 10.10 23.36
CA ARG B 341 -23.57 10.41 22.14
C ARG B 341 -23.76 9.34 21.06
N VAL B 342 -24.24 8.15 21.41
CA VAL B 342 -24.41 7.07 20.45
C VAL B 342 -25.83 6.53 20.60
N VAL B 343 -26.53 6.42 19.47
CA VAL B 343 -27.88 5.86 19.42
C VAL B 343 -27.85 4.67 18.49
N ILE B 344 -28.24 3.51 19.02
CA ILE B 344 -28.33 2.27 18.24
C ILE B 344 -29.80 1.91 18.15
N GLU B 345 -30.42 2.21 17.01
CA GLU B 345 -31.85 2.01 16.83
C GLU B 345 -32.13 1.12 15.62
N THR C 5 -1.30 -38.53 -29.31
CA THR C 5 -1.46 -37.23 -29.97
C THR C 5 -1.34 -36.09 -28.96
N SER C 6 -0.26 -35.34 -29.06
CA SER C 6 0.03 -34.23 -28.16
C SER C 6 -0.46 -32.93 -28.79
N LEU C 7 -1.35 -32.22 -28.08
CA LEU C 7 -1.89 -30.96 -28.56
C LEU C 7 -0.99 -29.81 -28.13
N SER C 8 -0.91 -28.79 -29.00
CA SER C 8 -0.05 -27.65 -28.76
C SER C 8 -0.71 -26.40 -29.34
N TYR C 9 -0.03 -25.25 -29.18
CA TYR C 9 -0.53 -24.02 -29.77
C TYR C 9 -0.55 -24.11 -31.30
N LYS C 10 0.35 -24.91 -31.87
CA LYS C 10 0.36 -25.10 -33.31
C LYS C 10 -0.95 -25.70 -33.81
N ASP C 11 -1.58 -26.55 -32.99
CA ASP C 11 -2.89 -27.12 -33.32
C ASP C 11 -4.03 -26.13 -33.15
N ALA C 12 -3.78 -24.98 -32.53
CA ALA C 12 -4.82 -23.99 -32.30
C ALA C 12 -4.81 -22.92 -33.39
N GLY C 13 -5.18 -21.69 -33.05
CA GLY C 13 -5.32 -20.64 -34.04
C GLY C 13 -4.40 -19.45 -33.87
N VAL C 14 -3.88 -19.25 -32.66
CA VAL C 14 -3.04 -18.09 -32.38
C VAL C 14 -1.58 -18.51 -32.47
N ASP C 15 -0.74 -17.58 -32.93
CA ASP C 15 0.70 -17.75 -32.99
C ASP C 15 1.32 -16.74 -32.03
N ILE C 16 1.90 -17.24 -30.93
CA ILE C 16 2.38 -16.38 -29.87
C ILE C 16 3.52 -15.47 -30.33
N ASP C 17 4.20 -15.83 -31.42
CA ASP C 17 5.29 -15.03 -31.95
C ASP C 17 4.88 -14.20 -33.15
N ALA C 18 3.57 -14.12 -33.44
CA ALA C 18 3.11 -13.26 -34.53
C ALA C 18 3.31 -11.79 -34.19
N GLY C 19 2.93 -11.39 -32.97
CA GLY C 19 3.17 -10.03 -32.53
C GLY C 19 4.65 -9.69 -32.46
N ASN C 20 5.48 -10.67 -32.12
CA ASN C 20 6.92 -10.44 -32.13
C ASN C 20 7.46 -10.27 -33.54
N ALA C 21 6.84 -10.92 -34.53
CA ALA C 21 7.24 -10.73 -35.91
C ALA C 21 6.87 -9.35 -36.42
N LEU C 22 5.78 -8.77 -35.90
CA LEU C 22 5.39 -7.42 -36.30
C LEU C 22 6.31 -6.38 -35.69
N VAL C 23 6.66 -6.55 -34.41
CA VAL C 23 7.55 -5.59 -33.74
C VAL C 23 8.91 -5.59 -34.41
N GLY C 24 9.38 -6.76 -34.85
CA GLY C 24 10.64 -6.84 -35.57
C GLY C 24 10.65 -6.11 -36.89
N ARG C 25 9.49 -5.88 -37.49
CA ARG C 25 9.41 -5.16 -38.76
C ARG C 25 9.21 -3.67 -38.57
N ILE C 26 8.64 -3.24 -37.44
CA ILE C 26 8.31 -1.83 -37.23
C ILE C 26 9.35 -1.12 -36.37
N LYS C 27 10.42 -1.81 -35.97
CA LYS C 27 11.43 -1.20 -35.11
C LYS C 27 12.01 0.06 -35.75
N GLY C 28 12.16 0.07 -37.08
CA GLY C 28 12.75 1.22 -37.73
C GLY C 28 11.84 2.43 -37.74
N VAL C 29 10.59 2.25 -38.17
CA VAL C 29 9.67 3.38 -38.28
C VAL C 29 9.25 3.89 -36.90
N VAL C 30 9.30 3.02 -35.89
CA VAL C 30 8.93 3.45 -34.54
C VAL C 30 10.03 4.30 -33.93
N LYS C 31 11.29 3.97 -34.21
CA LYS C 31 12.39 4.79 -33.71
C LYS C 31 12.37 6.19 -34.29
N LYS C 32 11.80 6.36 -35.47
CA LYS C 32 11.75 7.67 -36.11
C LYS C 32 10.80 8.63 -35.39
N THR C 33 9.81 8.10 -34.67
CA THR C 33 8.90 8.94 -33.89
C THR C 33 9.39 9.20 -32.49
N ARG C 34 10.57 8.68 -32.13
CA ARG C 34 11.06 8.75 -30.76
C ARG C 34 11.41 10.18 -30.38
N ARG C 35 10.80 10.68 -29.30
CA ARG C 35 11.15 11.97 -28.72
C ARG C 35 12.24 11.79 -27.67
N PRO C 36 12.92 12.88 -27.28
CA PRO C 36 13.94 12.75 -26.23
C PRO C 36 13.40 12.26 -24.91
N GLU C 37 12.12 12.53 -24.60
CA GLU C 37 11.54 12.10 -23.33
C GLU C 37 11.37 10.59 -23.24
N VAL C 38 11.46 9.87 -24.36
CA VAL C 38 11.23 8.43 -24.36
C VAL C 38 12.50 7.70 -23.97
N MET C 39 12.36 6.71 -23.09
CA MET C 39 13.46 5.85 -22.67
C MET C 39 13.11 4.40 -22.99
N GLY C 40 14.12 3.53 -22.91
CA GLY C 40 13.91 2.13 -23.20
C GLY C 40 13.64 1.90 -24.68
N GLY C 41 12.65 1.06 -24.96
CA GLY C 41 12.30 0.79 -26.34
C GLY C 41 11.18 -0.24 -26.42
N LEU C 42 10.92 -0.69 -27.63
CA LEU C 42 9.92 -1.73 -27.83
C LEU C 42 10.42 -3.06 -27.30
N GLY C 43 9.49 -3.89 -26.82
CA GLY C 43 9.78 -5.21 -26.30
C GLY C 43 9.55 -5.35 -24.80
N GLY C 44 9.78 -4.27 -24.04
CA GLY C 44 9.60 -4.32 -22.61
C GLY C 44 8.14 -4.48 -22.21
N PHE C 45 7.94 -4.81 -20.93
CA PHE C 45 6.58 -4.98 -20.43
C PHE C 45 5.79 -3.69 -20.48
N GLY C 46 6.46 -2.55 -20.38
CA GLY C 46 5.79 -1.27 -20.45
C GLY C 46 6.67 -0.23 -21.11
N ALA C 47 6.02 0.79 -21.67
CA ALA C 47 6.72 1.88 -22.34
C ALA C 47 7.08 2.97 -21.34
N LEU C 48 8.25 3.57 -21.53
CA LEU C 48 8.77 4.61 -20.64
C LEU C 48 8.80 5.94 -21.37
N CYS C 49 8.31 6.99 -20.72
CA CYS C 49 8.33 8.33 -21.31
C CYS C 49 8.29 9.35 -20.19
N ALA C 50 9.31 10.20 -20.12
CA ALA C 50 9.35 11.26 -19.12
C ALA C 50 8.45 12.42 -19.55
N LEU C 51 8.31 13.38 -18.65
CA LEU C 51 7.47 14.52 -18.93
C LEU C 51 8.30 15.66 -19.51
N PRO C 52 7.71 16.45 -20.42
CA PRO C 52 8.42 17.62 -20.94
C PRO C 52 8.81 18.56 -19.83
N GLN C 53 10.01 19.14 -19.95
CA GLN C 53 10.60 19.90 -18.85
C GLN C 53 9.85 21.20 -18.59
N LYS C 54 9.19 21.75 -19.60
CA LYS C 54 8.62 23.10 -19.48
C LYS C 54 7.44 23.18 -18.53
N TYR C 55 6.84 22.05 -18.17
CA TYR C 55 5.60 22.04 -17.39
C TYR C 55 5.91 22.12 -15.90
N ARG C 56 5.34 23.13 -15.23
CA ARG C 56 5.48 23.27 -13.79
C ARG C 56 4.41 22.49 -13.03
N GLU C 57 3.18 22.48 -13.55
CA GLU C 57 2.08 21.69 -12.98
C GLU C 57 1.47 20.87 -14.11
N PRO C 58 2.14 19.81 -14.54
CA PRO C 58 1.65 19.04 -15.69
C PRO C 58 0.39 18.26 -15.35
N VAL C 59 -0.62 18.38 -16.20
CA VAL C 59 -1.84 17.59 -16.11
C VAL C 59 -1.89 16.70 -17.34
N LEU C 60 -2.14 15.42 -17.13
CA LEU C 60 -2.18 14.45 -18.20
C LEU C 60 -3.56 14.41 -18.84
N VAL C 61 -3.60 14.43 -20.17
CA VAL C 61 -4.83 14.32 -20.94
C VAL C 61 -4.73 13.07 -21.80
N SER C 62 -5.79 12.27 -21.80
CA SER C 62 -5.77 10.99 -22.50
C SER C 62 -7.09 10.76 -23.21
N GLY C 63 -7.07 9.84 -24.16
CA GLY C 63 -8.26 9.49 -24.92
C GLY C 63 -8.01 8.27 -25.77
N THR C 64 -9.11 7.71 -26.27
CA THR C 64 -9.06 6.55 -27.16
C THR C 64 -10.03 6.77 -28.31
N ASP C 65 -9.93 5.93 -29.33
CA ASP C 65 -10.69 6.11 -30.56
C ASP C 65 -10.52 4.89 -31.44
N GLY C 66 -11.22 4.89 -32.57
CA GLY C 66 -11.04 3.89 -33.60
C GLY C 66 -11.55 4.42 -34.92
N VAL C 67 -10.89 3.99 -36.01
CA VAL C 67 -11.33 4.43 -37.32
C VAL C 67 -12.60 3.70 -37.76
N GLY C 68 -12.70 2.41 -37.41
CA GLY C 68 -13.92 1.66 -37.61
C GLY C 68 -14.37 1.48 -39.05
N THR C 69 -15.38 2.24 -39.46
CA THR C 69 -16.01 2.00 -40.76
C THR C 69 -15.08 2.40 -41.90
N LYS C 70 -14.32 3.48 -41.73
CA LYS C 70 -13.36 3.86 -42.77
C LYS C 70 -12.34 2.75 -43.02
N LEU C 71 -11.99 2.00 -41.97
CA LEU C 71 -11.11 0.86 -42.13
C LEU C 71 -11.76 -0.21 -43.01
N ARG C 72 -13.04 -0.50 -42.75
CA ARG C 72 -13.75 -1.47 -43.57
C ARG C 72 -13.79 -1.02 -45.03
N LEU C 73 -13.89 0.29 -45.27
CA LEU C 73 -13.96 0.80 -46.63
C LEU C 73 -12.58 0.84 -47.27
N ALA C 74 -11.56 1.28 -46.51
CA ALA C 74 -10.20 1.31 -47.05
C ALA C 74 -9.72 -0.09 -47.40
N MET C 75 -10.08 -1.08 -46.60
CA MET C 75 -9.69 -2.46 -46.89
C MET C 75 -10.37 -2.96 -48.16
N ASP C 76 -11.63 -2.59 -48.37
CA ASP C 76 -12.33 -2.99 -49.58
C ASP C 76 -11.70 -2.41 -50.84
N LEU C 77 -10.92 -1.34 -50.72
CA LEU C 77 -10.14 -0.80 -51.82
C LEU C 77 -8.67 -1.15 -51.72
N LYS C 78 -8.30 -2.04 -50.79
CA LYS C 78 -6.93 -2.52 -50.63
C LYS C 78 -5.95 -1.36 -50.42
N ARG C 79 -6.23 -0.57 -49.40
CA ARG C 79 -5.41 0.60 -49.07
C ARG C 79 -5.25 0.66 -47.56
N HIS C 80 -4.01 0.51 -47.08
CA HIS C 80 -3.74 0.48 -45.66
C HIS C 80 -2.65 1.43 -45.20
N ASP C 81 -2.08 2.22 -46.10
CA ASP C 81 -0.93 3.05 -45.76
C ASP C 81 -1.29 4.38 -45.11
N THR C 82 -2.56 4.80 -45.16
CA THR C 82 -2.97 6.07 -44.59
C THR C 82 -3.99 5.94 -43.47
N ILE C 83 -4.64 4.77 -43.32
CA ILE C 83 -5.63 4.61 -42.25
C ILE C 83 -4.99 4.77 -40.88
N GLY C 84 -3.69 4.52 -40.76
CA GLY C 84 -3.00 4.77 -39.51
C GLY C 84 -2.91 6.23 -39.15
N ILE C 85 -2.78 7.10 -40.16
CA ILE C 85 -2.81 8.54 -39.91
C ILE C 85 -4.17 8.96 -39.37
N ASP C 86 -5.23 8.33 -39.87
CA ASP C 86 -6.58 8.63 -39.38
C ASP C 86 -6.72 8.27 -37.91
N LEU C 87 -6.10 7.17 -37.49
CA LEU C 87 -6.19 6.74 -36.09
C LEU C 87 -5.55 7.77 -35.16
N VAL C 88 -4.31 8.17 -35.47
CA VAL C 88 -3.61 9.15 -34.64
C VAL C 88 -4.35 10.48 -34.66
N ALA C 89 -4.89 10.86 -35.82
CA ALA C 89 -5.51 12.17 -35.96
C ALA C 89 -6.71 12.34 -35.05
N MET C 90 -7.55 11.30 -34.93
CA MET C 90 -8.70 11.39 -34.04
C MET C 90 -8.26 11.65 -32.60
N CYS C 91 -7.24 10.92 -32.13
CA CYS C 91 -6.62 11.18 -30.83
C CYS C 91 -6.15 12.61 -30.69
N VAL C 92 -5.10 12.97 -31.43
CA VAL C 92 -4.34 14.18 -31.13
C VAL C 92 -5.18 15.43 -31.39
N ASN C 93 -6.16 15.36 -32.29
CA ASN C 93 -7.06 16.49 -32.44
C ASN C 93 -7.99 16.63 -31.24
N ASP C 94 -8.31 15.51 -30.58
CA ASP C 94 -9.12 15.58 -29.37
C ASP C 94 -8.32 16.03 -28.15
N LEU C 95 -6.99 15.87 -28.17
CA LEU C 95 -6.17 16.32 -27.05
C LEU C 95 -6.01 17.83 -27.04
N VAL C 96 -5.67 18.42 -28.20
CA VAL C 96 -5.38 19.84 -28.27
C VAL C 96 -6.60 20.70 -27.97
N VAL C 97 -7.79 20.10 -28.00
CA VAL C 97 -9.02 20.84 -27.66
C VAL C 97 -8.89 21.49 -26.29
N GLN C 98 -8.26 20.80 -25.35
CA GLN C 98 -8.04 21.34 -24.01
C GLN C 98 -6.64 21.90 -23.82
N GLY C 99 -5.84 21.97 -24.88
CA GLY C 99 -4.52 22.57 -24.82
C GLY C 99 -3.39 21.61 -24.56
N ALA C 100 -3.63 20.31 -24.60
CA ALA C 100 -2.58 19.33 -24.30
C ALA C 100 -1.71 19.10 -25.52
N GLU C 101 -0.40 19.02 -25.30
CA GLU C 101 0.44 18.61 -26.42
C GLU C 101 0.57 17.09 -26.42
N PRO C 102 0.41 16.44 -27.57
CA PRO C 102 0.57 14.98 -27.61
C PRO C 102 1.97 14.56 -27.19
N LEU C 103 2.05 13.57 -26.30
CA LEU C 103 3.32 13.09 -25.79
C LEU C 103 3.66 11.71 -26.35
N PHE C 104 2.79 10.72 -26.17
CA PHE C 104 3.06 9.40 -26.73
C PHE C 104 1.75 8.73 -27.13
N PHE C 105 1.89 7.69 -27.95
CA PHE C 105 0.75 7.03 -28.58
C PHE C 105 0.96 5.51 -28.54
N LEU C 106 -0.15 4.78 -28.35
CA LEU C 106 -0.14 3.32 -28.41
C LEU C 106 -1.28 2.85 -29.30
N ASP C 107 -1.13 1.65 -29.85
CA ASP C 107 -2.13 1.08 -30.75
C ASP C 107 -2.39 -0.37 -30.39
N TYR C 108 -3.64 -0.80 -30.53
CA TYR C 108 -4.06 -2.17 -30.31
C TYR C 108 -4.50 -2.74 -31.64
N TYR C 109 -3.72 -3.67 -32.18
CA TYR C 109 -3.99 -4.27 -33.49
C TYR C 109 -4.55 -5.67 -33.29
N ALA C 110 -5.78 -5.89 -33.74
CA ALA C 110 -6.45 -7.17 -33.61
C ALA C 110 -6.88 -7.66 -34.99
N THR C 111 -6.70 -8.96 -35.23
CA THR C 111 -6.99 -9.56 -36.52
C THR C 111 -7.13 -11.05 -36.35
N GLY C 112 -7.63 -11.70 -37.40
CA GLY C 112 -7.75 -13.16 -37.39
C GLY C 112 -6.40 -13.84 -37.53
N LYS C 113 -5.83 -13.80 -38.73
CA LYS C 113 -4.48 -14.26 -38.98
C LYS C 113 -3.64 -13.06 -39.38
N LEU C 114 -2.45 -12.94 -38.79
CA LEU C 114 -1.63 -11.75 -38.98
C LEU C 114 -1.02 -11.72 -40.36
N ASP C 115 -1.31 -10.66 -41.11
CA ASP C 115 -0.61 -10.33 -42.35
C ASP C 115 0.42 -9.26 -42.00
N VAL C 116 1.68 -9.68 -41.83
CA VAL C 116 2.72 -8.76 -41.37
C VAL C 116 2.91 -7.62 -42.36
N ASP C 117 2.76 -7.89 -43.65
CA ASP C 117 2.85 -6.83 -44.64
C ASP C 117 1.73 -5.81 -44.47
N THR C 118 0.51 -6.28 -44.24
CA THR C 118 -0.63 -5.38 -44.05
C THR C 118 -0.51 -4.61 -42.75
N ALA C 119 -0.20 -5.32 -41.65
CA ALA C 119 -0.09 -4.66 -40.35
C ALA C 119 1.03 -3.64 -40.34
N SER C 120 2.19 -3.97 -40.91
CA SER C 120 3.30 -3.03 -40.93
C SER C 120 2.96 -1.76 -41.71
N ALA C 121 2.17 -1.89 -42.78
CA ALA C 121 1.71 -0.71 -43.51
C ALA C 121 0.79 0.14 -42.65
N VAL C 122 -0.01 -0.49 -41.78
CA VAL C 122 -0.87 0.26 -40.88
C VAL C 122 -0.02 0.96 -39.81
N ILE C 123 0.98 0.26 -39.27
CA ILE C 123 1.83 0.84 -38.25
C ILE C 123 2.64 2.01 -38.82
N SER C 124 3.06 1.90 -40.08
CA SER C 124 3.81 2.99 -40.70
C SER C 124 2.94 4.24 -40.83
N GLY C 125 1.66 4.07 -41.15
CA GLY C 125 0.75 5.21 -41.16
C GLY C 125 0.54 5.78 -39.77
N ILE C 126 0.52 4.91 -38.75
CA ILE C 126 0.43 5.38 -37.38
C ILE C 126 1.67 6.18 -37.00
N ALA C 127 2.85 5.64 -37.34
CA ALA C 127 4.10 6.36 -37.06
C ALA C 127 4.14 7.70 -37.78
N GLU C 128 3.61 7.75 -39.00
CA GLU C 128 3.55 9.01 -39.73
C GLU C 128 2.66 10.01 -39.00
N GLY C 129 1.49 9.57 -38.56
CA GLY C 129 0.61 10.44 -37.81
C GLY C 129 1.23 10.92 -36.50
N CYS C 130 2.06 10.09 -35.87
CA CYS C 130 2.76 10.52 -34.68
C CYS C 130 3.80 11.58 -35.00
N LEU C 131 4.36 11.56 -36.21
CA LEU C 131 5.36 12.56 -36.58
C LEU C 131 4.72 13.93 -36.79
N GLN C 132 3.57 13.98 -37.46
CA GLN C 132 2.91 15.27 -37.67
C GLN C 132 2.36 15.84 -36.36
N SER C 133 1.97 14.98 -35.43
CA SER C 133 1.43 15.44 -34.15
C SER C 133 2.52 15.68 -33.11
N GLY C 134 3.75 15.25 -33.37
CA GLY C 134 4.84 15.50 -32.44
C GLY C 134 4.89 14.61 -31.23
N CYS C 135 4.33 13.40 -31.33
CA CYS C 135 4.35 12.44 -30.24
C CYS C 135 5.06 11.16 -30.70
N SER C 136 5.36 10.30 -29.74
CA SER C 136 6.11 9.08 -29.98
C SER C 136 5.21 7.86 -29.92
N LEU C 137 5.40 6.94 -30.87
CA LEU C 137 4.77 5.62 -30.81
C LEU C 137 5.63 4.74 -29.91
N VAL C 138 5.17 4.54 -28.66
CA VAL C 138 6.02 3.92 -27.66
C VAL C 138 5.65 2.48 -27.35
N GLY C 139 4.55 1.97 -27.87
CA GLY C 139 4.17 0.60 -27.59
C GLY C 139 2.88 0.23 -28.30
N GLY C 140 2.46 -1.01 -28.07
CA GLY C 140 1.24 -1.48 -28.69
C GLY C 140 0.96 -2.93 -28.32
N GLU C 141 -0.02 -3.50 -29.00
CA GLU C 141 -0.43 -4.88 -28.78
C GLU C 141 -0.94 -5.47 -30.09
N THR C 142 -0.56 -6.71 -30.36
CA THR C 142 -0.97 -7.41 -31.56
C THR C 142 -1.67 -8.70 -31.14
N ALA C 143 -2.99 -8.74 -31.32
CA ALA C 143 -3.81 -9.88 -30.92
C ALA C 143 -4.29 -10.65 -32.14
N GLU C 144 -4.51 -11.95 -31.95
CA GLU C 144 -4.97 -12.84 -33.01
C GLU C 144 -6.18 -13.61 -32.51
N MET C 145 -7.35 -13.34 -33.10
CA MET C 145 -8.59 -14.04 -32.78
C MET C 145 -9.21 -14.51 -34.09
N PRO C 146 -8.83 -15.70 -34.56
CA PRO C 146 -9.32 -16.16 -35.87
C PRO C 146 -10.82 -16.39 -35.94
N GLY C 147 -11.50 -16.50 -34.80
CA GLY C 147 -12.92 -16.78 -34.81
C GLY C 147 -13.80 -15.54 -34.89
N MET C 148 -13.23 -14.38 -34.57
CA MET C 148 -13.99 -13.13 -34.54
C MET C 148 -13.87 -12.32 -35.82
N TYR C 149 -12.68 -12.20 -36.38
CA TYR C 149 -12.48 -11.39 -37.57
C TYR C 149 -12.59 -12.25 -38.82
N HIS C 150 -13.42 -11.81 -39.77
CA HIS C 150 -13.76 -12.57 -40.96
C HIS C 150 -12.60 -12.51 -41.94
N GLY C 151 -11.69 -13.47 -41.82
CA GLY C 151 -10.58 -13.60 -42.75
C GLY C 151 -9.51 -12.53 -42.60
N GLU C 152 -9.32 -11.73 -43.65
CA GLU C 152 -8.30 -10.69 -43.65
C GLU C 152 -8.67 -9.48 -42.80
N ASP C 153 -9.87 -9.44 -42.24
CA ASP C 153 -10.33 -8.27 -41.52
C ASP C 153 -9.49 -8.04 -40.26
N TYR C 154 -9.35 -6.76 -39.91
CA TYR C 154 -8.59 -6.37 -38.72
C TYR C 154 -9.22 -5.13 -38.12
N ASP C 155 -9.06 -4.97 -36.82
CA ASP C 155 -9.50 -3.78 -36.11
C ASP C 155 -8.31 -3.18 -35.38
N VAL C 156 -8.25 -1.85 -35.36
CA VAL C 156 -7.19 -1.13 -34.67
C VAL C 156 -7.82 -0.16 -33.69
N ALA C 157 -7.14 0.05 -32.57
CA ALA C 157 -7.58 0.98 -31.54
C ALA C 157 -6.38 1.81 -31.10
N GLY C 158 -6.59 3.12 -30.99
CA GLY C 158 -5.53 4.05 -30.65
C GLY C 158 -5.72 4.64 -29.27
N PHE C 159 -4.60 4.87 -28.57
CA PHE C 159 -4.61 5.54 -27.28
C PHE C 159 -3.48 6.56 -27.26
N CYS C 160 -3.77 7.73 -26.70
N CYS C 160 -3.76 7.74 -26.71
CA CYS C 160 -2.84 8.84 -26.66
CA CYS C 160 -2.78 8.81 -26.70
C CYS C 160 -2.82 9.44 -25.27
C CYS C 160 -2.85 9.57 -25.38
N VAL C 161 -1.69 10.02 -24.90
CA VAL C 161 -1.56 10.79 -23.67
C VAL C 161 -0.91 12.11 -24.01
N GLY C 162 -1.53 13.21 -23.58
CA GLY C 162 -1.00 14.54 -23.76
C GLY C 162 -0.77 15.22 -22.42
N VAL C 163 0.01 16.31 -22.46
CA VAL C 163 0.36 17.07 -21.28
C VAL C 163 -0.05 18.52 -21.48
N VAL C 164 -0.74 19.08 -20.49
CA VAL C 164 -1.16 20.48 -20.51
C VAL C 164 -0.81 21.10 -19.17
N GLU C 165 -0.43 22.37 -19.20
CA GLU C 165 -0.21 23.12 -17.97
C GLU C 165 -1.54 23.32 -17.25
N LYS C 166 -1.55 23.07 -15.93
CA LYS C 166 -2.80 23.09 -15.18
C LYS C 166 -3.50 24.43 -15.28
N SER C 167 -2.74 25.53 -15.15
CA SER C 167 -3.35 26.85 -15.17
C SER C 167 -3.84 27.24 -16.56
N GLU C 168 -3.40 26.56 -17.61
CA GLU C 168 -3.71 26.93 -18.98
C GLU C 168 -4.65 25.94 -19.66
N ILE C 169 -5.42 25.18 -18.89
CA ILE C 169 -6.39 24.26 -19.47
C ILE C 169 -7.53 25.04 -20.08
N ILE C 170 -7.93 24.67 -21.29
CA ILE C 170 -9.06 25.29 -21.97
C ILE C 170 -10.31 24.52 -21.56
N ASP C 171 -11.05 25.08 -20.60
CA ASP C 171 -12.26 24.45 -20.09
C ASP C 171 -13.53 25.06 -20.67
N GLY C 172 -13.41 26.07 -21.54
CA GLY C 172 -14.56 26.69 -22.15
C GLY C 172 -15.35 27.61 -21.27
N SER C 173 -14.88 27.90 -20.05
CA SER C 173 -15.60 28.79 -19.15
C SER C 173 -15.49 30.26 -19.54
N LYS C 174 -14.54 30.61 -20.39
CA LYS C 174 -14.36 31.98 -20.84
C LYS C 174 -15.20 32.30 -22.08
N VAL C 175 -15.97 31.35 -22.58
CA VAL C 175 -16.80 31.60 -23.76
C VAL C 175 -17.95 32.52 -23.37
N SER C 176 -18.19 33.54 -24.20
CA SER C 176 -19.24 34.52 -23.95
C SER C 176 -19.88 34.92 -25.27
N ASP C 177 -21.05 35.55 -25.17
CA ASP C 177 -21.68 36.10 -26.36
C ASP C 177 -20.78 37.16 -26.98
N GLY C 178 -20.74 37.19 -28.30
CA GLY C 178 -19.83 38.03 -29.04
C GLY C 178 -18.55 37.34 -29.47
N ASP C 179 -18.23 36.19 -28.87
CA ASP C 179 -17.12 35.40 -29.36
C ASP C 179 -17.37 34.97 -30.81
N VAL C 180 -16.31 35.00 -31.60
CA VAL C 180 -16.40 34.67 -33.02
C VAL C 180 -15.87 33.26 -33.22
N LEU C 181 -16.48 32.54 -34.16
CA LEU C 181 -16.10 31.17 -34.47
C LEU C 181 -15.21 31.16 -35.72
N ILE C 182 -14.03 30.55 -35.59
CA ILE C 182 -13.11 30.35 -36.69
C ILE C 182 -13.10 28.87 -37.06
N ALA C 183 -13.20 28.59 -38.36
CA ALA C 183 -13.21 27.21 -38.84
C ALA C 183 -11.86 26.87 -39.46
N LEU C 184 -11.39 25.65 -39.18
CA LEU C 184 -10.21 25.09 -39.83
C LEU C 184 -10.69 24.08 -40.87
N GLY C 185 -10.27 24.29 -42.12
CA GLY C 185 -10.73 23.42 -43.18
C GLY C 185 -10.24 21.99 -43.01
N SER C 186 -11.04 21.06 -43.49
CA SER C 186 -10.74 19.64 -43.41
C SER C 186 -10.21 19.12 -44.75
N SER C 187 -9.63 17.93 -44.71
CA SER C 187 -9.10 17.28 -45.89
C SER C 187 -10.10 16.36 -46.57
N GLY C 188 -11.33 16.27 -46.04
CA GLY C 188 -12.32 15.38 -46.56
C GLY C 188 -13.23 14.88 -45.45
N PRO C 189 -13.86 13.73 -45.66
CA PRO C 189 -14.72 13.15 -44.61
C PRO C 189 -13.96 12.77 -43.35
N HIS C 190 -12.62 12.81 -43.38
CA HIS C 190 -11.79 12.45 -42.25
C HIS C 190 -12.05 11.00 -41.82
N SER C 191 -12.77 10.79 -40.73
CA SER C 191 -13.00 9.42 -40.24
C SER C 191 -14.40 9.28 -39.67
N ASN C 192 -15.38 9.95 -40.27
CA ASN C 192 -16.76 9.87 -39.82
C ASN C 192 -17.70 9.91 -41.02
N GLY C 193 -18.80 9.17 -40.90
CA GLY C 193 -19.81 9.14 -41.94
C GLY C 193 -19.58 8.13 -43.04
N TYR C 194 -18.64 7.20 -42.87
CA TYR C 194 -18.34 6.25 -43.93
C TYR C 194 -19.35 5.11 -44.00
N SER C 195 -20.14 4.91 -42.95
CA SER C 195 -21.25 3.97 -43.04
C SER C 195 -22.27 4.45 -44.07
N LEU C 196 -22.49 5.77 -44.13
CA LEU C 196 -23.37 6.34 -45.14
C LEU C 196 -22.69 6.38 -46.50
N VAL C 197 -21.38 6.61 -46.53
CA VAL C 197 -20.64 6.59 -47.80
C VAL C 197 -20.80 5.23 -48.47
N ARG C 198 -20.72 4.15 -47.70
CA ARG C 198 -20.90 2.82 -48.26
C ARG C 198 -22.29 2.66 -48.85
N LYS C 199 -23.32 3.17 -48.17
CA LYS C 199 -24.69 3.06 -48.67
C LYS C 199 -24.89 3.92 -49.91
N ILE C 200 -24.28 5.10 -49.94
CA ILE C 200 -24.39 5.97 -51.12
C ILE C 200 -23.73 5.30 -52.32
N LEU C 201 -22.59 4.65 -52.11
CA LEU C 201 -21.91 3.96 -53.21
C LEU C 201 -22.71 2.77 -53.72
N GLU C 202 -23.65 2.24 -52.93
CA GLU C 202 -24.53 1.18 -53.39
C GLU C 202 -25.75 1.72 -54.11
N VAL C 203 -26.32 2.82 -53.61
CA VAL C 203 -27.47 3.45 -54.29
C VAL C 203 -27.06 3.90 -55.68
N SER C 204 -25.90 4.54 -55.80
CA SER C 204 -25.42 5.04 -57.08
C SER C 204 -24.84 3.92 -57.95
N GLY C 205 -24.48 2.78 -57.37
CA GLY C 205 -23.81 1.75 -58.14
C GLY C 205 -22.48 2.21 -58.72
N CYS C 206 -21.76 3.03 -57.97
CA CYS C 206 -20.54 3.68 -58.45
C CYS C 206 -19.31 2.94 -57.97
N ASP C 207 -18.39 2.67 -58.90
CA ASP C 207 -17.09 2.14 -58.54
C ASP C 207 -16.18 3.30 -58.18
N PRO C 208 -15.83 3.50 -56.90
CA PRO C 208 -15.09 4.71 -56.52
C PRO C 208 -13.67 4.75 -57.06
N GLN C 209 -13.14 3.66 -57.61
CA GLN C 209 -11.78 3.69 -58.14
C GLN C 209 -11.74 4.13 -59.59
N THR C 210 -12.71 3.73 -60.40
CA THR C 210 -12.76 4.16 -61.79
C THR C 210 -13.45 5.50 -61.97
N THR C 211 -14.29 5.91 -61.02
CA THR C 211 -14.97 7.19 -61.10
C THR C 211 -14.02 8.30 -60.65
N GLU C 212 -13.82 9.29 -61.50
CA GLU C 212 -12.93 10.40 -61.21
C GLU C 212 -13.74 11.64 -60.88
N LEU C 213 -13.25 12.41 -59.91
CA LEU C 213 -13.89 13.66 -59.49
C LEU C 213 -12.86 14.78 -59.61
N ASP C 214 -13.07 15.67 -60.58
CA ASP C 214 -12.20 16.82 -60.82
C ASP C 214 -10.76 16.38 -61.08
N GLY C 215 -10.60 15.23 -61.75
CA GLY C 215 -9.31 14.71 -62.12
C GLY C 215 -8.77 13.66 -61.17
N LYS C 216 -9.22 13.64 -59.93
CA LYS C 216 -8.80 12.68 -58.91
C LYS C 216 -9.87 11.61 -58.72
N PRO C 217 -9.48 10.34 -58.57
CA PRO C 217 -10.48 9.30 -58.34
C PRO C 217 -11.29 9.56 -57.07
N LEU C 218 -12.55 9.13 -57.09
CA LEU C 218 -13.45 9.38 -55.96
C LEU C 218 -12.92 8.73 -54.69
N ALA C 219 -12.31 7.54 -54.81
CA ALA C 219 -11.77 6.85 -53.64
C ALA C 219 -10.70 7.69 -52.95
N ASP C 220 -9.94 8.47 -53.73
CA ASP C 220 -8.92 9.33 -53.14
C ASP C 220 -9.52 10.54 -52.44
N HIS C 221 -10.67 11.04 -52.92
CA HIS C 221 -11.39 12.06 -52.19
C HIS C 221 -11.95 11.50 -50.89
N LEU C 222 -12.41 10.25 -50.91
CA LEU C 222 -13.08 9.65 -49.75
C LEU C 222 -12.07 9.15 -48.72
N LEU C 223 -10.90 8.72 -49.14
CA LEU C 223 -9.93 8.08 -48.26
C LEU C 223 -8.80 9.02 -47.84
N ALA C 224 -8.91 10.30 -48.16
CA ALA C 224 -7.87 11.25 -47.78
C ALA C 224 -7.66 11.21 -46.27
N PRO C 225 -6.41 11.09 -45.80
CA PRO C 225 -6.18 11.01 -44.36
C PRO C 225 -6.60 12.27 -43.65
N THR C 226 -7.06 12.11 -42.41
CA THR C 226 -7.52 13.24 -41.62
C THR C 226 -6.39 14.25 -41.40
N ARG C 227 -6.72 15.53 -41.53
CA ARG C 227 -5.75 16.57 -41.23
C ARG C 227 -5.50 16.65 -39.72
N ILE C 228 -4.22 16.79 -39.36
CA ILE C 228 -3.81 16.92 -37.98
C ILE C 228 -3.60 18.41 -37.69
N TYR C 229 -4.28 18.92 -36.67
CA TYR C 229 -4.27 20.34 -36.35
C TYR C 229 -3.40 20.66 -35.14
N VAL C 230 -2.56 19.72 -34.69
CA VAL C 230 -1.86 19.86 -33.42
C VAL C 230 -0.92 21.06 -33.46
N LYS C 231 -0.06 21.14 -34.48
CA LYS C 231 0.95 22.19 -34.53
C LYS C 231 0.31 23.57 -34.59
N SER C 232 -0.72 23.73 -35.43
CA SER C 232 -1.36 25.03 -35.59
C SER C 232 -2.12 25.44 -34.33
N VAL C 233 -2.84 24.50 -33.71
CA VAL C 233 -3.66 24.84 -32.55
C VAL C 233 -2.77 25.18 -31.35
N LEU C 234 -1.71 24.41 -31.13
CA LEU C 234 -0.83 24.70 -30.00
C LEU C 234 -0.17 26.07 -30.12
N GLU C 235 0.26 26.43 -31.34
CA GLU C 235 0.83 27.76 -31.55
C GLU C 235 -0.20 28.85 -31.40
N LEU C 236 -1.45 28.57 -31.78
CA LEU C 236 -2.51 29.58 -31.62
C LEU C 236 -2.82 29.82 -30.16
N ILE C 237 -2.83 28.76 -29.33
CA ILE C 237 -3.11 28.92 -27.91
C ILE C 237 -2.03 29.76 -27.24
N GLU C 238 -0.77 29.60 -27.67
CA GLU C 238 0.33 30.35 -27.08
C GLU C 238 0.27 31.84 -27.41
N LYS C 239 -0.41 32.22 -28.49
CA LYS C 239 -0.36 33.58 -28.98
C LYS C 239 -1.67 34.34 -28.92
N VAL C 240 -2.80 33.65 -28.87
CA VAL C 240 -4.12 34.28 -28.90
C VAL C 240 -4.98 33.68 -27.79
N ASP C 241 -5.79 34.52 -27.14
CA ASP C 241 -6.69 34.07 -26.08
C ASP C 241 -7.78 33.19 -26.69
N VAL C 242 -7.60 31.88 -26.60
CA VAL C 242 -8.56 30.92 -27.14
C VAL C 242 -9.53 30.52 -26.05
N HIS C 243 -10.83 30.60 -26.34
CA HIS C 243 -11.85 30.29 -25.35
C HIS C 243 -12.32 28.85 -25.41
N ALA C 244 -12.55 28.31 -26.61
CA ALA C 244 -12.99 26.93 -26.75
C ALA C 244 -12.62 26.43 -28.14
N ILE C 245 -12.41 25.12 -28.24
CA ILE C 245 -12.11 24.44 -29.49
C ILE C 245 -13.04 23.24 -29.60
N ALA C 246 -13.56 23.00 -30.81
CA ALA C 246 -14.48 21.90 -31.05
C ALA C 246 -13.94 21.07 -32.21
N HIS C 247 -13.76 19.77 -31.97
CA HIS C 247 -13.36 18.84 -33.01
C HIS C 247 -14.64 18.22 -33.61
N LEU C 248 -14.79 18.37 -34.93
CA LEU C 248 -16.02 17.99 -35.61
C LEU C 248 -15.90 16.54 -36.07
N THR C 249 -16.36 15.63 -35.22
CA THR C 249 -16.25 14.19 -35.46
C THR C 249 -17.67 13.62 -35.64
N GLY C 250 -18.01 12.48 -35.03
CA GLY C 250 -19.35 11.94 -35.19
C GLY C 250 -20.40 12.88 -34.61
N GLY C 251 -21.56 12.95 -35.28
CA GLY C 251 -22.56 13.94 -34.96
C GLY C 251 -22.37 15.27 -35.64
N GLY C 252 -21.19 15.53 -36.20
CA GLY C 252 -20.99 16.71 -37.01
C GLY C 252 -21.15 18.00 -36.23
N PHE C 253 -21.80 18.97 -36.87
CA PHE C 253 -21.96 20.29 -36.26
C PHE C 253 -22.91 20.23 -35.06
N TRP C 254 -24.01 19.50 -35.19
CA TRP C 254 -25.07 19.53 -34.18
C TRP C 254 -24.61 18.93 -32.87
N GLU C 255 -23.77 17.90 -32.91
CA GLU C 255 -23.36 17.24 -31.68
C GLU C 255 -22.09 17.84 -31.07
N ASN C 256 -21.14 18.25 -31.90
CA ASN C 256 -19.80 18.57 -31.41
C ASN C 256 -19.62 20.03 -31.03
N ILE C 257 -20.39 20.94 -31.62
CA ILE C 257 -20.27 22.36 -31.31
C ILE C 257 -20.88 22.67 -29.94
N PRO C 258 -22.10 22.19 -29.60
CA PRO C 258 -22.65 22.51 -28.27
C PRO C 258 -21.83 21.99 -27.10
N ARG C 259 -20.89 21.07 -27.33
CA ARG C 259 -20.05 20.57 -26.24
C ARG C 259 -19.16 21.66 -25.65
N VAL C 260 -18.89 22.72 -26.41
CA VAL C 260 -18.03 23.81 -25.97
C VAL C 260 -18.81 25.08 -25.67
N LEU C 261 -20.14 24.99 -25.62
CA LEU C 261 -20.93 26.19 -25.37
C LEU C 261 -21.34 26.27 -23.92
N PRO C 262 -21.25 27.45 -23.30
CA PRO C 262 -21.80 27.63 -21.96
C PRO C 262 -23.32 27.71 -22.02
N ASP C 263 -23.93 27.76 -20.84
CA ASP C 263 -25.39 27.76 -20.76
C ASP C 263 -25.96 29.03 -21.39
N ASN C 264 -27.09 28.87 -22.08
CA ASN C 264 -27.84 29.98 -22.66
C ASN C 264 -27.04 30.69 -23.75
N THR C 265 -26.36 29.92 -24.60
CA THR C 265 -25.65 30.46 -25.75
C THR C 265 -25.99 29.65 -26.99
N GLN C 266 -25.69 30.25 -28.15
CA GLN C 266 -26.08 29.67 -29.43
C GLN C 266 -24.99 29.95 -30.46
N ALA C 267 -24.61 28.94 -31.22
CA ALA C 267 -23.64 29.10 -32.30
C ALA C 267 -24.38 29.34 -33.61
N VAL C 268 -24.13 30.50 -34.22
CA VAL C 268 -24.76 30.87 -35.48
C VAL C 268 -23.71 30.69 -36.58
N ILE C 269 -23.97 29.76 -37.49
CA ILE C 269 -23.02 29.41 -38.56
C ILE C 269 -23.44 30.14 -39.83
N ASP C 270 -22.50 30.88 -40.43
CA ASP C 270 -22.71 31.54 -41.71
C ASP C 270 -22.36 30.54 -42.80
N GLU C 271 -23.37 29.90 -43.38
CA GLU C 271 -23.14 28.87 -44.38
C GLU C 271 -22.47 29.43 -45.63
N SER C 272 -22.70 30.71 -45.92
CA SER C 272 -22.10 31.35 -47.09
C SER C 272 -20.63 31.69 -46.88
N SER C 273 -20.08 31.47 -45.69
CA SER C 273 -18.69 31.81 -45.42
C SER C 273 -17.71 30.86 -46.10
N TRP C 274 -18.18 29.72 -46.62
CA TRP C 274 -17.30 28.80 -47.31
C TRP C 274 -18.13 27.91 -48.24
N GLN C 275 -17.44 27.23 -49.13
CA GLN C 275 -18.05 26.29 -50.06
C GLN C 275 -17.58 24.88 -49.73
N TRP C 276 -18.51 23.94 -49.74
CA TRP C 276 -18.17 22.55 -49.47
C TRP C 276 -17.13 22.07 -50.47
N PRO C 277 -16.12 21.32 -50.05
CA PRO C 277 -15.31 20.57 -51.01
C PRO C 277 -16.21 19.67 -51.85
N GLU C 278 -15.81 19.47 -53.11
CA GLU C 278 -16.71 18.83 -54.07
C GLU C 278 -17.12 17.43 -53.63
N VAL C 279 -16.28 16.73 -52.87
CA VAL C 279 -16.61 15.38 -52.43
C VAL C 279 -17.91 15.38 -51.62
N PHE C 280 -18.16 16.45 -50.86
CA PHE C 280 -19.39 16.52 -50.08
C PHE C 280 -20.59 16.86 -50.95
N ASN C 281 -20.40 17.67 -51.99
CA ASN C 281 -21.48 17.91 -52.94
C ASN C 281 -21.82 16.64 -53.71
N TRP C 282 -20.80 15.85 -54.05
CA TRP C 282 -21.05 14.58 -54.73
C TRP C 282 -21.86 13.63 -53.85
N LEU C 283 -21.50 13.54 -52.57
CA LEU C 283 -22.19 12.62 -51.67
C LEU C 283 -23.64 13.03 -51.46
N GLN C 284 -23.91 14.34 -51.36
N GLN C 284 -23.91 14.34 -51.36
CA GLN C 284 -25.28 14.79 -51.17
CA GLN C 284 -25.28 14.79 -51.17
C GLN C 284 -26.14 14.52 -52.40
C GLN C 284 -26.14 14.52 -52.40
N THR C 285 -25.59 14.76 -53.59
CA THR C 285 -26.36 14.54 -54.81
C THR C 285 -26.59 13.07 -55.09
N ALA C 286 -25.54 12.25 -54.94
CA ALA C 286 -25.68 10.82 -55.19
C ALA C 286 -26.57 10.14 -54.15
N GLY C 287 -26.57 10.64 -52.92
CA GLY C 287 -27.31 9.98 -51.86
C GLY C 287 -28.64 10.65 -51.54
N ASN C 288 -28.92 11.77 -52.20
CA ASN C 288 -30.13 12.56 -51.95
C ASN C 288 -30.26 12.89 -50.46
N VAL C 289 -29.15 13.33 -49.87
CA VAL C 289 -29.06 13.46 -48.43
C VAL C 289 -29.69 14.78 -47.99
N GLU C 290 -30.52 14.72 -46.95
CA GLU C 290 -31.13 15.89 -46.36
C GLU C 290 -30.06 16.88 -45.89
N HIS C 291 -30.41 18.17 -45.92
CA HIS C 291 -29.46 19.22 -45.55
C HIS C 291 -28.96 19.04 -44.13
N HIS C 292 -29.86 18.75 -43.19
CA HIS C 292 -29.47 18.60 -41.79
C HIS C 292 -28.56 17.39 -41.59
N GLU C 293 -28.88 16.26 -42.23
CA GLU C 293 -28.09 15.05 -42.05
C GLU C 293 -26.69 15.20 -42.62
N MET C 294 -26.53 15.99 -43.67
CA MET C 294 -25.19 16.25 -44.21
C MET C 294 -24.27 16.83 -43.14
N TYR C 295 -24.81 17.72 -42.31
CA TYR C 295 -24.02 18.32 -41.23
C TYR C 295 -23.94 17.45 -39.99
N ARG C 296 -24.82 16.47 -39.85
CA ARG C 296 -24.71 15.51 -38.75
C ARG C 296 -23.77 14.36 -39.10
N THR C 297 -23.78 13.92 -40.35
CA THR C 297 -22.98 12.78 -40.78
C THR C 297 -21.58 13.18 -41.21
N PHE C 298 -21.43 14.32 -41.88
CA PHE C 298 -20.16 14.75 -42.42
C PHE C 298 -19.75 16.10 -41.84
N ASN C 299 -18.45 16.41 -41.95
CA ASN C 299 -17.94 17.69 -41.52
C ASN C 299 -18.12 18.78 -42.56
N CYS C 300 -18.35 18.39 -43.82
CA CYS C 300 -18.68 19.34 -44.91
C CYS C 300 -17.57 20.35 -45.14
N GLY C 301 -16.33 19.99 -44.79
CA GLY C 301 -15.19 20.84 -45.03
C GLY C 301 -14.63 21.54 -43.81
N VAL C 302 -15.17 21.29 -42.62
CA VAL C 302 -14.76 21.97 -41.39
C VAL C 302 -14.33 20.90 -40.41
N GLY C 303 -13.03 20.85 -40.10
CA GLY C 303 -12.51 19.89 -39.15
C GLY C 303 -12.57 20.36 -37.71
N MET C 304 -12.36 21.66 -37.51
CA MET C 304 -12.34 22.24 -36.17
C MET C 304 -12.97 23.62 -36.20
N ILE C 305 -13.52 24.02 -35.05
CA ILE C 305 -14.08 25.35 -34.86
C ILE C 305 -13.54 25.90 -33.55
N ILE C 306 -13.10 27.16 -33.58
CA ILE C 306 -12.43 27.80 -32.45
C ILE C 306 -13.21 29.06 -32.08
N ALA C 307 -13.55 29.18 -30.80
CA ALA C 307 -14.20 30.37 -30.27
C ALA C 307 -13.17 31.24 -29.57
N LEU C 308 -13.26 32.55 -29.81
CA LEU C 308 -12.26 33.51 -29.33
C LEU C 308 -12.85 34.91 -29.45
N PRO C 309 -12.29 35.89 -28.71
CA PRO C 309 -12.82 37.25 -28.78
C PRO C 309 -12.75 37.82 -30.19
N ALA C 310 -13.75 38.65 -30.51
CA ALA C 310 -13.80 39.27 -31.83
C ALA C 310 -12.58 40.13 -32.17
N PRO C 311 -12.02 40.93 -31.26
CA PRO C 311 -10.85 41.75 -31.63
C PRO C 311 -9.59 40.96 -31.91
N GLU C 312 -9.63 39.63 -31.90
CA GLU C 312 -8.44 38.81 -32.15
C GLU C 312 -8.61 37.90 -33.36
N VAL C 313 -9.70 38.06 -34.13
CA VAL C 313 -10.00 37.11 -35.19
C VAL C 313 -9.01 37.25 -36.33
N ASP C 314 -8.84 38.48 -36.84
CA ASP C 314 -7.95 38.69 -37.98
C ASP C 314 -6.52 38.29 -37.65
N LYS C 315 -6.08 38.55 -36.42
CA LYS C 315 -4.77 38.06 -35.99
C LYS C 315 -4.73 36.54 -36.00
N ALA C 316 -5.76 35.89 -35.41
CA ALA C 316 -5.79 34.44 -35.37
C ALA C 316 -5.80 33.84 -36.76
N LEU C 317 -6.57 34.42 -37.68
CA LEU C 317 -6.64 33.90 -39.04
C LEU C 317 -5.29 34.03 -39.74
N ALA C 318 -4.55 35.10 -39.46
CA ALA C 318 -3.23 35.27 -40.06
C ALA C 318 -2.27 34.19 -39.60
N LEU C 319 -2.27 33.88 -38.30
CA LEU C 319 -1.42 32.81 -37.77
C LEU C 319 -1.76 31.47 -38.40
N LEU C 320 -3.06 31.13 -38.44
CA LEU C 320 -3.48 29.81 -38.89
C LEU C 320 -3.18 29.61 -40.37
N ASN C 321 -3.52 30.60 -41.20
CA ASN C 321 -3.25 30.48 -42.64
C ASN C 321 -1.75 30.46 -42.94
N ALA C 322 -0.94 31.10 -42.10
CA ALA C 322 0.50 31.04 -42.25
C ALA C 322 1.07 29.70 -41.80
N ASN C 323 0.30 28.88 -41.09
CA ASN C 323 0.73 27.57 -40.62
C ASN C 323 0.14 26.44 -41.46
N GLY C 324 -0.22 26.71 -42.71
CA GLY C 324 -0.73 25.69 -43.59
C GLY C 324 -2.16 25.29 -43.34
N GLU C 325 -2.97 26.15 -42.73
CA GLU C 325 -4.37 25.85 -42.46
C GLU C 325 -5.27 26.62 -43.42
N ASN C 326 -6.47 26.08 -43.61
CA ASN C 326 -7.53 26.76 -44.35
C ASN C 326 -8.48 27.34 -43.30
N ALA C 327 -8.20 28.57 -42.87
CA ALA C 327 -8.91 29.21 -41.78
C ALA C 327 -9.78 30.34 -42.30
N TRP C 328 -10.97 30.47 -41.72
CA TRP C 328 -11.88 31.55 -42.05
C TRP C 328 -12.87 31.75 -40.91
N LYS C 329 -13.49 32.93 -40.88
CA LYS C 329 -14.54 33.22 -39.91
C LYS C 329 -15.82 32.54 -40.36
N ILE C 330 -16.34 31.63 -39.52
CA ILE C 330 -17.48 30.81 -39.94
C ILE C 330 -18.75 31.28 -39.27
N GLY C 331 -18.65 31.90 -38.11
CA GLY C 331 -19.84 32.32 -37.40
C GLY C 331 -19.54 33.09 -36.14
N ILE C 332 -20.57 33.18 -35.28
CA ILE C 332 -20.52 33.97 -34.06
C ILE C 332 -21.39 33.27 -33.02
N ILE C 333 -21.07 33.52 -31.74
CA ILE C 333 -21.83 33.00 -30.62
C ILE C 333 -22.74 34.09 -30.08
N LYS C 334 -24.04 33.79 -30.02
CA LYS C 334 -25.04 34.74 -29.54
C LYS C 334 -25.68 34.22 -28.26
N ALA C 335 -26.20 35.14 -27.46
CA ALA C 335 -26.96 34.78 -26.27
C ALA C 335 -28.37 34.39 -26.67
N SER C 336 -28.82 33.24 -26.18
CA SER C 336 -30.12 32.71 -26.60
C SER C 336 -30.56 31.63 -25.64
N ASP C 337 -31.88 31.52 -25.45
CA ASP C 337 -32.49 30.45 -24.68
C ASP C 337 -33.05 29.35 -25.58
N SER C 338 -32.76 29.40 -26.87
CA SER C 338 -33.30 28.42 -27.81
C SER C 338 -32.76 27.03 -27.50
N GLU C 339 -33.62 26.02 -27.69
CA GLU C 339 -33.19 24.64 -27.51
C GLU C 339 -32.23 24.19 -28.60
N GLN C 340 -32.18 24.91 -29.73
CA GLN C 340 -31.26 24.62 -30.81
C GLN C 340 -29.96 25.36 -30.53
N ARG C 341 -28.95 24.64 -30.03
CA ARG C 341 -27.69 25.27 -29.67
C ARG C 341 -26.86 25.64 -30.89
N VAL C 342 -27.19 25.10 -32.06
CA VAL C 342 -26.50 25.41 -33.31
C VAL C 342 -27.53 25.66 -34.39
N VAL C 343 -27.36 26.77 -35.12
CA VAL C 343 -28.19 27.06 -36.30
C VAL C 343 -27.26 27.45 -37.44
N ILE C 344 -27.66 27.09 -38.65
CA ILE C 344 -26.92 27.40 -39.87
C ILE C 344 -27.73 28.43 -40.64
N GLU C 345 -27.21 29.65 -40.72
CA GLU C 345 -27.95 30.76 -41.32
C GLU C 345 -27.15 31.44 -42.43
N ASN D 20 -26.84 5.40 -24.47
CA ASN D 20 -27.90 5.99 -23.65
C ASN D 20 -28.23 5.09 -22.46
N ALA D 21 -28.50 3.82 -22.74
CA ALA D 21 -28.76 2.86 -21.66
C ALA D 21 -27.47 2.37 -21.02
N LEU D 22 -26.40 2.26 -21.79
CA LEU D 22 -25.15 1.73 -21.26
C LEU D 22 -24.46 2.74 -20.35
N VAL D 23 -24.52 4.03 -20.68
CA VAL D 23 -23.89 5.05 -19.87
C VAL D 23 -24.57 5.25 -18.52
N GLY D 24 -25.79 4.74 -18.35
CA GLY D 24 -26.43 4.77 -17.06
C GLY D 24 -25.72 3.97 -15.99
N ARG D 25 -24.97 2.95 -16.38
CA ARG D 25 -24.15 2.17 -15.45
C ARG D 25 -22.68 2.53 -15.50
N ILE D 26 -22.20 3.06 -16.62
CA ILE D 26 -20.81 3.51 -16.71
C ILE D 26 -20.58 4.69 -15.78
N LYS D 27 -21.62 5.50 -15.54
CA LYS D 27 -21.44 6.69 -14.72
C LYS D 27 -21.03 6.34 -13.28
N GLY D 28 -21.67 5.33 -12.70
CA GLY D 28 -21.37 5.00 -11.32
C GLY D 28 -20.00 4.37 -11.15
N VAL D 29 -19.59 3.53 -12.10
CA VAL D 29 -18.31 2.84 -11.96
C VAL D 29 -17.14 3.79 -12.22
N VAL D 30 -17.34 4.84 -13.02
CA VAL D 30 -16.29 5.82 -13.23
C VAL D 30 -16.12 6.70 -11.99
N LYS D 31 -17.23 7.02 -11.32
CA LYS D 31 -17.16 7.89 -10.14
C LYS D 31 -16.55 7.16 -8.95
N LYS D 32 -16.89 5.89 -8.74
CA LYS D 32 -16.39 5.18 -7.57
C LYS D 32 -14.90 4.84 -7.68
N THR D 33 -14.32 4.90 -8.88
CA THR D 33 -12.90 4.65 -9.07
C THR D 33 -12.07 5.93 -9.10
N ARG D 34 -12.70 7.09 -8.97
CA ARG D 34 -11.99 8.35 -9.13
C ARG D 34 -11.02 8.58 -7.98
N ARG D 35 -9.81 9.02 -8.33
CA ARG D 35 -8.77 9.42 -7.41
C ARG D 35 -8.73 10.93 -7.25
N PRO D 36 -8.08 11.45 -6.21
CA PRO D 36 -7.95 12.91 -6.08
C PRO D 36 -7.23 13.56 -7.24
N GLU D 37 -6.35 12.83 -7.93
CA GLU D 37 -5.61 13.41 -9.06
C GLU D 37 -6.50 13.63 -10.27
N VAL D 38 -7.64 12.96 -10.35
CA VAL D 38 -8.49 13.03 -11.53
C VAL D 38 -9.25 14.35 -11.54
N MET D 39 -9.32 14.98 -12.72
CA MET D 39 -10.12 16.18 -12.91
C MET D 39 -11.15 15.97 -14.02
N GLY D 46 -11.39 13.97 -23.70
CA GLY D 46 -10.10 13.85 -23.04
C GLY D 46 -10.18 13.93 -21.54
N ALA D 47 -9.78 12.85 -20.86
CA ALA D 47 -9.83 12.81 -19.41
C ALA D 47 -8.60 13.48 -18.81
N LEU D 48 -8.82 14.24 -17.73
CA LEU D 48 -7.77 15.00 -17.08
C LEU D 48 -7.35 14.31 -15.79
N CYS D 49 -6.03 14.18 -15.59
CA CYS D 49 -5.51 13.57 -14.38
C CYS D 49 -4.16 14.19 -14.05
N ALA D 50 -4.03 14.69 -12.82
CA ALA D 50 -2.79 15.31 -12.39
C ALA D 50 -1.78 14.26 -11.94
N LEU D 51 -0.52 14.67 -11.82
CA LEU D 51 0.51 13.77 -11.36
C LEU D 51 0.49 13.69 -9.83
N PRO D 52 0.69 12.50 -9.26
CA PRO D 52 0.79 12.40 -7.80
C PRO D 52 1.93 13.26 -7.28
N GLN D 53 1.70 13.88 -6.11
CA GLN D 53 2.64 14.85 -5.58
C GLN D 53 3.94 14.22 -5.10
N LYS D 54 3.95 12.93 -4.80
CA LYS D 54 5.13 12.30 -4.21
C LYS D 54 6.30 12.22 -5.19
N TYR D 55 6.05 12.29 -6.49
CA TYR D 55 7.08 12.06 -7.49
C TYR D 55 7.83 13.35 -7.79
N ARG D 56 9.16 13.30 -7.65
CA ARG D 56 9.99 14.45 -7.99
C ARG D 56 10.34 14.45 -9.47
N GLU D 57 10.76 13.29 -10.00
CA GLU D 57 11.06 13.12 -11.42
C GLU D 57 10.14 12.02 -11.95
N PRO D 58 8.88 12.32 -12.21
CA PRO D 58 7.94 11.29 -12.65
C PRO D 58 8.23 10.84 -14.07
N VAL D 59 8.28 9.52 -14.27
CA VAL D 59 8.38 8.90 -15.59
C VAL D 59 7.11 8.11 -15.82
N LEU D 60 6.45 8.36 -16.95
CA LEU D 60 5.18 7.71 -17.24
C LEU D 60 5.41 6.34 -17.85
N VAL D 61 4.69 5.34 -17.34
CA VAL D 61 4.75 3.97 -17.83
C VAL D 61 3.39 3.62 -18.39
N SER D 62 3.36 3.10 -19.61
CA SER D 62 2.10 2.87 -20.32
C SER D 62 2.11 1.49 -20.96
N GLY D 63 0.91 0.99 -21.26
CA GLY D 63 0.74 -0.30 -21.89
C GLY D 63 -0.67 -0.56 -22.38
N THR D 64 -0.81 -1.39 -23.41
CA THR D 64 -2.12 -1.78 -23.93
C THR D 64 -2.15 -3.29 -24.11
N ASP D 65 -3.34 -3.87 -24.13
CA ASP D 65 -3.48 -5.31 -24.09
C ASP D 65 -4.88 -5.67 -24.55
N GLY D 66 -5.13 -6.98 -24.60
CA GLY D 66 -6.47 -7.50 -24.80
C GLY D 66 -6.65 -8.78 -24.01
N VAL D 67 -7.91 -9.21 -23.89
CA VAL D 67 -8.19 -10.44 -23.17
C VAL D 67 -7.76 -11.65 -24.01
N GLY D 68 -8.12 -11.65 -25.29
CA GLY D 68 -7.71 -12.71 -26.18
C GLY D 68 -8.75 -13.78 -26.39
N THR D 69 -8.29 -15.02 -26.59
CA THR D 69 -9.21 -16.13 -26.84
C THR D 69 -10.09 -16.42 -25.63
N LYS D 70 -9.66 -16.03 -24.43
CA LYS D 70 -10.50 -16.22 -23.24
C LYS D 70 -11.86 -15.56 -23.39
N LEU D 71 -11.93 -14.49 -24.21
CA LEU D 71 -13.22 -13.85 -24.47
C LEU D 71 -14.18 -14.82 -25.13
N ARG D 72 -13.70 -15.62 -26.08
CA ARG D 72 -14.54 -16.57 -26.78
C ARG D 72 -15.09 -17.63 -25.83
N LEU D 73 -14.26 -18.09 -24.89
CA LEU D 73 -14.72 -19.07 -23.90
C LEU D 73 -15.72 -18.44 -22.93
N ALA D 74 -15.42 -17.22 -22.46
CA ALA D 74 -16.37 -16.51 -21.59
C ALA D 74 -17.68 -16.25 -22.31
N MET D 75 -17.64 -16.05 -23.62
CA MET D 75 -18.87 -15.89 -24.39
C MET D 75 -19.64 -17.20 -24.49
N ASP D 76 -18.94 -18.30 -24.71
CA ASP D 76 -19.59 -19.60 -24.88
C ASP D 76 -20.29 -20.06 -23.61
N LEU D 77 -19.72 -19.74 -22.44
CA LEU D 77 -20.26 -20.19 -21.17
C LEU D 77 -21.15 -19.14 -20.50
N LYS D 78 -21.46 -18.05 -21.21
CA LYS D 78 -22.35 -16.99 -20.70
C LYS D 78 -21.83 -16.38 -19.40
N ARG D 79 -20.51 -16.38 -19.22
CA ARG D 79 -19.88 -15.84 -18.02
C ARG D 79 -18.99 -14.67 -18.43
N HIS D 80 -19.57 -13.46 -18.48
CA HIS D 80 -18.84 -12.25 -18.80
C HIS D 80 -18.52 -11.42 -17.57
N ASP D 81 -18.77 -11.95 -16.37
CA ASP D 81 -18.78 -11.14 -15.17
C ASP D 81 -17.38 -10.74 -14.69
N THR D 82 -16.34 -11.48 -15.06
CA THR D 82 -14.99 -11.18 -14.59
C THR D 82 -13.99 -10.97 -15.72
N ILE D 83 -14.44 -10.94 -16.98
CA ILE D 83 -13.51 -10.73 -18.07
C ILE D 83 -12.93 -9.32 -18.06
N GLY D 84 -13.62 -8.37 -17.43
CA GLY D 84 -13.07 -7.02 -17.31
C GLY D 84 -11.94 -6.94 -16.31
N ILE D 85 -11.94 -7.81 -15.30
CA ILE D 85 -10.81 -7.88 -14.38
C ILE D 85 -9.57 -8.37 -15.11
N ASP D 86 -9.73 -9.37 -15.99
CA ASP D 86 -8.62 -9.84 -16.81
C ASP D 86 -8.01 -8.70 -17.62
N LEU D 87 -8.85 -7.84 -18.19
CA LEU D 87 -8.37 -6.71 -18.98
C LEU D 87 -7.45 -5.81 -18.16
N VAL D 88 -7.94 -5.35 -17.01
CA VAL D 88 -7.15 -4.44 -16.19
C VAL D 88 -5.91 -5.14 -15.66
N ALA D 89 -6.03 -6.43 -15.33
CA ALA D 89 -4.92 -7.15 -14.71
C ALA D 89 -3.71 -7.21 -15.63
N MET D 90 -3.92 -7.59 -16.90
CA MET D 90 -2.80 -7.68 -17.84
C MET D 90 -2.11 -6.33 -18.01
N CYS D 91 -2.88 -5.24 -18.04
CA CYS D 91 -2.31 -3.89 -18.01
C CYS D 91 -1.45 -3.66 -16.78
N VAL D 92 -2.09 -3.63 -15.61
CA VAL D 92 -1.44 -3.12 -14.40
C VAL D 92 -0.30 -4.03 -13.98
N ASN D 93 -0.36 -5.32 -14.33
CA ASN D 93 0.73 -6.20 -13.97
C ASN D 93 1.98 -5.91 -14.80
N ASP D 94 1.80 -5.46 -16.04
CA ASP D 94 2.96 -5.09 -16.86
C ASP D 94 3.55 -3.75 -16.43
N LEU D 95 2.73 -2.85 -15.87
CA LEU D 95 3.25 -1.57 -15.40
C LEU D 95 4.09 -1.75 -14.15
N VAL D 96 3.55 -2.47 -13.16
CA VAL D 96 4.21 -2.59 -11.85
C VAL D 96 5.52 -3.36 -11.96
N VAL D 97 5.71 -4.12 -13.05
CA VAL D 97 6.99 -4.77 -13.31
C VAL D 97 8.13 -3.76 -13.26
N GLN D 98 7.92 -2.58 -13.83
CA GLN D 98 8.90 -1.50 -13.81
C GLN D 98 8.83 -0.67 -12.52
N GLY D 99 8.00 -1.06 -11.56
CA GLY D 99 7.85 -0.33 -10.33
C GLY D 99 6.87 0.83 -10.40
N ALA D 100 6.08 0.93 -11.45
CA ALA D 100 5.18 2.05 -11.63
C ALA D 100 3.89 1.86 -10.83
N GLU D 101 3.36 2.97 -10.34
CA GLU D 101 2.05 2.97 -9.70
C GLU D 101 0.98 3.22 -10.74
N PRO D 102 0.02 2.32 -10.92
CA PRO D 102 -1.05 2.55 -11.91
C PRO D 102 -1.85 3.81 -11.58
N LEU D 103 -2.04 4.64 -12.60
CA LEU D 103 -2.68 5.94 -12.42
C LEU D 103 -4.10 5.94 -12.97
N PHE D 104 -4.29 5.77 -14.27
CA PHE D 104 -5.63 5.78 -14.86
C PHE D 104 -5.71 4.74 -15.97
N PHE D 105 -6.95 4.36 -16.29
CA PHE D 105 -7.24 3.28 -17.22
C PHE D 105 -8.29 3.73 -18.23
N LEU D 106 -8.13 3.27 -19.47
CA LEU D 106 -9.12 3.47 -20.52
C LEU D 106 -9.37 2.15 -21.23
N ASP D 107 -10.54 2.04 -21.85
CA ASP D 107 -10.92 0.83 -22.56
C ASP D 107 -11.65 1.19 -23.85
N TYR D 108 -11.45 0.36 -24.88
CA TYR D 108 -12.11 0.54 -26.17
C TYR D 108 -12.97 -0.69 -26.43
N TYR D 109 -14.29 -0.50 -26.39
CA TYR D 109 -15.25 -1.58 -26.56
C TYR D 109 -15.76 -1.55 -28.00
N ALA D 110 -15.44 -2.61 -28.76
CA ALA D 110 -15.83 -2.72 -30.17
C ALA D 110 -16.68 -3.97 -30.34
N THR D 111 -17.91 -3.79 -30.82
CA THR D 111 -18.84 -4.91 -30.99
C THR D 111 -19.64 -4.70 -32.26
N GLY D 112 -20.27 -5.78 -32.72
CA GLY D 112 -21.15 -5.72 -33.87
C GLY D 112 -22.51 -5.14 -33.50
N LYS D 113 -23.22 -5.84 -32.64
CA LYS D 113 -24.44 -5.34 -32.02
C LYS D 113 -24.19 -5.15 -30.54
N LEU D 114 -24.51 -3.97 -30.02
CA LEU D 114 -24.23 -3.64 -28.62
C LEU D 114 -25.24 -4.36 -27.73
N ASP D 115 -24.76 -5.35 -26.97
CA ASP D 115 -25.55 -5.98 -25.93
C ASP D 115 -25.29 -5.20 -24.63
N VAL D 116 -26.29 -4.43 -24.19
CA VAL D 116 -26.11 -3.55 -23.04
C VAL D 116 -25.77 -4.35 -21.79
N ASP D 117 -26.41 -5.51 -21.62
CA ASP D 117 -26.15 -6.33 -20.44
C ASP D 117 -24.73 -6.87 -20.46
N THR D 118 -24.23 -7.28 -21.63
CA THR D 118 -22.88 -7.81 -21.71
C THR D 118 -21.85 -6.72 -21.47
N ALA D 119 -21.99 -5.57 -22.13
CA ALA D 119 -21.04 -4.48 -21.96
C ALA D 119 -21.06 -3.95 -20.53
N SER D 120 -22.22 -3.94 -19.89
CA SER D 120 -22.30 -3.49 -18.51
C SER D 120 -21.51 -4.41 -17.59
N ALA D 121 -21.61 -5.73 -17.81
CA ALA D 121 -20.83 -6.67 -17.01
C ALA D 121 -19.34 -6.50 -17.24
N VAL D 122 -18.95 -6.18 -18.48
CA VAL D 122 -17.53 -6.00 -18.78
C VAL D 122 -17.01 -4.74 -18.08
N ILE D 123 -17.72 -3.62 -18.21
CA ILE D 123 -17.30 -2.39 -17.54
C ILE D 123 -17.32 -2.58 -16.03
N SER D 124 -18.27 -3.36 -15.51
CA SER D 124 -18.29 -3.63 -14.08
C SER D 124 -17.03 -4.37 -13.64
N GLY D 125 -16.60 -5.37 -14.43
CA GLY D 125 -15.36 -6.05 -14.12
C GLY D 125 -14.15 -5.14 -14.26
N ILE D 126 -14.19 -4.21 -15.24
CA ILE D 126 -13.12 -3.24 -15.39
C ILE D 126 -13.02 -2.36 -14.16
N ALA D 127 -14.17 -1.93 -13.62
CA ALA D 127 -14.17 -1.13 -12.40
C ALA D 127 -13.56 -1.91 -11.25
N GLU D 128 -13.94 -3.18 -11.10
CA GLU D 128 -13.39 -4.00 -10.03
C GLU D 128 -11.88 -4.12 -10.14
N GLY D 129 -11.36 -4.31 -11.36
CA GLY D 129 -9.93 -4.39 -11.54
C GLY D 129 -9.21 -3.09 -11.21
N CYS D 130 -9.80 -1.96 -11.60
CA CYS D 130 -9.19 -0.66 -11.30
C CYS D 130 -9.17 -0.40 -9.80
N LEU D 131 -10.24 -0.80 -9.10
CA LEU D 131 -10.28 -0.60 -7.65
C LEU D 131 -9.19 -1.41 -6.95
N GLN D 132 -8.98 -2.66 -7.39
CA GLN D 132 -7.90 -3.46 -6.82
C GLN D 132 -6.53 -2.93 -7.18
N SER D 133 -6.41 -2.20 -8.29
CA SER D 133 -5.14 -1.66 -8.72
C SER D 133 -4.87 -0.26 -8.17
N GLY D 134 -5.90 0.45 -7.74
CA GLY D 134 -5.72 1.81 -7.27
C GLY D 134 -5.69 2.85 -8.37
N CYS D 135 -6.15 2.52 -9.57
CA CYS D 135 -6.21 3.45 -10.68
C CYS D 135 -7.66 3.79 -10.99
N SER D 136 -7.84 4.89 -11.71
CA SER D 136 -9.17 5.41 -12.03
C SER D 136 -9.54 5.04 -13.46
N LEU D 137 -10.77 4.56 -13.64
CA LEU D 137 -11.33 4.39 -14.98
C LEU D 137 -11.83 5.75 -15.44
N VAL D 138 -11.01 6.44 -16.24
CA VAL D 138 -11.25 7.84 -16.57
C VAL D 138 -11.90 8.05 -17.93
N GLY D 139 -11.94 7.02 -18.78
CA GLY D 139 -12.51 7.23 -20.10
C GLY D 139 -12.74 5.91 -20.81
N GLY D 140 -13.21 6.03 -22.03
CA GLY D 140 -13.50 4.86 -22.85
C GLY D 140 -14.37 5.23 -24.02
N GLU D 141 -14.62 4.23 -24.87
CA GLU D 141 -15.45 4.41 -26.05
C GLU D 141 -16.09 3.08 -26.42
N THR D 142 -17.36 3.15 -26.83
CA THR D 142 -18.10 1.98 -27.32
C THR D 142 -18.42 2.21 -28.80
N ALA D 143 -17.88 1.35 -29.66
CA ALA D 143 -18.06 1.47 -31.09
C ALA D 143 -18.82 0.26 -31.62
N GLU D 144 -19.70 0.51 -32.58
CA GLU D 144 -20.51 -0.54 -33.20
C GLU D 144 -20.14 -0.64 -34.68
N MET D 145 -19.70 -1.83 -35.10
CA MET D 145 -19.39 -2.11 -36.50
C MET D 145 -20.01 -3.47 -36.85
N PRO D 146 -21.27 -3.48 -37.28
CA PRO D 146 -21.94 -4.76 -37.57
C PRO D 146 -21.32 -5.54 -38.73
N GLY D 147 -20.47 -4.93 -39.54
CA GLY D 147 -19.85 -5.61 -40.65
C GLY D 147 -18.57 -6.32 -40.27
N MET D 148 -17.86 -5.78 -39.29
CA MET D 148 -16.60 -6.38 -38.85
C MET D 148 -16.80 -7.47 -37.80
N TYR D 149 -17.80 -7.32 -36.94
CA TYR D 149 -18.10 -8.30 -35.90
C TYR D 149 -19.44 -8.94 -36.20
N HIS D 150 -19.48 -10.27 -36.23
CA HIS D 150 -20.71 -11.00 -36.50
C HIS D 150 -21.42 -11.33 -35.19
N GLY D 151 -22.68 -10.92 -35.09
CA GLY D 151 -23.46 -11.24 -33.91
C GLY D 151 -23.05 -10.40 -32.72
N GLU D 152 -23.02 -11.05 -31.55
CA GLU D 152 -22.76 -10.40 -30.28
C GLU D 152 -21.28 -10.37 -29.92
N ASP D 153 -20.42 -10.83 -30.83
CA ASP D 153 -18.98 -10.81 -30.57
C ASP D 153 -18.50 -9.39 -30.31
N TYR D 154 -17.53 -9.25 -29.41
CA TYR D 154 -16.97 -7.96 -29.09
C TYR D 154 -15.50 -8.11 -28.75
N ASP D 155 -14.74 -7.05 -28.96
CA ASP D 155 -13.32 -7.01 -28.66
C ASP D 155 -13.03 -5.78 -27.83
N VAL D 156 -12.38 -5.98 -26.68
CA VAL D 156 -12.11 -4.90 -25.73
C VAL D 156 -10.61 -4.70 -25.66
N ALA D 157 -10.18 -3.45 -25.80
CA ALA D 157 -8.77 -3.08 -25.71
C ALA D 157 -8.56 -2.25 -24.45
N GLY D 158 -7.58 -2.64 -23.63
CA GLY D 158 -7.28 -1.95 -22.40
C GLY D 158 -6.08 -1.04 -22.54
N PHE D 159 -6.10 0.06 -21.79
CA PHE D 159 -5.02 1.04 -21.79
C PHE D 159 -4.80 1.52 -20.38
N CYS D 160 -3.54 1.59 -19.96
N CYS D 160 -3.53 1.62 -19.99
CA CYS D 160 -3.22 2.02 -18.61
CA CYS D 160 -3.13 1.98 -18.64
C CYS D 160 -1.93 2.83 -18.60
C CYS D 160 -1.96 2.94 -18.71
N VAL D 161 -1.89 3.83 -17.73
CA VAL D 161 -0.74 4.72 -17.55
C VAL D 161 -0.34 4.69 -16.09
N GLY D 162 0.96 4.53 -15.84
CA GLY D 162 1.48 4.53 -14.49
C GLY D 162 2.61 5.53 -14.34
N VAL D 163 3.00 5.76 -13.09
CA VAL D 163 4.06 6.70 -12.76
C VAL D 163 5.08 5.99 -11.89
N VAL D 164 6.36 6.22 -12.19
CA VAL D 164 7.46 5.70 -11.38
C VAL D 164 8.53 6.79 -11.29
N GLU D 165 9.19 6.86 -10.13
CA GLU D 165 10.31 7.78 -9.97
C GLU D 165 11.44 7.37 -10.90
N LYS D 166 12.02 8.35 -11.59
CA LYS D 166 13.03 8.07 -12.61
C LYS D 166 14.20 7.28 -12.04
N SER D 167 14.63 7.61 -10.82
CA SER D 167 15.74 6.93 -10.18
C SER D 167 15.38 5.57 -9.62
N GLU D 168 14.11 5.18 -9.67
CA GLU D 168 13.67 3.91 -9.08
C GLU D 168 13.12 2.94 -10.13
N ILE D 169 13.36 3.20 -11.42
CA ILE D 169 12.87 2.31 -12.46
C ILE D 169 13.59 0.97 -12.36
N ILE D 170 12.82 -0.12 -12.35
CA ILE D 170 13.35 -1.47 -12.35
C ILE D 170 13.57 -1.86 -13.81
N ASP D 171 14.81 -1.73 -14.28
CA ASP D 171 15.15 -2.04 -15.66
C ASP D 171 15.93 -3.34 -15.80
N GLY D 172 16.14 -4.08 -14.72
CA GLY D 172 16.85 -5.33 -14.76
C GLY D 172 18.36 -5.23 -14.82
N SER D 173 18.91 -4.02 -14.82
CA SER D 173 20.36 -3.86 -14.90
C SER D 173 21.08 -4.38 -13.67
N LYS D 174 20.36 -4.60 -12.56
CA LYS D 174 20.96 -5.08 -11.33
C LYS D 174 20.90 -6.59 -11.18
N VAL D 175 20.30 -7.30 -12.14
CA VAL D 175 20.26 -8.76 -12.07
C VAL D 175 21.66 -9.31 -12.28
N SER D 176 22.11 -10.15 -11.36
CA SER D 176 23.47 -10.64 -11.37
C SER D 176 23.50 -12.10 -10.96
N ASP D 177 24.66 -12.73 -11.19
CA ASP D 177 24.90 -14.09 -10.73
C ASP D 177 24.62 -14.23 -9.25
N GLY D 178 23.83 -15.24 -8.89
CA GLY D 178 23.48 -15.50 -7.51
C GLY D 178 22.11 -15.00 -7.09
N ASP D 179 21.45 -14.20 -7.93
CA ASP D 179 20.09 -13.76 -7.59
C ASP D 179 19.16 -14.96 -7.49
N VAL D 180 18.22 -14.87 -6.55
CA VAL D 180 17.25 -15.93 -6.31
C VAL D 180 15.92 -15.53 -6.96
N LEU D 181 15.20 -16.51 -7.48
CA LEU D 181 13.92 -16.27 -8.15
C LEU D 181 12.79 -16.66 -7.21
N ILE D 182 11.91 -15.71 -6.91
CA ILE D 182 10.71 -15.94 -6.13
C ILE D 182 9.51 -15.90 -7.07
N ALA D 183 8.63 -16.89 -6.93
CA ALA D 183 7.43 -16.96 -7.75
C ALA D 183 6.21 -16.50 -6.95
N LEU D 184 5.28 -15.84 -7.64
CA LEU D 184 3.98 -15.51 -7.09
C LEU D 184 2.93 -16.39 -7.75
N GLY D 185 2.16 -17.10 -6.94
CA GLY D 185 1.19 -18.03 -7.47
C GLY D 185 0.10 -17.33 -8.26
N SER D 186 -0.35 -17.98 -9.33
CA SER D 186 -1.40 -17.45 -10.16
C SER D 186 -2.75 -17.98 -9.69
N SER D 187 -3.82 -17.36 -10.21
CA SER D 187 -5.18 -17.78 -9.92
C SER D 187 -5.72 -18.77 -10.94
N GLY D 188 -4.89 -19.20 -11.89
CA GLY D 188 -5.33 -20.05 -12.98
C GLY D 188 -4.55 -19.72 -14.24
N PRO D 189 -5.13 -20.05 -15.40
CA PRO D 189 -4.46 -19.73 -16.67
C PRO D 189 -4.40 -18.23 -16.98
N HIS D 190 -5.07 -17.38 -16.19
CA HIS D 190 -5.11 -15.94 -16.42
C HIS D 190 -5.70 -15.58 -17.78
N SER D 191 -4.93 -14.97 -18.69
CA SER D 191 -5.46 -14.65 -20.02
C SER D 191 -4.50 -15.05 -21.15
N ASN D 192 -3.83 -16.20 -21.02
CA ASN D 192 -2.98 -16.66 -22.11
C ASN D 192 -3.10 -18.16 -22.26
N GLY D 193 -3.07 -18.63 -23.51
CA GLY D 193 -3.16 -20.04 -23.80
C GLY D 193 -4.57 -20.58 -23.98
N TYR D 194 -5.56 -19.71 -24.14
CA TYR D 194 -6.95 -20.17 -24.22
C TYR D 194 -7.31 -20.72 -25.59
N SER D 195 -6.51 -20.46 -26.62
CA SER D 195 -6.70 -21.16 -27.88
C SER D 195 -6.43 -22.64 -27.72
N LEU D 196 -5.44 -23.00 -26.91
CA LEU D 196 -5.20 -24.40 -26.59
C LEU D 196 -6.24 -24.94 -25.61
N VAL D 197 -6.72 -24.10 -24.69
CA VAL D 197 -7.77 -24.52 -23.75
C VAL D 197 -9.00 -24.96 -24.52
N ARG D 198 -9.46 -24.13 -25.47
CA ARG D 198 -10.65 -24.46 -26.24
C ARG D 198 -10.43 -25.71 -27.08
N LYS D 199 -9.25 -25.85 -27.66
CA LYS D 199 -8.95 -27.03 -28.48
C LYS D 199 -8.97 -28.30 -27.64
N ILE D 200 -8.45 -28.23 -26.40
CA ILE D 200 -8.48 -29.39 -25.53
C ILE D 200 -9.91 -29.73 -25.12
N LEU D 201 -10.73 -28.71 -24.89
CA LEU D 201 -12.14 -28.95 -24.56
C LEU D 201 -12.86 -29.62 -25.72
N GLU D 202 -12.56 -29.22 -26.95
CA GLU D 202 -13.17 -29.84 -28.12
C GLU D 202 -12.76 -31.30 -28.23
N VAL D 203 -11.46 -31.58 -28.08
CA VAL D 203 -10.98 -32.94 -28.22
C VAL D 203 -11.49 -33.82 -27.08
N SER D 204 -11.50 -33.29 -25.85
CA SER D 204 -11.98 -34.06 -24.71
C SER D 204 -13.48 -34.32 -24.80
N GLY D 205 -14.24 -33.33 -25.27
CA GLY D 205 -15.67 -33.48 -25.39
C GLY D 205 -16.44 -33.39 -24.09
N CYS D 206 -15.82 -32.96 -23.01
CA CYS D 206 -16.49 -32.88 -21.73
C CYS D 206 -17.28 -31.58 -21.61
N ASP D 207 -18.19 -31.55 -20.65
CA ASP D 207 -18.95 -30.35 -20.33
C ASP D 207 -18.21 -29.60 -19.24
N PRO D 208 -17.67 -28.41 -19.50
CA PRO D 208 -16.98 -27.66 -18.44
C PRO D 208 -17.87 -27.28 -17.28
N GLN D 209 -19.20 -27.32 -17.46
CA GLN D 209 -20.11 -26.93 -16.38
C GLN D 209 -20.37 -28.09 -15.42
N THR D 210 -20.45 -29.32 -15.93
CA THR D 210 -20.72 -30.47 -15.09
C THR D 210 -19.45 -31.17 -14.61
N THR D 211 -18.36 -31.07 -15.37
CA THR D 211 -17.08 -31.60 -14.91
C THR D 211 -16.57 -30.76 -13.75
N GLU D 212 -16.42 -31.37 -12.59
CA GLU D 212 -16.08 -30.67 -11.37
C GLU D 212 -14.63 -30.90 -10.98
N LEU D 213 -13.99 -29.85 -10.47
CA LEU D 213 -12.62 -29.90 -10.00
C LEU D 213 -12.56 -29.23 -8.63
N ASP D 214 -12.36 -30.05 -7.59
CA ASP D 214 -12.22 -29.56 -6.21
C ASP D 214 -13.47 -28.78 -5.77
N GLY D 215 -14.64 -29.37 -6.03
CA GLY D 215 -15.89 -28.79 -5.60
C GLY D 215 -16.45 -27.70 -6.49
N LYS D 216 -15.71 -27.26 -7.50
CA LYS D 216 -16.17 -26.23 -8.41
C LYS D 216 -16.06 -26.72 -9.84
N PRO D 217 -16.96 -26.29 -10.72
CA PRO D 217 -16.89 -26.73 -12.12
C PRO D 217 -15.59 -26.29 -12.79
N LEU D 218 -15.14 -27.12 -13.74
CA LEU D 218 -13.95 -26.78 -14.51
C LEU D 218 -14.07 -25.43 -15.19
N ALA D 219 -15.29 -25.04 -15.56
CA ALA D 219 -15.51 -23.73 -16.18
C ALA D 219 -15.12 -22.60 -15.24
N ASP D 220 -15.25 -22.79 -13.93
CA ASP D 220 -14.85 -21.76 -12.99
C ASP D 220 -13.33 -21.68 -12.85
N HIS D 221 -12.63 -22.81 -12.93
CA HIS D 221 -11.18 -22.79 -12.89
C HIS D 221 -10.60 -22.13 -14.13
N LEU D 222 -11.27 -22.29 -15.28
CA LEU D 222 -10.75 -21.75 -16.54
C LEU D 222 -11.09 -20.28 -16.73
N LEU D 223 -12.18 -19.81 -16.13
CA LEU D 223 -12.60 -18.42 -16.26
C LEU D 223 -12.26 -17.57 -15.04
N ALA D 224 -11.48 -18.11 -14.12
CA ALA D 224 -11.10 -17.35 -12.94
C ALA D 224 -10.35 -16.08 -13.36
N PRO D 225 -10.68 -14.92 -12.79
CA PRO D 225 -10.03 -13.68 -13.23
C PRO D 225 -8.54 -13.68 -12.92
N THR D 226 -7.79 -13.02 -13.80
CA THR D 226 -6.35 -12.90 -13.60
C THR D 226 -6.05 -12.18 -12.30
N ARG D 227 -5.09 -12.72 -11.55
CA ARG D 227 -4.70 -12.12 -10.28
C ARG D 227 -3.98 -10.79 -10.52
N ILE D 228 -4.33 -9.79 -9.72
CA ILE D 228 -3.72 -8.46 -9.79
C ILE D 228 -2.69 -8.37 -8.67
N TYR D 229 -1.44 -8.10 -9.05
CA TYR D 229 -0.31 -8.10 -8.12
C TYR D 229 0.16 -6.70 -7.75
N VAL D 230 -0.63 -5.67 -8.04
CA VAL D 230 -0.15 -4.29 -7.91
C VAL D 230 0.24 -3.99 -6.47
N LYS D 231 -0.71 -4.12 -5.55
CA LYS D 231 -0.43 -3.77 -4.16
C LYS D 231 0.63 -4.68 -3.55
N SER D 232 0.71 -5.93 -4.01
CA SER D 232 1.71 -6.85 -3.48
C SER D 232 3.11 -6.42 -3.91
N VAL D 233 3.28 -6.02 -5.16
CA VAL D 233 4.61 -5.68 -5.66
C VAL D 233 5.05 -4.32 -5.15
N LEU D 234 4.17 -3.32 -5.22
CA LEU D 234 4.52 -1.99 -4.75
C LEU D 234 4.97 -2.01 -3.29
N GLU D 235 4.29 -2.81 -2.46
CA GLU D 235 4.72 -2.95 -1.06
C GLU D 235 6.07 -3.65 -0.98
N LEU D 236 6.32 -4.61 -1.88
CA LEU D 236 7.58 -5.35 -1.85
C LEU D 236 8.76 -4.46 -2.24
N ILE D 237 8.57 -3.57 -3.22
CA ILE D 237 9.67 -2.72 -3.68
C ILE D 237 10.14 -1.80 -2.57
N GLU D 238 9.21 -1.25 -1.78
CA GLU D 238 9.59 -0.32 -0.73
C GLU D 238 10.42 -1.01 0.36
N LYS D 239 10.22 -2.31 0.55
CA LYS D 239 10.85 -3.02 1.66
C LYS D 239 12.01 -3.91 1.25
N VAL D 240 12.14 -4.25 -0.03
CA VAL D 240 13.13 -5.22 -0.50
C VAL D 240 13.78 -4.69 -1.76
N ASP D 241 15.08 -4.95 -1.91
CA ASP D 241 15.82 -4.64 -3.12
C ASP D 241 15.45 -5.64 -4.20
N VAL D 242 14.66 -5.21 -5.18
CA VAL D 242 14.23 -6.06 -6.29
C VAL D 242 15.04 -5.69 -7.52
N HIS D 243 15.61 -6.72 -8.17
CA HIS D 243 16.43 -6.50 -9.36
C HIS D 243 15.60 -6.55 -10.65
N ALA D 244 14.61 -7.44 -10.71
CA ALA D 244 13.75 -7.53 -11.87
C ALA D 244 12.51 -8.33 -11.50
N ILE D 245 11.45 -8.13 -12.29
CA ILE D 245 10.20 -8.85 -12.15
C ILE D 245 9.72 -9.24 -13.54
N ALA D 246 9.29 -10.48 -13.69
CA ALA D 246 8.81 -10.99 -14.98
C ALA D 246 7.35 -11.40 -14.84
N HIS D 247 6.49 -10.79 -15.64
CA HIS D 247 5.09 -11.18 -15.72
C HIS D 247 4.96 -12.31 -16.74
N LEU D 248 4.48 -13.46 -16.29
CA LEU D 248 4.36 -14.64 -17.15
C LEU D 248 3.06 -14.54 -17.93
N THR D 249 3.17 -14.15 -19.20
CA THR D 249 2.00 -14.01 -20.07
C THR D 249 2.12 -14.94 -21.27
N GLY D 250 1.88 -14.41 -22.46
CA GLY D 250 2.08 -15.20 -23.67
C GLY D 250 3.53 -15.66 -23.78
N GLY D 251 3.71 -16.92 -24.18
CA GLY D 251 5.02 -17.52 -24.20
C GLY D 251 5.45 -18.13 -22.88
N GLY D 252 4.76 -17.83 -21.78
CA GLY D 252 4.99 -18.52 -20.53
C GLY D 252 6.39 -18.31 -19.98
N PHE D 253 6.95 -19.39 -19.44
CA PHE D 253 8.29 -19.32 -18.85
C PHE D 253 9.34 -18.99 -19.90
N TRP D 254 9.24 -19.62 -21.07
CA TRP D 254 10.33 -19.57 -22.04
C TRP D 254 10.50 -18.18 -22.64
N GLU D 255 9.41 -17.46 -22.83
CA GLU D 255 9.48 -16.16 -23.50
C GLU D 255 9.68 -15.00 -22.54
N ASN D 256 9.11 -15.08 -21.34
CA ASN D 256 9.05 -13.91 -20.48
C ASN D 256 10.19 -13.83 -19.47
N ILE D 257 10.76 -14.96 -19.06
CA ILE D 257 11.87 -14.94 -18.11
C ILE D 257 13.12 -14.35 -18.75
N PRO D 258 13.52 -14.75 -19.97
CA PRO D 258 14.70 -14.10 -20.58
C PRO D 258 14.55 -12.61 -20.79
N ARG D 259 13.32 -12.07 -20.74
CA ARG D 259 13.13 -10.64 -20.91
C ARG D 259 13.78 -9.82 -19.80
N VAL D 260 13.98 -10.43 -18.62
CA VAL D 260 14.59 -9.75 -17.49
C VAL D 260 15.99 -10.28 -17.20
N LEU D 261 16.53 -11.14 -18.08
CA LEU D 261 17.87 -11.68 -17.87
C LEU D 261 18.90 -10.85 -18.61
N PRO D 262 19.99 -10.45 -17.94
CA PRO D 262 21.09 -9.80 -18.68
C PRO D 262 21.86 -10.82 -19.49
N ASP D 263 22.90 -10.36 -20.20
CA ASP D 263 23.68 -11.27 -21.02
C ASP D 263 24.49 -12.24 -20.14
N ASN D 264 24.65 -13.47 -20.65
CA ASN D 264 25.48 -14.49 -20.02
C ASN D 264 24.94 -14.89 -18.65
N THR D 265 23.61 -14.97 -18.53
CA THR D 265 22.96 -15.49 -17.33
C THR D 265 21.92 -16.52 -17.72
N GLN D 266 21.67 -17.46 -16.81
CA GLN D 266 20.72 -18.54 -17.04
C GLN D 266 19.81 -18.68 -15.84
N ALA D 267 18.51 -18.81 -16.08
CA ALA D 267 17.54 -19.04 -15.03
C ALA D 267 17.29 -20.54 -14.89
N VAL D 268 17.42 -21.05 -13.67
CA VAL D 268 17.24 -22.46 -13.38
C VAL D 268 16.04 -22.59 -12.45
N ILE D 269 14.94 -23.16 -12.98
CA ILE D 269 13.71 -23.31 -12.22
C ILE D 269 13.70 -24.67 -11.55
N ASP D 270 13.38 -24.69 -10.25
CA ASP D 270 13.23 -25.94 -9.50
C ASP D 270 11.79 -26.40 -9.65
N GLU D 271 11.58 -27.40 -10.52
CA GLU D 271 10.23 -27.90 -10.76
C GLU D 271 9.62 -28.51 -9.51
N SER D 272 10.45 -29.01 -8.59
CA SER D 272 9.95 -29.60 -7.36
C SER D 272 9.52 -28.56 -6.34
N SER D 273 9.78 -27.28 -6.58
CA SER D 273 9.49 -26.25 -5.59
C SER D 273 7.99 -26.01 -5.42
N TRP D 274 7.17 -26.45 -6.37
CA TRP D 274 5.73 -26.25 -6.24
C TRP D 274 5.01 -27.30 -7.08
N GLN D 275 3.72 -27.47 -6.80
CA GLN D 275 2.85 -28.37 -7.53
C GLN D 275 1.90 -27.56 -8.40
N TRP D 276 1.68 -28.03 -9.62
CA TRP D 276 0.74 -27.35 -10.50
C TRP D 276 -0.64 -27.30 -9.88
N PRO D 277 -1.35 -26.18 -9.98
CA PRO D 277 -2.78 -26.18 -9.66
C PRO D 277 -3.51 -27.22 -10.50
N GLU D 278 -4.57 -27.79 -9.92
CA GLU D 278 -5.22 -28.94 -10.53
C GLU D 278 -5.72 -28.64 -11.94
N VAL D 279 -6.11 -27.39 -12.20
CA VAL D 279 -6.63 -27.03 -13.53
C VAL D 279 -5.57 -27.28 -14.60
N PHE D 280 -4.29 -27.14 -14.26
CA PHE D 280 -3.25 -27.36 -15.24
C PHE D 280 -2.93 -28.85 -15.42
N ASN D 281 -3.12 -29.65 -14.37
CA ASN D 281 -3.02 -31.10 -14.54
C ASN D 281 -4.13 -31.61 -15.45
N TRP D 282 -5.34 -31.06 -15.31
CA TRP D 282 -6.43 -31.48 -16.18
C TRP D 282 -6.16 -31.12 -17.64
N LEU D 283 -5.64 -29.91 -17.87
CA LEU D 283 -5.35 -29.49 -19.24
C LEU D 283 -4.28 -30.37 -19.87
N GLN D 284 -3.24 -30.71 -19.09
CA GLN D 284 -2.16 -31.53 -19.64
C GLN D 284 -2.63 -32.95 -19.94
N THR D 285 -3.42 -33.55 -19.04
CA THR D 285 -3.86 -34.92 -19.25
C THR D 285 -4.88 -35.00 -20.38
N ALA D 286 -5.84 -34.08 -20.42
CA ALA D 286 -6.87 -34.11 -21.46
C ALA D 286 -6.31 -33.75 -22.83
N GLY D 287 -5.18 -33.04 -22.89
CA GLY D 287 -4.62 -32.63 -24.16
C GLY D 287 -3.36 -33.39 -24.52
N ASN D 288 -2.88 -34.24 -23.60
CA ASN D 288 -1.63 -34.97 -23.79
C ASN D 288 -0.47 -34.02 -24.08
N VAL D 289 -0.49 -32.86 -23.42
CA VAL D 289 0.45 -31.79 -23.72
C VAL D 289 1.81 -32.13 -23.13
N GLU D 290 2.86 -31.96 -23.92
CA GLU D 290 4.20 -32.33 -23.50
C GLU D 290 4.77 -31.27 -22.56
N HIS D 291 5.98 -31.54 -22.05
CA HIS D 291 6.55 -30.73 -20.98
C HIS D 291 6.83 -29.30 -21.45
N HIS D 292 7.54 -29.16 -22.57
CA HIS D 292 7.92 -27.83 -23.02
C HIS D 292 6.71 -26.99 -23.41
N GLU D 293 5.69 -27.62 -24.00
CA GLU D 293 4.50 -26.88 -24.42
C GLU D 293 3.71 -26.39 -23.22
N MET D 294 3.66 -27.18 -22.15
CA MET D 294 2.95 -26.76 -20.94
C MET D 294 3.51 -25.44 -20.41
N TYR D 295 4.84 -25.33 -20.33
CA TYR D 295 5.46 -24.13 -19.79
C TYR D 295 5.55 -23.00 -20.80
N ARG D 296 5.23 -23.25 -22.06
CA ARG D 296 5.17 -22.19 -23.07
C ARG D 296 3.77 -21.60 -23.19
N THR D 297 2.75 -22.47 -23.21
CA THR D 297 1.38 -22.00 -23.41
C THR D 297 0.73 -21.54 -22.11
N PHE D 298 1.04 -22.20 -20.99
CA PHE D 298 0.41 -21.92 -19.72
C PHE D 298 1.43 -21.45 -18.70
N ASN D 299 0.97 -20.63 -17.75
CA ASN D 299 1.83 -20.19 -16.66
C ASN D 299 2.02 -21.27 -15.59
N CYS D 300 1.21 -22.33 -15.62
CA CYS D 300 1.39 -23.52 -14.78
C CYS D 300 1.38 -23.20 -13.29
N GLY D 301 0.70 -22.12 -12.91
CA GLY D 301 0.54 -21.77 -11.51
C GLY D 301 1.41 -20.61 -11.05
N VAL D 302 2.33 -20.14 -11.88
CA VAL D 302 3.22 -19.04 -11.53
C VAL D 302 2.77 -17.82 -12.31
N GLY D 303 2.28 -16.80 -11.58
CA GLY D 303 1.82 -15.58 -12.21
C GLY D 303 2.95 -14.60 -12.49
N MET D 304 3.93 -14.54 -11.59
CA MET D 304 5.01 -13.58 -11.71
C MET D 304 6.24 -14.12 -11.00
N ILE D 305 7.41 -13.81 -11.55
CA ILE D 305 8.70 -14.26 -11.02
C ILE D 305 9.53 -13.04 -10.68
N ILE D 306 10.15 -13.05 -9.51
CA ILE D 306 10.90 -11.90 -8.99
C ILE D 306 12.35 -12.33 -8.79
N ALA D 307 13.27 -11.51 -9.29
CA ALA D 307 14.71 -11.73 -9.11
C ALA D 307 15.25 -10.71 -8.12
N LEU D 308 15.97 -11.19 -7.12
CA LEU D 308 16.41 -10.35 -6.01
C LEU D 308 17.61 -11.03 -5.35
N PRO D 309 18.41 -10.26 -4.59
CA PRO D 309 19.56 -10.87 -3.90
C PRO D 309 19.12 -11.94 -2.91
N ALA D 310 19.98 -12.93 -2.72
CA ALA D 310 19.67 -14.03 -1.80
C ALA D 310 19.44 -13.57 -0.36
N PRO D 311 20.21 -12.65 0.23
CA PRO D 311 19.91 -12.22 1.60
C PRO D 311 18.56 -11.52 1.75
N GLU D 312 17.92 -11.13 0.65
CA GLU D 312 16.60 -10.50 0.71
C GLU D 312 15.45 -11.49 0.64
N VAL D 313 15.75 -12.78 0.40
CA VAL D 313 14.69 -13.75 0.13
C VAL D 313 13.79 -13.93 1.35
N ASP D 314 14.39 -14.06 2.53
CA ASP D 314 13.61 -14.31 3.74
C ASP D 314 12.65 -13.16 4.03
N LYS D 315 13.13 -11.91 3.86
CA LYS D 315 12.25 -10.77 4.06
C LYS D 315 11.15 -10.73 3.01
N ALA D 316 11.47 -11.10 1.76
CA ALA D 316 10.50 -10.99 0.68
C ALA D 316 9.41 -12.06 0.82
N LEU D 317 9.80 -13.31 1.07
CA LEU D 317 8.82 -14.38 1.20
C LEU D 317 7.88 -14.13 2.38
N ALA D 318 8.42 -13.66 3.50
CA ALA D 318 7.60 -13.39 4.67
C ALA D 318 6.59 -12.29 4.37
N LEU D 319 7.03 -11.22 3.73
CA LEU D 319 6.14 -10.11 3.37
C LEU D 319 5.03 -10.59 2.43
N LEU D 320 5.40 -11.29 1.36
CA LEU D 320 4.43 -11.67 0.35
C LEU D 320 3.41 -12.66 0.89
N ASN D 321 3.85 -13.64 1.67
CA ASN D 321 2.94 -14.68 2.15
C ASN D 321 1.99 -14.16 3.22
N ALA D 322 2.42 -13.17 4.00
CA ALA D 322 1.57 -12.61 5.04
C ALA D 322 0.60 -11.56 4.50
N ASN D 323 0.67 -11.21 3.22
CA ASN D 323 -0.17 -10.17 2.65
C ASN D 323 -0.89 -10.66 1.41
N GLY D 324 -1.42 -11.88 1.48
CA GLY D 324 -2.33 -12.37 0.45
C GLY D 324 -1.68 -12.84 -0.83
N GLU D 325 -0.51 -13.46 -0.75
CA GLU D 325 0.16 -14.01 -1.92
C GLU D 325 0.70 -15.39 -1.62
N ASN D 326 0.66 -16.26 -2.63
CA ASN D 326 1.32 -17.56 -2.57
C ASN D 326 2.70 -17.38 -3.19
N ALA D 327 3.71 -17.23 -2.34
CA ALA D 327 5.07 -16.95 -2.78
C ALA D 327 6.01 -18.04 -2.27
N TRP D 328 6.92 -18.46 -3.13
CA TRP D 328 7.90 -19.48 -2.77
C TRP D 328 9.16 -19.29 -3.60
N LYS D 329 10.27 -19.79 -3.07
CA LYS D 329 11.53 -19.80 -3.81
C LYS D 329 11.44 -20.81 -4.95
N ILE D 330 11.50 -20.32 -6.19
CA ILE D 330 11.29 -21.18 -7.35
C ILE D 330 12.59 -21.52 -8.08
N GLY D 331 13.62 -20.70 -7.97
CA GLY D 331 14.86 -20.99 -8.65
C GLY D 331 15.93 -19.97 -8.36
N ILE D 332 16.98 -20.00 -9.18
CA ILE D 332 18.13 -19.10 -9.05
C ILE D 332 18.57 -18.66 -10.43
N ILE D 333 19.49 -17.71 -10.46
CA ILE D 333 20.14 -17.24 -11.68
C ILE D 333 21.63 -17.45 -11.52
N LYS D 334 22.27 -18.04 -12.53
CA LYS D 334 23.70 -18.30 -12.49
C LYS D 334 24.35 -17.83 -13.78
N ALA D 335 25.66 -17.63 -13.73
CA ALA D 335 26.41 -17.20 -14.89
C ALA D 335 26.56 -18.34 -15.89
N SER D 336 26.23 -18.06 -17.15
CA SER D 336 26.27 -19.07 -18.19
C SER D 336 26.14 -18.45 -19.58
N ASP D 337 27.06 -18.80 -20.49
CA ASP D 337 26.97 -18.38 -21.88
C ASP D 337 26.08 -19.31 -22.71
N SER D 338 25.29 -20.16 -22.06
CA SER D 338 24.40 -21.06 -22.76
C SER D 338 23.31 -20.28 -23.51
N GLU D 339 22.89 -20.84 -24.64
CA GLU D 339 21.81 -20.24 -25.42
C GLU D 339 20.43 -20.64 -24.92
N GLN D 340 20.36 -21.62 -24.00
CA GLN D 340 19.09 -22.00 -23.36
C GLN D 340 18.99 -21.19 -22.08
N ARG D 341 18.31 -20.04 -22.17
CA ARG D 341 18.32 -19.08 -21.07
C ARG D 341 17.52 -19.55 -19.87
N VAL D 342 16.61 -20.51 -20.04
CA VAL D 342 15.80 -21.01 -18.95
C VAL D 342 15.91 -22.53 -18.91
N VAL D 343 16.14 -23.09 -17.73
CA VAL D 343 16.20 -24.53 -17.52
C VAL D 343 15.17 -24.88 -16.45
N ILE D 344 14.23 -25.75 -16.81
CA ILE D 344 13.22 -26.25 -15.89
C ILE D 344 13.52 -27.71 -15.63
N GLU D 345 13.91 -28.04 -14.40
CA GLU D 345 14.33 -29.39 -14.06
C GLU D 345 13.72 -29.87 -12.76
S SO4 E . 18.40 -10.50 38.54
O1 SO4 E . 19.68 -10.18 37.84
O2 SO4 E . 17.93 -9.31 39.32
O3 SO4 E . 17.36 -10.86 37.52
O4 SO4 E . 18.60 -11.66 39.47
S SO4 F . 27.67 3.75 51.30
O1 SO4 F . 26.56 3.37 52.24
O2 SO4 F . 28.83 2.82 51.50
O3 SO4 F . 27.18 3.66 49.89
O4 SO4 F . 28.11 5.15 51.59
P AMP G . -7.72 2.96 26.99
O1P AMP G . -7.73 2.15 28.26
O2P AMP G . -8.99 3.74 26.73
O3P AMP G . -7.18 2.22 25.78
O5' AMP G . -6.64 4.10 27.27
C5' AMP G . -6.99 5.28 27.96
C4' AMP G . -5.84 6.27 27.99
O4' AMP G . -5.10 6.12 29.23
C3' AMP G . -4.82 6.13 26.86
O3' AMP G . -4.33 7.41 26.50
C2' AMP G . -3.70 5.32 27.53
O2' AMP G . -2.43 5.49 26.93
C1' AMP G . -3.75 5.85 28.96
N9 AMP G . -3.27 4.89 29.96
C8 AMP G . -3.84 3.69 30.20
N7 AMP G . -3.18 3.03 31.19
C5 AMP G . -2.16 3.81 31.58
C6 AMP G . -1.07 3.72 32.59
N6 AMP G . -0.94 2.63 33.38
N1 AMP G . -0.22 4.76 32.68
C2 AMP G . -0.34 5.85 31.90
N3 AMP G . -1.30 6.01 30.97
C4 AMP G . -2.23 5.03 30.77
S SO4 H . -11.30 -8.86 28.35
O1 SO4 H . -11.31 -9.52 27.00
O2 SO4 H . -9.89 -8.63 28.78
O3 SO4 H . -12.03 -7.55 28.26
O4 SO4 H . -11.98 -9.74 29.34
S SO4 I . -29.86 0.63 24.16
O1 SO4 I . -29.85 0.93 22.69
O2 SO4 I . -31.19 1.02 24.74
O3 SO4 I . -29.64 -0.83 24.36
O4 SO4 I . -28.78 1.41 24.85
S SO4 J . -20.88 -16.45 10.62
O1 SO4 J . -21.01 -17.91 10.92
O2 SO4 J . -21.89 -15.68 11.42
O3 SO4 J . -19.50 -15.99 11.00
O4 SO4 J . -21.11 -16.21 9.17
P AMP K . 17.92 -10.57 26.30
O1P AMP K . 19.36 -10.11 26.40
O2P AMP K . 16.92 -9.63 26.95
O3P AMP K . 17.70 -12.03 26.60
O5' AMP K . 17.60 -10.44 24.75
C5' AMP K . 18.47 -10.98 23.76
C4' AMP K . 17.94 -10.74 22.36
O4' AMP K . 16.69 -11.44 22.20
C3' AMP K . 17.67 -9.28 22.00
O3' AMP K . 17.93 -9.07 20.62
C2' AMP K . 16.18 -9.14 22.27
O2' AMP K . 15.54 -8.11 21.55
C1' AMP K . 15.66 -10.52 21.86
N9 AMP K . 14.44 -10.93 22.56
C8 AMP K . 14.38 -11.42 23.81
N7 AMP K . 13.11 -11.71 24.17
C5 AMP K . 12.32 -11.40 23.14
C6 AMP K . 10.86 -11.45 22.84
N6 AMP K . 9.98 -11.91 23.77
N1 AMP K . 10.45 -11.04 21.62
C2 AMP K . 11.32 -10.58 20.71
N3 AMP K . 12.64 -10.50 20.90
C4 AMP K . 13.20 -10.89 22.07
S SO4 L . -19.05 6.13 -39.23
O1 SO4 L . -19.41 7.26 -38.32
O2 SO4 L . -17.71 6.38 -39.85
O3 SO4 L . -19.01 4.85 -38.45
O4 SO4 L . -20.09 6.01 -40.31
S SO4 M . -31.24 22.47 -41.04
O1 SO4 M . -32.55 22.75 -41.70
O2 SO4 M . -31.46 21.66 -39.80
O3 SO4 M . -30.36 21.71 -41.98
O4 SO4 M . -30.58 23.77 -40.68
P AMP N . 3.36 -7.99 -25.42
O1P AMP N . 3.67 -8.92 -24.26
O2P AMP N . 2.32 -6.96 -25.12
O3P AMP N . 3.19 -8.68 -26.75
O5' AMP N . 4.69 -7.12 -25.59
C5' AMP N . 5.48 -7.20 -26.76
C4' AMP N . 6.17 -5.88 -27.04
O4' AMP N . 5.86 -5.46 -28.39
C3' AMP N . 5.78 -4.73 -26.12
O3' AMP N . 6.90 -3.86 -25.93
C2' AMP N . 4.71 -4.02 -26.94
O2' AMP N . 4.55 -2.65 -26.62
C1' AMP N . 5.21 -4.20 -28.37
N9 AMP N . 4.15 -4.25 -29.37
C8 AMP N . 3.37 -5.34 -29.60
N7 AMP N . 2.46 -5.10 -30.58
C5 AMP N . 2.65 -3.84 -31.01
C6 AMP N . 2.02 -2.95 -32.02
N6 AMP N . 1.00 -3.41 -32.79
N1 AMP N . 2.51 -1.70 -32.14
C2 AMP N . 3.52 -1.26 -31.38
N3 AMP N . 4.14 -1.99 -30.44
C4 AMP N . 3.76 -3.27 -30.21
S SO4 O . -4.64 -16.91 -26.30
O1 SO4 O . -5.05 -16.94 -24.86
O2 SO4 O . -5.20 -15.70 -26.97
O3 SO4 O . -3.14 -16.89 -26.39
O4 SO4 O . -5.15 -18.15 -26.98
S SO4 P . 12.04 -28.99 -21.42
O1 SO4 P . 12.74 -30.21 -21.94
O2 SO4 P . 10.56 -29.20 -21.54
O3 SO4 P . 12.41 -28.77 -19.99
O4 SO4 P . 12.45 -27.80 -22.24
S SO4 Q . -6.19 -26.05 -6.85
O1 SO4 Q . -4.97 -26.91 -6.72
O2 SO4 Q . -5.81 -24.61 -6.63
O3 SO4 Q . -6.75 -26.21 -8.24
O4 SO4 Q . -7.21 -26.47 -5.84
#